data_9MS4
#
_entry.id   9MS4
#
_cell.length_a   201.205
_cell.length_b   47.884
_cell.length_c   201.435
_cell.angle_alpha   90.00
_cell.angle_beta   90.17
_cell.angle_gamma   90.00
#
_symmetry.space_group_name_H-M   'C 1 2 1'
#
loop_
_entity.id
_entity.type
_entity.pdbx_description
1 polymer 'Expansin (Peptidoglycan-binding protein)'
2 non-polymer 1,2-ETHANEDIOL
3 non-polymer '2-hydroxy-3,5-dinitrobenzoic acid'
4 water water
#
_entity_poly.entity_id   1
_entity_poly.type   'polypeptide(L)'
_entity_poly.pdbx_seq_one_letter_code
;SAAWNDVCSGTATYTSSGYSGGALLLDPIDPNATITALNPKQLNYGGIQAALAGAYLQVQGPRGMVTVYVTDLYPEGADC
GLDLSPNAFAAIGDTSAGRIPIRWQVVAAPVTGNVVYRIKEGSSQYWAAIQVRNHRYPVVKFEYKKNGDWVSLPKTAYNH
FVGEQMGAQLLEIRLTDIRGQVVTDTLGALPSQGDKGVYFADGHVQFPR
;
_entity_poly.pdbx_strand_id   A,B,C,D,E,F,G,H
#
loop_
_chem_comp.id
_chem_comp.type
_chem_comp.name
_chem_comp.formula
A1BNY non-polymer '2-hydroxy-3,5-dinitrobenzoic acid' 'C7 H4 N2 O7'
EDO non-polymer 1,2-ETHANEDIOL 'C2 H6 O2'
#
# COMPACT_ATOMS: atom_id res chain seq x y z
N SER A 1 -44.68 13.81 1.41
CA SER A 1 -44.59 15.09 0.71
C SER A 1 -43.15 15.61 0.69
N ALA A 2 -42.17 14.70 0.83
CA ALA A 2 -40.73 15.01 0.85
C ALA A 2 -40.08 14.73 -0.52
N ALA A 3 -38.75 14.77 -0.56
CA ALA A 3 -38.07 14.52 -1.83
C ALA A 3 -38.09 13.04 -2.19
N TRP A 4 -37.83 12.15 -1.22
CA TRP A 4 -37.69 10.73 -1.51
C TRP A 4 -38.99 10.09 -2.00
N ASN A 5 -40.14 10.53 -1.49
CA ASN A 5 -41.44 9.99 -1.86
C ASN A 5 -42.24 10.94 -2.76
N ASP A 6 -41.56 11.76 -3.54
CA ASP A 6 -42.26 12.59 -4.50
C ASP A 6 -42.85 11.72 -5.60
N VAL A 7 -44.01 12.13 -6.12
CA VAL A 7 -44.73 11.34 -7.13
C VAL A 7 -44.20 11.65 -8.51
N CYS A 8 -43.86 10.60 -9.25
CA CYS A 8 -43.34 10.72 -10.61
C CYS A 8 -44.48 10.50 -11.59
N SER A 9 -44.53 11.29 -12.66
CA SER A 9 -45.47 11.08 -13.77
C SER A 9 -44.67 10.78 -15.02
N GLY A 10 -44.98 9.67 -15.67
CA GLY A 10 -44.23 9.30 -16.86
C GLY A 10 -44.99 8.24 -17.63
N THR A 11 -44.27 7.51 -18.48
CA THR A 11 -44.89 6.44 -19.23
C THR A 11 -44.16 5.12 -18.96
N ALA A 12 -44.91 4.03 -19.05
CA ALA A 12 -44.36 2.69 -18.88
C ALA A 12 -44.44 1.92 -20.18
N THR A 13 -43.45 1.09 -20.42
CA THR A 13 -43.53 0.05 -21.43
C THR A 13 -43.48 -1.30 -20.71
N TYR A 14 -43.53 -2.39 -21.47
CA TYR A 14 -43.39 -3.71 -20.88
C TYR A 14 -42.23 -4.45 -21.56
N THR A 15 -41.66 -5.39 -20.81
CA THR A 15 -40.49 -6.15 -21.25
C THR A 15 -40.41 -7.39 -20.39
N SER A 16 -39.91 -8.48 -20.99
CA SER A 16 -39.72 -9.73 -20.27
C SER A 16 -38.30 -9.87 -19.72
N SER A 17 -37.41 -8.92 -19.98
CA SER A 17 -36.10 -8.92 -19.35
C SER A 17 -36.25 -8.56 -17.88
N GLY A 18 -35.18 -8.79 -17.11
CA GLY A 18 -35.15 -8.39 -15.71
C GLY A 18 -35.45 -9.49 -14.72
N TYR A 19 -36.00 -10.63 -15.16
CA TYR A 19 -36.14 -11.75 -14.23
C TYR A 19 -34.84 -12.48 -14.03
N SER A 20 -33.95 -12.40 -15.00
CA SER A 20 -32.65 -13.03 -14.94
C SER A 20 -31.63 -12.03 -15.48
N GLY A 21 -30.46 -11.99 -14.85
CA GLY A 21 -29.35 -11.21 -15.36
C GLY A 21 -29.53 -9.70 -15.33
N GLY A 22 -30.43 -9.18 -14.51
CA GLY A 22 -30.57 -7.75 -14.40
C GLY A 22 -29.28 -7.07 -13.96
N ALA A 23 -29.16 -5.80 -14.31
CA ALA A 23 -27.93 -5.08 -13.99
C ALA A 23 -27.71 -4.96 -12.49
N LEU A 24 -28.77 -5.08 -11.69
CA LEU A 24 -28.70 -4.78 -10.27
C LEU A 24 -28.32 -6.00 -9.42
N LEU A 25 -28.03 -7.14 -10.05
CA LEU A 25 -27.57 -8.34 -9.34
C LEU A 25 -28.47 -8.66 -8.16
N LEU A 26 -29.78 -8.77 -8.42
CA LEU A 26 -30.75 -9.10 -7.40
C LEU A 26 -31.37 -10.48 -7.61
N ASP A 27 -30.84 -11.25 -8.55
CA ASP A 27 -31.24 -12.64 -8.70
C ASP A 27 -31.03 -13.38 -7.39
N PRO A 28 -31.92 -14.33 -7.05
CA PRO A 28 -33.03 -14.84 -7.86
C PRO A 28 -34.32 -14.04 -7.69
N ILE A 29 -35.05 -13.85 -8.78
CA ILE A 29 -36.35 -13.20 -8.78
C ILE A 29 -37.43 -14.26 -8.88
N ASP A 30 -38.43 -14.18 -8.02
CA ASP A 30 -39.60 -15.06 -8.13
C ASP A 30 -40.22 -14.88 -9.50
N PRO A 31 -40.32 -15.92 -10.32
CA PRO A 31 -40.87 -15.75 -11.67
C PRO A 31 -42.29 -15.21 -11.69
N ASN A 32 -43.02 -15.27 -10.56
CA ASN A 32 -44.34 -14.69 -10.48
C ASN A 32 -44.34 -13.25 -9.98
N ALA A 33 -43.19 -12.71 -9.58
CA ALA A 33 -43.16 -11.36 -9.06
C ALA A 33 -43.44 -10.34 -10.16
N THR A 34 -43.87 -9.16 -9.74
CA THR A 34 -44.11 -8.03 -10.62
C THR A 34 -42.94 -7.08 -10.44
N ILE A 35 -42.23 -6.79 -11.52
CA ILE A 35 -40.94 -6.13 -11.45
C ILE A 35 -40.91 -5.01 -12.47
N THR A 36 -39.77 -4.33 -12.54
CA THR A 36 -39.63 -3.20 -13.45
C THR A 36 -38.15 -2.85 -13.59
N ALA A 37 -37.82 -2.28 -14.75
CA ALA A 37 -36.56 -1.58 -14.96
C ALA A 37 -36.81 -0.09 -14.74
N LEU A 38 -35.81 0.61 -14.24
CA LEU A 38 -35.96 1.98 -13.80
C LEU A 38 -35.04 2.87 -14.63
N ASN A 39 -35.58 4.01 -15.09
CA ASN A 39 -34.79 4.92 -15.91
C ASN A 39 -33.62 5.48 -15.11
N PRO A 40 -32.53 5.88 -15.79
CA PRO A 40 -31.35 6.37 -15.05
C PRO A 40 -31.63 7.51 -14.09
N LYS A 41 -32.50 8.44 -14.48
CA LYS A 41 -32.63 9.68 -13.72
C LYS A 41 -33.13 9.41 -12.30
N GLN A 42 -34.09 8.48 -12.15
CA GLN A 42 -34.60 8.11 -10.83
C GLN A 42 -33.79 7.00 -10.16
N LEU A 43 -33.38 5.98 -10.91
CA LEU A 43 -32.54 4.94 -10.34
C LEU A 43 -31.31 5.52 -9.66
N ASN A 44 -30.70 6.54 -10.27
CA ASN A 44 -29.48 7.14 -9.70
C ASN A 44 -29.81 8.42 -8.95
N TYR A 45 -30.84 8.37 -8.12
CA TYR A 45 -31.28 9.47 -7.26
C TYR A 45 -30.09 10.18 -6.63
N GLY A 46 -30.06 11.51 -6.78
CA GLY A 46 -29.01 12.32 -6.19
C GLY A 46 -27.62 12.06 -6.72
N GLY A 47 -27.49 11.42 -7.90
CA GLY A 47 -26.22 11.01 -8.43
C GLY A 47 -25.63 9.75 -7.80
N ILE A 48 -26.34 9.15 -6.84
CA ILE A 48 -25.93 7.90 -6.22
C ILE A 48 -26.33 6.77 -7.16
N GLN A 49 -25.33 6.15 -7.80
CA GLN A 49 -25.60 5.03 -8.69
C GLN A 49 -26.44 3.97 -7.98
N ALA A 50 -27.49 3.51 -8.65
CA ALA A 50 -28.33 2.42 -8.16
C ALA A 50 -28.98 2.75 -6.81
N ALA A 51 -29.23 4.02 -6.54
CA ALA A 51 -29.83 4.42 -5.26
C ALA A 51 -31.16 3.73 -5.02
N LEU A 52 -31.97 3.57 -6.06
CA LEU A 52 -33.28 2.97 -5.91
C LEU A 52 -33.31 1.49 -6.30
N ALA A 53 -32.14 0.88 -6.47
CA ALA A 53 -32.05 -0.57 -6.72
C ALA A 53 -32.71 -1.34 -5.60
N GLY A 54 -33.61 -2.25 -5.98
CA GLY A 54 -34.30 -3.07 -5.00
C GLY A 54 -35.43 -2.35 -4.30
N ALA A 55 -35.66 -1.07 -4.61
CA ALA A 55 -36.83 -0.39 -4.09
C ALA A 55 -38.12 -1.13 -4.51
N TYR A 56 -39.19 -0.81 -3.80
CA TYR A 56 -40.52 -1.15 -4.25
C TYR A 56 -41.25 0.14 -4.61
N LEU A 57 -41.81 0.16 -5.83
CA LEU A 57 -42.55 1.31 -6.32
C LEU A 57 -44.00 0.92 -6.43
N GLN A 58 -44.89 1.78 -5.95
CA GLN A 58 -46.32 1.62 -6.22
C GLN A 58 -46.64 2.37 -7.51
N VAL A 59 -47.19 1.66 -8.50
CA VAL A 59 -47.42 2.23 -9.83
C VAL A 59 -48.90 2.23 -10.12
N GLN A 60 -49.42 3.39 -10.51
CA GLN A 60 -50.79 3.57 -10.95
C GLN A 60 -50.80 3.85 -12.45
N GLY A 61 -51.56 3.05 -13.21
CA GLY A 61 -51.77 3.29 -14.62
C GLY A 61 -53.21 3.67 -14.91
N PRO A 62 -53.61 3.57 -16.18
CA PRO A 62 -54.99 3.95 -16.53
C PRO A 62 -56.07 3.14 -15.84
N ARG A 63 -55.82 1.86 -15.49
CA ARG A 63 -56.94 1.05 -15.01
C ARG A 63 -56.64 0.20 -13.79
N GLY A 64 -55.56 0.45 -13.06
CA GLY A 64 -55.26 -0.31 -11.87
C GLY A 64 -54.00 0.17 -11.21
N MET A 65 -53.62 -0.53 -10.13
CA MET A 65 -52.44 -0.19 -9.37
C MET A 65 -51.70 -1.48 -9.01
N VAL A 66 -50.37 -1.43 -9.06
CA VAL A 66 -49.53 -2.58 -8.79
C VAL A 66 -48.27 -2.10 -8.07
N THR A 67 -47.67 -3.00 -7.29
CA THR A 67 -46.40 -2.76 -6.64
C THR A 67 -45.32 -3.59 -7.34
N VAL A 68 -44.21 -2.94 -7.70
CA VAL A 68 -43.14 -3.57 -8.49
C VAL A 68 -41.80 -3.41 -7.77
N TYR A 69 -40.89 -4.33 -8.07
CA TYR A 69 -39.55 -4.40 -7.47
C TYR A 69 -38.52 -4.07 -8.52
N VAL A 70 -37.71 -3.03 -8.26
CA VAL A 70 -36.76 -2.52 -9.24
C VAL A 70 -35.58 -3.49 -9.34
N THR A 71 -35.46 -4.19 -10.48
CA THR A 71 -34.37 -5.14 -10.65
C THR A 71 -33.39 -4.78 -11.75
N ASP A 72 -33.76 -3.95 -12.69
CA ASP A 72 -32.87 -3.66 -13.80
C ASP A 72 -32.74 -2.16 -13.95
N LEU A 73 -31.75 -1.77 -14.75
CA LEU A 73 -31.70 -0.43 -15.31
C LEU A 73 -32.42 -0.43 -16.65
N TYR A 74 -33.20 0.64 -16.88
CA TYR A 74 -33.91 0.95 -18.13
C TYR A 74 -33.12 2.03 -18.87
N PRO A 75 -32.17 1.66 -19.74
CA PRO A 75 -31.12 2.64 -20.11
C PRO A 75 -31.66 3.82 -20.89
N GLU A 76 -32.61 3.61 -21.79
CA GLU A 76 -33.13 4.66 -22.65
C GLU A 76 -34.43 5.26 -22.13
N GLY A 77 -34.87 4.85 -20.95
CA GLY A 77 -36.11 5.41 -20.41
C GLY A 77 -35.97 6.89 -20.13
N ALA A 78 -37.02 7.64 -20.47
CA ALA A 78 -37.13 9.06 -20.14
C ALA A 78 -37.38 9.26 -18.65
N ASP A 79 -37.45 10.53 -18.26
CA ASP A 79 -37.81 10.93 -16.91
C ASP A 79 -39.07 10.18 -16.43
N CYS A 80 -38.98 9.60 -15.23
CA CYS A 80 -40.04 8.86 -14.57
C CYS A 80 -40.50 7.61 -15.32
N GLY A 81 -39.76 7.18 -16.35
CA GLY A 81 -40.20 6.04 -17.13
C GLY A 81 -39.86 4.72 -16.46
N LEU A 82 -40.77 3.75 -16.63
CA LEU A 82 -40.58 2.38 -16.18
C LEU A 82 -40.60 1.43 -17.37
N ASP A 83 -39.86 0.33 -17.25
CA ASP A 83 -39.99 -0.81 -18.17
C ASP A 83 -40.55 -2.01 -17.38
N LEU A 84 -41.87 -2.10 -17.33
CA LEU A 84 -42.54 -3.05 -16.45
C LEU A 84 -42.48 -4.48 -16.96
N SER A 85 -42.50 -5.43 -16.03
CA SER A 85 -42.74 -6.80 -16.41
C SER A 85 -44.17 -6.95 -16.92
N PRO A 86 -44.42 -7.93 -17.78
CA PRO A 86 -45.73 -8.00 -18.45
C PRO A 86 -46.90 -8.18 -17.49
N ASN A 87 -46.76 -8.97 -16.45
CA ASN A 87 -47.86 -9.14 -15.51
C ASN A 87 -48.19 -7.84 -14.79
N ALA A 88 -47.17 -7.05 -14.43
CA ALA A 88 -47.42 -5.76 -13.79
C ALA A 88 -48.08 -4.78 -14.74
N PHE A 89 -47.61 -4.76 -16.00
CA PHE A 89 -48.21 -3.91 -17.02
C PHE A 89 -49.68 -4.25 -17.22
N ALA A 90 -49.99 -5.55 -17.31
CA ALA A 90 -51.37 -5.99 -17.54
C ALA A 90 -52.27 -5.66 -16.36
N ALA A 91 -51.74 -5.70 -15.14
CA ALA A 91 -52.55 -5.41 -13.96
C ALA A 91 -52.99 -3.94 -13.87
N ILE A 92 -52.35 -3.04 -14.62
CA ILE A 92 -52.68 -1.63 -14.59
C ILE A 92 -53.04 -1.05 -15.94
N GLY A 93 -52.98 -1.84 -17.01
CA GLY A 93 -53.23 -1.29 -18.33
C GLY A 93 -53.44 -2.38 -19.35
N ASP A 94 -53.57 -1.96 -20.61
CA ASP A 94 -53.84 -2.86 -21.72
C ASP A 94 -52.57 -2.99 -22.56
N THR A 95 -52.11 -4.24 -22.74
CA THR A 95 -50.86 -4.47 -23.45
C THR A 95 -50.89 -3.92 -24.87
N SER A 96 -52.08 -3.84 -25.48
CA SER A 96 -52.22 -3.33 -26.83
C SER A 96 -52.24 -1.81 -26.90
N ALA A 97 -52.04 -1.12 -25.78
CA ALA A 97 -51.78 0.30 -25.84
C ALA A 97 -50.30 0.62 -25.95
N GLY A 98 -49.44 -0.41 -25.97
CA GLY A 98 -48.01 -0.25 -26.16
C GLY A 98 -47.30 0.54 -25.07
N ARG A 99 -47.83 1.71 -24.76
CA ARG A 99 -47.23 2.62 -23.79
C ARG A 99 -48.35 3.33 -23.05
N ILE A 100 -48.24 3.40 -21.73
CA ILE A 100 -49.34 3.86 -20.88
C ILE A 100 -48.89 4.98 -19.95
N PRO A 101 -49.77 5.88 -19.53
CA PRO A 101 -49.38 6.87 -18.53
C PRO A 101 -49.32 6.23 -17.16
N ILE A 102 -48.31 6.61 -16.38
CA ILE A 102 -48.16 6.06 -15.03
C ILE A 102 -47.83 7.18 -14.06
N ARG A 103 -48.15 6.95 -12.79
CA ARG A 103 -47.68 7.75 -11.67
C ARG A 103 -47.16 6.79 -10.61
N TRP A 104 -46.04 7.12 -9.99
CA TRP A 104 -45.52 6.18 -9.00
C TRP A 104 -44.71 6.88 -7.91
N GLN A 105 -44.47 6.13 -6.83
CA GLN A 105 -43.62 6.64 -5.77
C GLN A 105 -42.98 5.47 -5.06
N VAL A 106 -41.81 5.71 -4.45
CA VAL A 106 -41.22 4.73 -3.55
C VAL A 106 -42.19 4.47 -2.41
N VAL A 107 -42.29 3.20 -1.99
CA VAL A 107 -43.11 2.76 -0.86
C VAL A 107 -42.33 1.68 -0.10
N ALA A 108 -42.79 1.39 1.11
CA ALA A 108 -42.14 0.39 1.97
C ALA A 108 -42.24 -1.01 1.37
N ALA A 109 -41.13 -1.73 1.38
CA ALA A 109 -41.11 -3.06 0.81
C ALA A 109 -41.80 -4.07 1.73
N PRO A 110 -42.44 -5.11 1.15
CA PRO A 110 -43.04 -6.19 1.95
C PRO A 110 -41.98 -7.17 2.46
N VAL A 111 -41.06 -6.67 3.23
CA VAL A 111 -40.02 -7.53 3.75
C VAL A 111 -40.46 -8.11 5.08
N THR A 112 -40.05 -9.34 5.32
CA THR A 112 -40.03 -9.93 6.64
C THR A 112 -38.58 -10.22 6.99
N GLY A 113 -38.26 -10.13 8.26
CA GLY A 113 -36.90 -10.37 8.68
C GLY A 113 -35.99 -9.18 8.37
N ASN A 114 -34.70 -9.43 8.57
CA ASN A 114 -33.71 -8.37 8.52
C ASN A 114 -33.11 -8.24 7.12
N VAL A 115 -32.28 -7.21 6.94
CA VAL A 115 -31.58 -7.06 5.68
C VAL A 115 -30.59 -8.21 5.50
N VAL A 116 -30.17 -8.41 4.25
CA VAL A 116 -29.30 -9.51 3.86
C VAL A 116 -28.14 -8.93 3.07
N TYR A 117 -26.92 -9.33 3.42
CA TYR A 117 -25.71 -8.83 2.76
C TYR A 117 -25.21 -9.84 1.74
N ARG A 118 -24.85 -9.35 0.55
CA ARG A 118 -24.32 -10.18 -0.53
C ARG A 118 -22.91 -9.67 -0.81
N ILE A 119 -21.90 -10.49 -0.50
CA ILE A 119 -20.52 -10.13 -0.74
C ILE A 119 -20.16 -10.61 -2.15
N LYS A 120 -19.87 -9.67 -3.05
CA LYS A 120 -19.49 -10.04 -4.41
C LYS A 120 -18.23 -10.89 -4.42
N GLU A 121 -18.12 -11.75 -5.44
CA GLU A 121 -16.92 -12.55 -5.66
C GLU A 121 -15.69 -11.66 -5.85
N GLY A 122 -14.54 -12.17 -5.39
CA GLY A 122 -13.30 -11.42 -5.46
C GLY A 122 -13.15 -10.37 -4.37
N SER A 123 -14.14 -10.25 -3.47
CA SER A 123 -14.03 -9.31 -2.36
C SER A 123 -12.97 -9.78 -1.38
N SER A 124 -12.35 -8.82 -0.70
CA SER A 124 -11.26 -9.11 0.23
C SER A 124 -11.06 -7.91 1.14
N GLN A 125 -10.10 -8.08 2.07
CA GLN A 125 -9.65 -6.99 2.92
C GLN A 125 -9.02 -5.85 2.11
N TYR A 126 -8.68 -6.07 0.84
CA TYR A 126 -8.06 -5.04 0.00
C TYR A 126 -9.10 -4.33 -0.88
N TRP A 127 -10.01 -5.08 -1.49
CA TRP A 127 -11.10 -4.56 -2.33
C TRP A 127 -12.33 -5.43 -2.13
N ALA A 128 -13.47 -4.81 -1.86
CA ALA A 128 -14.69 -5.58 -1.66
C ALA A 128 -15.90 -4.80 -2.13
N ALA A 129 -16.94 -5.54 -2.48
CA ALA A 129 -18.20 -5.00 -2.98
C ALA A 129 -19.31 -5.68 -2.19
N ILE A 130 -20.06 -4.89 -1.43
CA ILE A 130 -21.07 -5.42 -0.52
C ILE A 130 -22.42 -4.89 -0.95
N GLN A 131 -23.34 -5.81 -1.26
CA GLN A 131 -24.70 -5.46 -1.61
C GLN A 131 -25.62 -5.69 -0.43
N VAL A 132 -26.58 -4.79 -0.26
CA VAL A 132 -27.64 -4.93 0.73
C VAL A 132 -28.92 -5.29 0.02
N ARG A 133 -29.53 -6.41 0.45
CA ARG A 133 -30.78 -6.95 -0.05
C ARG A 133 -31.83 -6.95 1.06
N ASN A 134 -33.10 -7.12 0.64
CA ASN A 134 -34.24 -7.28 1.55
C ASN A 134 -34.32 -6.13 2.54
N HIS A 135 -34.27 -4.90 2.01
CA HIS A 135 -34.36 -3.68 2.79
C HIS A 135 -35.74 -3.02 2.60
N ARG A 136 -36.33 -2.56 3.71
CA ARG A 136 -37.66 -1.99 3.65
C ARG A 136 -37.73 -0.73 2.77
N TYR A 137 -36.60 -0.05 2.59
CA TYR A 137 -36.55 1.18 1.82
C TYR A 137 -35.20 1.25 1.09
N PRO A 138 -35.10 2.06 0.04
CA PRO A 138 -33.82 2.14 -0.69
C PRO A 138 -32.67 2.58 0.23
N VAL A 139 -31.49 2.01 -0.02
CA VAL A 139 -30.29 2.25 0.80
C VAL A 139 -29.37 3.21 0.07
N VAL A 140 -29.13 4.39 0.67
CA VAL A 140 -28.38 5.46 0.01
C VAL A 140 -27.02 5.75 0.65
N LYS A 141 -26.67 5.09 1.76
CA LYS A 141 -25.36 5.31 2.35
C LYS A 141 -24.94 4.07 3.13
N PHE A 142 -23.67 3.70 2.96
CA PHE A 142 -23.07 2.53 3.57
C PHE A 142 -21.77 2.98 4.23
N GLU A 143 -21.67 2.78 5.55
CA GLU A 143 -20.53 3.23 6.32
C GLU A 143 -19.97 2.08 7.14
N TYR A 144 -18.66 2.06 7.35
CA TYR A 144 -18.06 1.07 8.24
C TYR A 144 -16.99 1.73 9.11
N LYS A 145 -16.70 1.09 10.25
CA LYS A 145 -15.77 1.64 11.22
C LYS A 145 -14.36 1.14 10.91
N LYS A 146 -13.41 2.08 10.88
CA LYS A 146 -11.98 1.83 10.69
C LYS A 146 -11.23 2.81 11.59
N ASN A 147 -10.29 2.30 12.38
CA ASN A 147 -9.49 3.10 13.32
C ASN A 147 -10.37 4.04 14.14
N GLY A 148 -11.56 3.56 14.52
CA GLY A 148 -12.43 4.33 15.38
C GLY A 148 -13.31 5.37 14.74
N ASP A 149 -13.32 5.51 13.41
CA ASP A 149 -14.13 6.54 12.77
C ASP A 149 -14.89 5.95 11.57
N TRP A 150 -16.04 6.54 11.26
CA TRP A 150 -16.87 6.01 10.18
C TRP A 150 -16.33 6.41 8.81
N VAL A 151 -16.43 5.49 7.84
CA VAL A 151 -15.93 5.66 6.49
C VAL A 151 -17.05 5.34 5.50
N SER A 152 -17.45 6.34 4.72
CA SER A 152 -18.55 6.21 3.79
C SER A 152 -18.10 5.58 2.47
N LEU A 153 -18.88 4.58 1.97
CA LEU A 153 -18.56 3.86 0.76
C LEU A 153 -19.48 4.27 -0.38
N PRO A 154 -18.95 4.38 -1.60
CA PRO A 154 -19.80 4.72 -2.75
C PRO A 154 -20.56 3.52 -3.28
N LYS A 155 -21.75 3.79 -3.80
CA LYS A 155 -22.59 2.75 -4.42
C LYS A 155 -22.34 2.69 -5.91
N THR A 156 -22.28 1.48 -6.46
CA THR A 156 -22.02 1.33 -7.87
C THR A 156 -23.30 1.08 -8.65
N ALA A 157 -23.19 1.15 -9.99
CA ALA A 157 -24.30 0.85 -10.87
C ALA A 157 -24.76 -0.60 -10.76
N TYR A 158 -23.92 -1.52 -10.29
CA TYR A 158 -24.34 -2.89 -10.04
C TYR A 158 -24.79 -3.11 -8.59
N ASN A 159 -25.17 -2.03 -7.90
CA ASN A 159 -25.97 -2.15 -6.68
C ASN A 159 -25.19 -2.87 -5.56
N HIS A 160 -23.88 -2.63 -5.50
CA HIS A 160 -23.04 -2.95 -4.35
C HIS A 160 -22.37 -1.65 -3.89
N PHE A 161 -21.98 -1.61 -2.62
CA PHE A 161 -21.10 -0.56 -2.14
C PHE A 161 -19.67 -1.10 -2.13
N VAL A 162 -18.73 -0.30 -2.65
CA VAL A 162 -17.35 -0.73 -2.86
C VAL A 162 -16.46 -0.02 -1.84
N GLY A 163 -15.56 -0.77 -1.21
CA GLY A 163 -14.59 -0.18 -0.31
C GLY A 163 -13.22 -0.80 -0.50
N GLU A 164 -12.18 0.02 -0.33
CA GLU A 164 -10.79 -0.39 -0.43
C GLU A 164 -10.15 -0.44 0.95
N GLN A 165 -9.25 -1.41 1.13
CA GLN A 165 -8.47 -1.57 2.37
C GLN A 165 -9.37 -1.63 3.61
N MET A 166 -10.50 -2.34 3.48
CA MET A 166 -11.41 -2.45 4.62
C MET A 166 -10.87 -3.36 5.72
N GLY A 167 -9.81 -4.12 5.51
CA GLY A 167 -9.30 -5.00 6.54
C GLY A 167 -10.06 -6.31 6.65
N ALA A 168 -9.56 -7.19 7.52
CA ALA A 168 -10.01 -8.58 7.56
C ALA A 168 -10.61 -8.97 8.92
N GLN A 169 -11.17 -8.01 9.65
CA GLN A 169 -11.77 -8.26 10.95
C GLN A 169 -13.25 -7.93 10.93
N LEU A 170 -13.94 -8.29 12.01
CA LEU A 170 -15.36 -7.99 12.17
C LEU A 170 -15.63 -6.53 11.82
N LEU A 171 -16.55 -6.34 10.87
CA LEU A 171 -16.92 -5.01 10.40
C LEU A 171 -18.13 -4.49 11.17
N GLU A 172 -17.96 -3.36 11.84
CA GLU A 172 -19.09 -2.59 12.35
C GLU A 172 -19.54 -1.65 11.24
N ILE A 173 -20.80 -1.76 10.83
CA ILE A 173 -21.26 -1.05 9.65
C ILE A 173 -22.53 -0.28 9.96
N ARG A 174 -22.83 0.71 9.12
CA ARG A 174 -23.96 1.60 9.36
C ARG A 174 -24.63 1.94 8.05
N LEU A 175 -25.95 1.79 8.02
CA LEU A 175 -26.76 1.97 6.82
C LEU A 175 -27.73 3.13 7.00
N THR A 176 -27.98 3.84 5.91
CA THR A 176 -28.93 4.94 5.88
C THR A 176 -29.86 4.71 4.70
N ASP A 177 -31.17 4.77 4.95
CA ASP A 177 -32.11 4.62 3.85
C ASP A 177 -32.45 5.98 3.27
N ILE A 178 -33.26 5.97 2.22
CA ILE A 178 -33.52 7.19 1.47
C ILE A 178 -34.35 8.18 2.29
N ARG A 179 -34.98 7.73 3.38
CA ARG A 179 -35.67 8.62 4.29
C ARG A 179 -34.76 9.21 5.36
N GLY A 180 -33.50 8.77 5.43
CA GLY A 180 -32.61 9.19 6.49
C GLY A 180 -32.66 8.35 7.75
N GLN A 181 -33.38 7.24 7.74
CA GLN A 181 -33.33 6.35 8.88
C GLN A 181 -32.00 5.62 8.89
N VAL A 182 -31.38 5.55 10.06
CA VAL A 182 -30.09 4.92 10.26
C VAL A 182 -30.27 3.66 11.10
N VAL A 183 -29.63 2.57 10.68
CA VAL A 183 -29.48 1.35 11.48
C VAL A 183 -28.00 1.00 11.49
N THR A 184 -27.59 0.28 12.53
CA THR A 184 -26.23 -0.24 12.63
C THR A 184 -26.25 -1.76 12.78
N ASP A 185 -25.23 -2.40 12.24
CA ASP A 185 -25.19 -3.85 12.16
C ASP A 185 -23.73 -4.28 12.20
N THR A 186 -23.50 -5.57 12.38
CA THR A 186 -22.16 -6.13 12.24
C THR A 186 -22.17 -7.15 11.11
N LEU A 187 -21.01 -7.37 10.53
CA LEU A 187 -20.83 -8.28 9.40
C LEU A 187 -19.52 -9.03 9.62
N GLY A 188 -19.51 -10.31 9.24
CA GLY A 188 -18.33 -11.11 9.47
C GLY A 188 -17.14 -10.65 8.65
N ALA A 189 -15.95 -11.14 9.00
CA ALA A 189 -14.74 -10.66 8.38
C ALA A 189 -14.67 -11.04 6.90
N LEU A 190 -14.17 -10.11 6.08
CA LEU A 190 -13.97 -10.37 4.67
C LEU A 190 -12.88 -11.43 4.47
N PRO A 191 -12.86 -12.09 3.31
CA PRO A 191 -11.75 -13.01 3.01
C PRO A 191 -10.42 -12.25 2.98
N SER A 192 -9.33 -12.93 3.31
CA SER A 192 -8.00 -12.26 3.38
C SER A 192 -7.48 -11.98 1.97
N GLN A 193 -7.77 -12.87 1.03
CA GLN A 193 -7.41 -12.61 -0.39
C GLN A 193 -8.72 -12.64 -1.18
N GLY A 194 -8.68 -12.33 -2.47
CA GLY A 194 -9.89 -12.28 -3.29
C GLY A 194 -10.03 -13.49 -4.18
N ASP A 195 -10.04 -14.67 -3.59
CA ASP A 195 -10.08 -15.94 -4.36
C ASP A 195 -11.41 -16.62 -4.13
N LYS A 196 -12.37 -15.88 -3.61
CA LYS A 196 -13.64 -16.51 -3.24
C LYS A 196 -14.78 -16.00 -4.12
N GLY A 197 -15.83 -16.78 -4.20
CA GLY A 197 -17.02 -16.35 -4.95
C GLY A 197 -18.07 -15.73 -4.06
N VAL A 198 -19.26 -15.53 -4.62
CA VAL A 198 -20.36 -14.96 -3.85
C VAL A 198 -20.67 -15.78 -2.62
N TYR A 199 -21.08 -15.09 -1.55
CA TYR A 199 -21.68 -15.70 -0.37
C TYR A 199 -22.58 -14.66 0.26
N PHE A 200 -23.55 -15.12 1.04
CA PHE A 200 -24.57 -14.29 1.67
C PHE A 200 -24.46 -14.36 3.19
N ALA A 201 -24.69 -13.22 3.87
CA ALA A 201 -24.75 -13.17 5.32
C ALA A 201 -26.03 -12.49 5.76
N ASP A 202 -26.76 -13.12 6.68
CA ASP A 202 -27.89 -12.46 7.32
C ASP A 202 -27.41 -11.27 8.13
N GLY A 203 -28.15 -10.16 8.03
CA GLY A 203 -27.96 -9.05 8.94
C GLY A 203 -28.85 -9.19 10.18
N HIS A 204 -28.70 -8.23 11.09
CA HIS A 204 -29.38 -8.31 12.38
C HIS A 204 -30.34 -7.14 12.61
N VAL A 205 -30.60 -6.31 11.59
CA VAL A 205 -31.50 -5.18 11.72
C VAL A 205 -32.26 -4.98 10.41
N GLN A 206 -33.21 -4.04 10.47
CA GLN A 206 -34.13 -3.69 9.41
C GLN A 206 -34.56 -2.26 9.66
N PHE A 207 -34.62 -1.45 8.60
CA PHE A 207 -35.09 -0.09 8.77
C PHE A 207 -36.51 -0.11 9.31
N PRO A 208 -36.92 0.89 10.06
CA PRO A 208 -38.25 0.89 10.69
C PRO A 208 -39.35 1.24 9.68
N ARG A 209 -40.58 1.29 10.18
CA ARG A 209 -41.77 1.61 9.37
C ARG A 209 -42.14 3.11 9.42
N SER B 1 48.28 0.27 -21.95
CA SER B 1 48.24 1.71 -22.20
C SER B 1 47.03 2.13 -23.07
N ALA B 2 45.91 2.51 -22.44
CA ALA B 2 44.66 2.88 -23.09
C ALA B 2 44.39 4.39 -23.00
N ALA B 3 43.22 4.81 -23.48
CA ALA B 3 42.92 6.23 -23.54
C ALA B 3 42.70 6.82 -22.16
N TRP B 4 42.10 6.05 -21.23
CA TRP B 4 41.74 6.60 -19.93
C TRP B 4 42.95 6.84 -19.02
N ASN B 5 44.03 6.09 -19.21
CA ASN B 5 45.25 6.25 -18.42
C ASN B 5 46.43 6.75 -19.27
N ASP B 6 46.15 7.54 -20.30
CA ASP B 6 47.18 8.15 -21.11
C ASP B 6 47.90 9.25 -20.32
N VAL B 7 49.22 9.31 -20.46
CA VAL B 7 50.03 10.23 -19.66
C VAL B 7 49.91 11.64 -20.22
N CYS B 8 49.55 12.57 -19.36
CA CYS B 8 49.39 13.97 -19.69
C CYS B 8 50.68 14.71 -19.35
N SER B 9 51.18 15.56 -20.26
CA SER B 9 52.33 16.43 -19.99
C SER B 9 51.90 17.89 -20.05
N GLY B 10 52.14 18.62 -18.97
CA GLY B 10 51.71 19.99 -18.91
C GLY B 10 52.47 20.70 -17.81
N THR B 11 51.87 21.78 -17.30
CA THR B 11 52.49 22.53 -16.23
C THR B 11 51.53 22.67 -15.05
N ALA B 12 52.08 22.70 -13.85
CA ALA B 12 51.33 22.96 -12.64
C ALA B 12 51.67 24.34 -12.10
N THR B 13 50.66 25.01 -11.57
CA THR B 13 50.80 26.11 -10.62
C THR B 13 50.39 25.59 -9.26
N TYR B 14 50.41 26.48 -8.26
CA TYR B 14 49.91 26.11 -6.94
C TYR B 14 48.93 27.18 -6.47
N THR B 15 47.94 26.72 -5.71
CA THR B 15 46.85 27.54 -5.22
C THR B 15 46.47 27.03 -3.84
N SER B 16 45.96 27.93 -3.00
CA SER B 16 45.45 27.55 -1.70
C SER B 16 43.93 27.32 -1.70
N SER B 17 43.26 27.48 -2.85
CA SER B 17 41.83 27.24 -2.92
C SER B 17 41.55 25.74 -3.07
N GLY B 18 40.26 25.36 -3.00
CA GLY B 18 39.85 24.00 -3.25
C GLY B 18 39.81 23.08 -2.04
N TYR B 19 40.30 23.52 -0.88
CA TYR B 19 40.07 22.74 0.32
C TYR B 19 38.65 22.90 0.83
N SER B 20 37.97 23.95 0.41
CA SER B 20 36.60 24.23 0.79
C SER B 20 35.97 24.99 -0.36
N GLY B 21 34.69 24.70 -0.64
CA GLY B 21 34.00 25.44 -1.69
C GLY B 21 34.45 25.14 -3.12
N GLY B 22 35.13 24.02 -3.35
CA GLY B 22 35.41 23.65 -4.72
C GLY B 22 34.16 23.45 -5.53
N ALA B 23 34.29 23.57 -6.86
CA ALA B 23 33.15 23.45 -7.74
C ALA B 23 32.60 22.04 -7.81
N LEU B 24 33.38 21.02 -7.44
CA LEU B 24 32.93 19.64 -7.56
C LEU B 24 32.20 19.13 -6.30
N LEU B 25 31.97 20.00 -5.31
CA LEU B 25 31.16 19.71 -4.12
C LEU B 25 31.63 18.46 -3.41
N LEU B 26 32.92 18.39 -3.11
CA LEU B 26 33.47 17.20 -2.46
C LEU B 26 33.87 17.44 -1.01
N ASP B 27 33.44 18.56 -0.41
CA ASP B 27 33.72 18.80 0.99
C ASP B 27 33.03 17.75 1.86
N PRO B 28 33.63 17.40 3.01
CA PRO B 28 34.83 18.00 3.62
C PRO B 28 36.13 17.43 3.07
N ILE B 29 37.19 18.26 2.99
CA ILE B 29 38.51 17.82 2.57
C ILE B 29 39.45 17.88 3.77
N ASP B 30 40.20 16.81 3.97
CA ASP B 30 41.26 16.81 4.98
C ASP B 30 42.27 17.90 4.68
N PRO B 31 42.44 18.91 5.54
CA PRO B 31 43.43 19.96 5.25
C PRO B 31 44.84 19.44 5.06
N ASN B 32 45.14 18.23 5.52
CA ASN B 32 46.44 17.63 5.24
C ASN B 32 46.51 16.97 3.88
N ALA B 33 45.38 16.85 3.17
CA ALA B 33 45.38 16.14 1.90
C ALA B 33 46.16 16.91 0.85
N THR B 34 46.63 16.18 -0.15
CA THR B 34 47.24 16.75 -1.34
C THR B 34 46.16 16.77 -2.41
N ILE B 35 45.78 17.98 -2.87
CA ILE B 35 44.64 18.14 -3.77
C ILE B 35 45.06 18.94 -5.00
N THR B 36 44.13 19.02 -5.97
CA THR B 36 44.40 19.74 -7.20
C THR B 36 43.11 20.23 -7.84
N ALA B 37 43.23 21.30 -8.60
CA ALA B 37 42.24 21.71 -9.58
C ALA B 37 42.70 21.22 -10.95
N LEU B 38 41.74 20.88 -11.80
CA LEU B 38 42.03 20.21 -13.05
C LEU B 38 41.52 21.06 -14.21
N ASN B 39 42.35 21.21 -15.24
CA ASN B 39 41.97 22.01 -16.39
C ASN B 39 40.73 21.41 -17.07
N PRO B 40 39.92 22.25 -17.75
CA PRO B 40 38.65 21.74 -18.29
C PRO B 40 38.81 20.64 -19.32
N LYS B 41 39.94 20.61 -20.04
CA LYS B 41 40.03 19.65 -21.14
C LYS B 41 40.06 18.21 -20.63
N GLN B 42 40.80 17.95 -19.54
CA GLN B 42 40.79 16.59 -18.98
C GLN B 42 39.74 16.39 -17.92
N LEU B 43 39.29 17.43 -17.23
CA LEU B 43 38.18 17.25 -16.24
C LEU B 43 36.91 16.82 -16.96
N ASN B 44 36.69 17.34 -18.16
CA ASN B 44 35.48 17.01 -18.93
C ASN B 44 35.84 16.00 -20.04
N TYR B 45 36.57 14.95 -19.69
CA TYR B 45 36.92 13.87 -20.64
C TYR B 45 35.69 13.43 -21.38
N GLY B 46 35.79 13.33 -22.70
CA GLY B 46 34.67 12.85 -23.54
C GLY B 46 33.57 13.88 -23.67
N GLY B 47 33.77 15.06 -23.11
CA GLY B 47 32.69 16.06 -23.07
C GLY B 47 31.78 15.78 -21.90
N ILE B 48 32.11 14.78 -21.10
CA ILE B 48 31.31 14.49 -19.87
C ILE B 48 31.75 15.47 -18.79
N GLN B 49 30.90 16.43 -18.49
CA GLN B 49 31.26 17.39 -17.44
C GLN B 49 31.66 16.65 -16.16
N ALA B 50 32.76 17.09 -15.53
CA ALA B 50 33.28 16.54 -14.29
C ALA B 50 33.60 15.06 -14.38
N ALA B 51 33.86 14.55 -15.59
CA ALA B 51 34.21 13.15 -15.77
C ALA B 51 35.29 12.70 -14.78
N LEU B 52 36.29 13.55 -14.53
CA LEU B 52 37.40 13.22 -13.65
C LEU B 52 37.24 13.79 -12.25
N ALA B 53 36.04 14.21 -11.86
CA ALA B 53 35.85 14.73 -10.52
C ALA B 53 36.11 13.63 -9.50
N GLY B 54 36.86 13.96 -8.46
CA GLY B 54 37.16 12.96 -7.45
C GLY B 54 38.11 11.88 -7.90
N ALA B 55 38.68 12.01 -9.09
CA ALA B 55 39.79 11.15 -9.47
C ALA B 55 40.98 11.34 -8.53
N TYR B 56 41.86 10.36 -8.52
CA TYR B 56 43.19 10.53 -7.96
C TYR B 56 44.18 10.53 -9.12
N LEU B 57 44.96 11.60 -9.22
CA LEU B 57 46.01 11.73 -10.23
C LEU B 57 47.37 11.52 -9.56
N GLN B 58 48.19 10.63 -10.13
CA GLN B 58 49.61 10.58 -9.75
C GLN B 58 50.40 11.57 -10.60
N VAL B 59 51.11 12.49 -9.94
CA VAL B 59 51.75 13.62 -10.61
C VAL B 59 53.25 13.57 -10.35
N GLN B 60 54.04 13.48 -11.43
CA GLN B 60 55.50 13.54 -11.34
C GLN B 60 55.96 14.95 -11.71
N GLY B 61 56.84 15.53 -10.88
CA GLY B 61 57.40 16.84 -11.13
C GLY B 61 58.90 16.74 -11.30
N PRO B 62 59.62 17.87 -11.28
CA PRO B 62 61.09 17.80 -11.44
C PRO B 62 61.78 17.07 -10.30
N ARG B 63 61.15 17.02 -9.14
CA ARG B 63 61.83 16.59 -7.93
C ARG B 63 61.19 15.38 -7.26
N GLY B 64 59.97 15.04 -7.60
CA GLY B 64 59.34 13.91 -6.93
C GLY B 64 58.06 13.49 -7.60
N MET B 65 57.26 12.75 -6.84
CA MET B 65 55.98 12.24 -7.29
C MET B 65 55.00 12.30 -6.12
N VAL B 66 53.73 12.59 -6.43
CA VAL B 66 52.71 12.75 -5.41
C VAL B 66 51.36 12.40 -6.02
N THR B 67 50.46 11.90 -5.18
CA THR B 67 49.10 11.56 -5.60
C THR B 67 48.15 12.63 -5.05
N VAL B 68 47.24 13.12 -5.91
CA VAL B 68 46.38 14.24 -5.57
C VAL B 68 44.92 13.88 -5.86
N TYR B 69 44.03 14.49 -5.09
CA TYR B 69 42.59 14.32 -5.20
C TYR B 69 41.99 15.51 -5.92
N VAL B 70 41.32 15.27 -7.05
CA VAL B 70 40.78 16.36 -7.87
C VAL B 70 39.52 16.91 -7.19
N THR B 71 39.59 18.15 -6.69
CA THR B 71 38.47 18.76 -5.93
C THR B 71 37.87 19.99 -6.62
N ASP B 72 38.49 20.48 -7.69
CA ASP B 72 38.01 21.72 -8.32
C ASP B 72 38.38 21.81 -9.80
N LEU B 73 37.76 22.75 -10.50
CA LEU B 73 38.10 23.01 -11.93
C LEU B 73 39.12 24.15 -11.97
N TYR B 74 40.17 24.01 -12.77
CA TYR B 74 41.15 25.10 -13.01
C TYR B 74 40.65 25.79 -14.23
N PRO B 75 39.85 26.86 -14.08
CA PRO B 75 39.17 27.44 -15.22
C PRO B 75 40.13 27.94 -16.30
N GLU B 76 41.25 28.52 -15.89
CA GLU B 76 42.19 29.11 -16.88
C GLU B 76 43.28 28.12 -17.25
N GLY B 77 43.16 26.89 -16.79
CA GLY B 77 44.21 25.89 -17.04
C GLY B 77 44.30 25.52 -18.50
N ALA B 78 45.52 25.29 -18.96
CA ALA B 78 45.72 24.84 -20.34
C ALA B 78 45.76 23.31 -20.40
N ASP B 79 45.85 22.78 -21.60
CA ASP B 79 45.91 21.32 -21.80
C ASP B 79 46.85 20.67 -20.78
N CYS B 80 46.37 19.63 -20.12
CA CYS B 80 47.11 18.83 -19.14
C CYS B 80 47.58 19.64 -17.91
N GLY B 81 47.07 20.83 -17.67
CA GLY B 81 47.50 21.65 -16.53
C GLY B 81 46.80 21.32 -15.21
N LEU B 82 47.56 21.45 -14.12
CA LEU B 82 47.05 21.28 -12.76
C LEU B 82 47.31 22.54 -11.95
N ASP B 83 46.46 22.77 -10.95
CA ASP B 83 46.56 23.89 -10.01
C ASP B 83 46.60 23.24 -8.62
N LEU B 84 47.80 22.85 -8.16
CA LEU B 84 47.98 21.97 -7.02
C LEU B 84 47.88 22.70 -5.68
N SER B 85 47.55 21.96 -4.63
CA SER B 85 47.72 22.50 -3.30
C SER B 85 49.21 22.68 -3.01
N PRO B 86 49.57 23.63 -2.15
CA PRO B 86 51.00 23.89 -1.89
C PRO B 86 51.75 22.69 -1.35
N ASN B 87 51.10 21.81 -0.59
CA ASN B 87 51.87 20.67 -0.08
C ASN B 87 52.11 19.63 -1.16
N ALA B 88 51.23 19.55 -2.18
CA ALA B 88 51.49 18.71 -3.33
C ALA B 88 52.58 19.30 -4.20
N PHE B 89 52.54 20.63 -4.41
CA PHE B 89 53.55 21.32 -5.19
C PHE B 89 54.94 21.12 -4.59
N ALA B 90 55.07 21.43 -3.29
CA ALA B 90 56.36 21.37 -2.62
C ALA B 90 56.91 19.94 -2.55
N ALA B 91 56.06 18.95 -2.72
CA ALA B 91 56.53 17.57 -2.69
C ALA B 91 57.22 17.18 -3.99
N ILE B 92 56.95 17.87 -5.09
CA ILE B 92 57.45 17.49 -6.40
C ILE B 92 58.23 18.61 -7.08
N GLY B 93 58.30 19.79 -6.47
CA GLY B 93 59.01 20.88 -7.12
C GLY B 93 59.20 22.04 -6.17
N ASP B 94 59.92 23.05 -6.66
CA ASP B 94 60.27 24.22 -5.88
C ASP B 94 59.23 25.31 -6.07
N THR B 95 58.58 25.72 -4.98
CA THR B 95 57.54 26.74 -5.07
C THR B 95 58.04 28.05 -5.65
N SER B 96 59.34 28.32 -5.57
CA SER B 96 59.89 29.57 -6.08
C SER B 96 60.02 29.56 -7.60
N ALA B 97 59.97 28.38 -8.24
CA ALA B 97 59.92 28.31 -9.69
C ALA B 97 58.60 28.85 -10.24
N GLY B 98 57.57 28.92 -9.39
CA GLY B 98 56.25 29.45 -9.74
C GLY B 98 55.40 28.51 -10.57
N ARG B 99 56.04 27.85 -11.52
CA ARG B 99 55.37 26.99 -12.48
C ARG B 99 56.36 25.88 -12.81
N ILE B 100 55.90 24.63 -12.80
CA ILE B 100 56.79 23.48 -12.99
C ILE B 100 56.28 22.55 -14.07
N PRO B 101 57.14 21.78 -14.72
CA PRO B 101 56.66 20.76 -15.67
C PRO B 101 56.20 19.52 -14.93
N ILE B 102 55.06 18.97 -15.37
CA ILE B 102 54.48 17.78 -14.74
C ILE B 102 54.10 16.74 -15.78
N ARG B 103 54.02 15.50 -15.33
CA ARG B 103 53.46 14.40 -16.10
C ARG B 103 52.56 13.61 -15.16
N TRP B 104 51.33 13.33 -15.59
CA TRP B 104 50.40 12.69 -14.66
C TRP B 104 49.47 11.72 -15.37
N GLN B 105 48.75 10.96 -14.56
CA GLN B 105 47.78 10.00 -15.08
C GLN B 105 46.82 9.62 -13.97
N VAL B 106 45.60 9.22 -14.37
CA VAL B 106 44.64 8.68 -13.40
C VAL B 106 45.17 7.38 -12.81
N VAL B 107 45.05 7.22 -11.49
CA VAL B 107 45.41 6.01 -10.77
C VAL B 107 44.26 5.63 -9.86
N ALA B 108 44.25 4.38 -9.42
CA ALA B 108 43.25 3.91 -8.46
C ALA B 108 43.33 4.71 -7.17
N ALA B 109 42.18 5.04 -6.62
CA ALA B 109 42.14 5.78 -5.38
C ALA B 109 42.38 4.85 -4.20
N PRO B 110 42.84 5.38 -3.05
CA PRO B 110 42.97 4.57 -1.84
C PRO B 110 41.65 4.47 -1.09
N VAL B 111 40.58 4.16 -1.84
CA VAL B 111 39.28 3.92 -1.22
C VAL B 111 39.38 2.75 -0.24
N THR B 112 38.75 2.91 0.92
CA THR B 112 38.35 1.75 1.71
C THR B 112 36.83 1.70 1.71
N GLY B 113 36.29 0.49 1.65
CA GLY B 113 34.84 0.35 1.59
C GLY B 113 34.27 0.68 0.22
N ASN B 114 32.96 0.88 0.22
CA ASN B 114 32.12 0.99 -0.97
C ASN B 114 31.87 2.46 -1.36
N VAL B 115 31.25 2.67 -2.52
CA VAL B 115 30.96 4.04 -2.94
C VAL B 115 29.91 4.66 -2.00
N VAL B 116 29.80 5.99 -2.06
CA VAL B 116 28.89 6.76 -1.21
C VAL B 116 28.11 7.72 -2.10
N TYR B 117 26.79 7.77 -1.91
CA TYR B 117 25.90 8.65 -2.67
C TYR B 117 25.55 9.89 -1.86
N ARG B 118 25.75 11.07 -2.46
CA ARG B 118 25.32 12.34 -1.90
C ARG B 118 24.14 12.84 -2.71
N ILE B 119 23.01 13.07 -2.04
CA ILE B 119 21.80 13.56 -2.70
C ILE B 119 21.72 15.07 -2.46
N LYS B 120 21.68 15.83 -3.55
CA LYS B 120 21.72 17.28 -3.45
C LYS B 120 20.39 17.80 -2.90
N GLU B 121 20.48 18.93 -2.19
CA GLU B 121 19.29 19.61 -1.70
C GLU B 121 18.33 19.88 -2.85
N GLY B 122 17.03 19.75 -2.57
CA GLY B 122 16.02 19.93 -3.57
C GLY B 122 15.78 18.74 -4.47
N SER B 123 16.46 17.62 -4.26
CA SER B 123 16.19 16.47 -5.11
C SER B 123 14.80 15.92 -4.82
N SER B 124 14.24 15.24 -5.82
CA SER B 124 12.91 14.66 -5.66
C SER B 124 12.65 13.69 -6.79
N GLN B 125 11.47 13.05 -6.72
CA GLN B 125 11.00 12.17 -7.76
C GLN B 125 10.80 12.89 -9.10
N TYR B 126 10.74 14.23 -9.09
CA TYR B 126 10.59 15.01 -10.33
C TYR B 126 11.93 15.48 -10.88
N TRP B 127 12.81 16.00 -10.02
CA TRP B 127 14.14 16.42 -10.41
C TRP B 127 15.10 16.03 -9.29
N ALA B 128 16.23 15.40 -9.63
CA ALA B 128 17.16 14.95 -8.60
C ALA B 128 18.60 15.09 -9.10
N ALA B 129 19.52 15.34 -8.17
CA ALA B 129 20.95 15.44 -8.46
C ALA B 129 21.70 14.51 -7.52
N ILE B 130 22.32 13.47 -8.06
CA ILE B 130 22.96 12.43 -7.25
C ILE B 130 24.44 12.37 -7.56
N GLN B 131 25.28 12.60 -6.54
CA GLN B 131 26.73 12.57 -6.66
C GLN B 131 27.26 11.24 -6.18
N VAL B 132 28.16 10.64 -6.95
CA VAL B 132 28.88 9.44 -6.51
C VAL B 132 30.20 9.88 -5.93
N ARG B 133 30.48 9.38 -4.73
CA ARG B 133 31.64 9.72 -3.91
C ARG B 133 32.38 8.44 -3.55
N ASN B 134 33.67 8.56 -3.19
CA ASN B 134 34.45 7.43 -2.68
C ASN B 134 34.51 6.28 -3.70
N HIS B 135 34.75 6.62 -4.97
CA HIS B 135 34.90 5.64 -6.05
C HIS B 135 36.38 5.41 -6.36
N ARG B 136 36.74 4.14 -6.61
CA ARG B 136 38.13 3.79 -6.85
C ARG B 136 38.66 4.44 -8.12
N TYR B 137 37.78 4.65 -9.10
CA TYR B 137 38.15 5.21 -10.39
C TYR B 137 37.06 6.20 -10.79
N PRO B 138 37.39 7.18 -11.63
CA PRO B 138 36.40 8.20 -12.01
C PRO B 138 35.18 7.55 -12.63
N VAL B 139 34.01 8.13 -12.36
CA VAL B 139 32.71 7.60 -12.78
C VAL B 139 32.21 8.37 -13.99
N VAL B 140 31.98 7.70 -15.12
CA VAL B 140 31.62 8.39 -16.37
C VAL B 140 30.19 8.13 -16.81
N LYS B 141 29.42 7.34 -16.06
CA LYS B 141 28.08 7.00 -16.51
C LYS B 141 27.25 6.53 -15.32
N PHE B 142 26.07 7.10 -15.16
CA PHE B 142 25.16 6.79 -14.06
C PHE B 142 23.81 6.43 -14.67
N GLU B 143 23.37 5.19 -14.45
CA GLU B 143 22.11 4.71 -14.98
C GLU B 143 21.19 4.26 -13.87
N TYR B 144 19.88 4.49 -14.03
CA TYR B 144 18.89 3.90 -13.15
C TYR B 144 17.84 3.16 -13.96
N LYS B 145 17.13 2.26 -13.28
CA LYS B 145 16.19 1.36 -13.92
C LYS B 145 14.78 1.93 -13.81
N LYS B 146 14.16 2.20 -14.94
CA LYS B 146 12.77 2.65 -15.02
C LYS B 146 12.07 1.75 -16.02
N ASN B 147 10.95 1.16 -15.62
CA ASN B 147 10.08 0.40 -16.53
C ASN B 147 10.82 -0.75 -17.24
N GLY B 148 11.80 -1.35 -16.58
CA GLY B 148 12.52 -2.46 -17.17
C GLY B 148 13.83 -2.10 -17.87
N ASP B 149 14.12 -0.81 -18.07
CA ASP B 149 15.28 -0.41 -18.87
C ASP B 149 16.16 0.61 -18.17
N TRP B 150 17.45 0.57 -18.49
CA TRP B 150 18.41 1.52 -17.93
C TRP B 150 18.26 2.89 -18.59
N VAL B 151 18.42 3.94 -17.78
CA VAL B 151 18.30 5.32 -18.23
C VAL B 151 19.58 6.05 -17.83
N SER B 152 20.35 6.52 -18.82
CA SER B 152 21.63 7.19 -18.57
C SER B 152 21.39 8.64 -18.17
N LEU B 153 22.02 9.06 -17.09
CA LEU B 153 21.84 10.44 -16.66
C LEU B 153 23.08 11.26 -16.99
N PRO B 154 22.94 12.50 -17.46
CA PRO B 154 24.13 13.30 -17.75
C PRO B 154 24.77 13.80 -16.46
N LYS B 155 26.10 13.89 -16.47
CA LYS B 155 26.85 14.46 -15.35
C LYS B 155 26.95 15.98 -15.52
N THR B 156 26.88 16.70 -14.40
CA THR B 156 27.01 18.14 -14.42
C THR B 156 28.40 18.61 -14.02
N ALA B 157 28.62 19.92 -14.20
CA ALA B 157 29.87 20.56 -13.80
C ALA B 157 30.08 20.55 -12.28
N TYR B 158 29.01 20.41 -11.50
CA TYR B 158 29.13 20.33 -10.05
C TYR B 158 29.10 18.88 -9.57
N ASN B 159 29.52 17.95 -10.43
CA ASN B 159 29.88 16.59 -10.00
C ASN B 159 28.68 15.84 -9.39
N HIS B 160 27.48 16.08 -9.94
CA HIS B 160 26.32 15.25 -9.69
C HIS B 160 25.75 14.79 -11.03
N PHE B 161 25.04 13.67 -11.00
CA PHE B 161 24.25 13.19 -12.12
C PHE B 161 22.80 13.60 -11.90
N VAL B 162 22.17 14.16 -12.92
CA VAL B 162 20.87 14.82 -12.81
C VAL B 162 19.84 14.04 -13.61
N GLY B 163 18.69 13.81 -13.01
CA GLY B 163 17.64 13.06 -13.67
C GLY B 163 16.27 13.63 -13.40
N GLU B 164 15.43 13.68 -14.43
CA GLU B 164 14.06 14.13 -14.32
C GLU B 164 13.14 12.92 -14.22
N GLN B 165 12.06 13.06 -13.45
CA GLN B 165 11.00 12.05 -13.39
C GLN B 165 11.53 10.68 -12.93
N MET B 166 12.46 10.69 -11.98
CA MET B 166 12.98 9.41 -11.50
C MET B 166 11.97 8.64 -10.64
N GLY B 167 10.94 9.29 -10.11
CA GLY B 167 9.95 8.59 -9.31
C GLY B 167 10.41 8.40 -7.86
N ALA B 168 9.50 7.92 -7.03
CA ALA B 168 9.73 7.87 -5.59
C ALA B 168 9.73 6.45 -5.08
N GLN B 169 10.30 5.53 -5.84
CA GLN B 169 10.51 4.18 -5.37
C GLN B 169 12.00 3.88 -5.21
N LEU B 170 12.29 2.75 -4.58
CA LEU B 170 13.63 2.19 -4.55
C LEU B 170 14.23 2.22 -5.95
N LEU B 171 15.45 2.73 -6.04
CA LEU B 171 16.15 2.91 -7.30
C LEU B 171 17.20 1.83 -7.45
N GLU B 172 17.15 1.10 -8.55
CA GLU B 172 18.25 0.24 -8.97
C GLU B 172 19.15 1.08 -9.87
N ILE B 173 20.46 1.16 -9.56
CA ILE B 173 21.36 1.99 -10.35
C ILE B 173 22.55 1.17 -10.84
N ARG B 174 23.15 1.67 -11.93
CA ARG B 174 24.27 1.01 -12.60
C ARG B 174 25.32 2.06 -12.92
N LEU B 175 26.56 1.78 -12.50
CA LEU B 175 27.64 2.74 -12.58
C LEU B 175 28.74 2.20 -13.50
N THR B 176 29.36 3.09 -14.27
CA THR B 176 30.51 2.69 -15.09
C THR B 176 31.67 3.61 -14.76
N ASP B 177 32.86 3.03 -14.57
CA ASP B 177 34.05 3.86 -14.39
C ASP B 177 34.76 4.11 -15.72
N ILE B 178 35.73 5.03 -15.69
CA ILE B 178 36.45 5.47 -16.89
C ILE B 178 37.14 4.31 -17.60
N ARG B 179 37.29 3.16 -16.94
CA ARG B 179 37.88 1.96 -17.54
C ARG B 179 36.86 1.05 -18.21
N GLY B 180 35.57 1.35 -18.10
CA GLY B 180 34.52 0.46 -18.55
C GLY B 180 34.08 -0.60 -17.55
N GLN B 181 34.60 -0.58 -16.33
CA GLN B 181 34.13 -1.51 -15.30
C GLN B 181 32.75 -1.08 -14.79
N VAL B 182 31.82 -2.04 -14.72
CA VAL B 182 30.42 -1.80 -14.35
C VAL B 182 30.14 -2.42 -12.99
N VAL B 183 29.37 -1.71 -12.17
CA VAL B 183 28.86 -2.23 -10.90
C VAL B 183 27.40 -1.81 -10.77
N THR B 184 26.66 -2.59 -10.00
CA THR B 184 25.22 -2.42 -9.84
C THR B 184 24.89 -2.29 -8.35
N ASP B 185 23.98 -1.39 -8.02
CA ASP B 185 23.71 -1.05 -6.63
C ASP B 185 22.22 -0.76 -6.49
N THR B 186 21.83 -0.38 -5.27
CA THR B 186 20.46 0.03 -4.98
C THR B 186 20.53 1.27 -4.09
N LEU B 187 19.54 2.14 -4.22
CA LEU B 187 19.53 3.41 -3.53
C LEU B 187 18.11 3.72 -3.04
N GLY B 188 18.01 4.21 -1.81
CA GLY B 188 16.71 4.46 -1.23
C GLY B 188 15.93 5.52 -1.99
N ALA B 189 14.60 5.38 -1.94
CA ALA B 189 13.72 6.24 -2.71
C ALA B 189 14.01 7.71 -2.45
N LEU B 190 13.94 8.51 -3.53
CA LEU B 190 14.05 9.96 -3.45
C LEU B 190 12.84 10.57 -2.75
N PRO B 191 12.99 11.75 -2.15
CA PRO B 191 11.82 12.43 -1.55
C PRO B 191 10.75 12.71 -2.59
N SER B 192 9.49 12.72 -2.13
CA SER B 192 8.38 12.93 -3.06
C SER B 192 8.23 14.38 -3.48
N GLN B 193 8.86 15.32 -2.77
CA GLN B 193 8.84 16.73 -3.09
C GLN B 193 10.23 17.29 -2.78
N GLY B 194 10.71 18.20 -3.62
CA GLY B 194 12.07 18.71 -3.42
C GLY B 194 12.26 19.69 -2.28
N ASP B 195 11.95 19.30 -1.04
CA ASP B 195 11.97 20.23 0.07
C ASP B 195 12.99 19.85 1.14
N LYS B 196 13.97 19.01 0.79
CA LYS B 196 14.92 18.49 1.76
C LYS B 196 16.33 18.96 1.41
N GLY B 197 17.21 18.86 2.40
CA GLY B 197 18.60 19.21 2.22
C GLY B 197 19.42 18.04 1.74
N VAL B 198 20.75 18.22 1.82
CA VAL B 198 21.68 17.15 1.47
C VAL B 198 21.53 15.97 2.43
N TYR B 199 21.83 14.78 1.92
CA TYR B 199 21.94 13.59 2.77
C TYR B 199 22.74 12.54 2.02
N PHE B 200 23.36 11.63 2.77
CA PHE B 200 24.26 10.65 2.18
C PHE B 200 23.72 9.24 2.38
N ALA B 201 23.95 8.39 1.39
CA ALA B 201 23.62 6.98 1.49
C ALA B 201 24.87 6.17 1.18
N ASP B 202 25.05 5.07 1.91
CA ASP B 202 26.10 4.13 1.58
C ASP B 202 25.71 3.29 0.37
N GLY B 203 26.67 3.11 -0.54
CA GLY B 203 26.53 2.10 -1.56
C GLY B 203 26.97 0.74 -1.03
N HIS B 204 26.75 -0.29 -1.83
CA HIS B 204 27.10 -1.65 -1.43
C HIS B 204 28.11 -2.27 -2.37
N VAL B 205 28.69 -1.47 -3.29
CA VAL B 205 29.65 -1.96 -4.26
C VAL B 205 30.80 -0.97 -4.39
N GLN B 206 31.92 -1.48 -4.86
CA GLN B 206 33.08 -0.68 -5.21
C GLN B 206 33.61 -1.20 -6.53
N PHE B 207 34.17 -0.32 -7.34
CA PHE B 207 34.79 -0.76 -8.58
C PHE B 207 35.98 -1.67 -8.26
N PRO B 208 36.21 -2.70 -9.06
CA PRO B 208 37.30 -3.63 -8.75
C PRO B 208 38.65 -2.98 -8.93
N ARG B 209 39.68 -3.65 -8.43
CA ARG B 209 41.06 -3.16 -8.48
C ARG B 209 41.67 -3.27 -9.87
N SER C 1 -11.28 -23.53 -42.58
CA SER C 1 -11.22 -23.34 -41.14
C SER C 1 -10.60 -21.97 -40.78
N ALA C 2 -10.28 -21.73 -39.49
CA ALA C 2 -10.10 -20.39 -38.94
C ALA C 2 -8.78 -19.74 -39.38
N ALA C 3 -8.55 -18.52 -38.88
CA ALA C 3 -7.32 -17.81 -39.24
C ALA C 3 -6.14 -18.22 -38.35
N TRP C 4 -6.40 -18.63 -37.09
CA TRP C 4 -5.32 -19.05 -36.20
C TRP C 4 -4.61 -20.31 -36.69
N ASN C 5 -5.30 -21.16 -37.49
CA ASN C 5 -4.75 -22.43 -37.92
C ASN C 5 -4.67 -22.52 -39.44
N ASP C 6 -4.55 -21.37 -40.09
CA ASP C 6 -4.33 -21.34 -41.53
C ASP C 6 -2.95 -21.94 -41.87
N VAL C 7 -2.89 -22.60 -43.01
CA VAL C 7 -1.66 -23.24 -43.46
C VAL C 7 -0.76 -22.21 -44.13
N CYS C 8 0.45 -22.07 -43.61
CA CYS C 8 1.45 -21.18 -44.18
C CYS C 8 2.27 -21.96 -45.19
N SER C 9 2.49 -21.39 -46.36
CA SER C 9 3.42 -21.94 -47.36
C SER C 9 4.62 -21.02 -47.45
N GLY C 10 5.80 -21.56 -47.23
CA GLY C 10 6.99 -20.76 -47.22
C GLY C 10 8.22 -21.60 -47.50
N THR C 11 9.37 -21.08 -47.09
CA THR C 11 10.63 -21.78 -47.24
C THR C 11 11.36 -21.78 -45.89
N ALA C 12 12.23 -22.78 -45.70
CA ALA C 12 12.95 -22.96 -44.45
C ALA C 12 14.43 -23.08 -44.71
N THR C 13 15.22 -22.46 -43.83
CA THR C 13 16.65 -22.66 -43.71
C THR C 13 16.92 -23.38 -42.40
N TYR C 14 18.20 -23.65 -42.13
CA TYR C 14 18.57 -24.28 -40.87
C TYR C 14 19.64 -23.47 -40.17
N THR C 15 19.53 -23.41 -38.85
CA THR C 15 20.46 -22.67 -38.00
C THR C 15 20.68 -23.48 -36.74
N SER C 16 21.85 -23.34 -36.15
CA SER C 16 22.13 -24.07 -34.92
C SER C 16 21.87 -23.21 -33.68
N SER C 17 21.47 -21.97 -33.86
CA SER C 17 21.10 -21.09 -32.76
C SER C 17 19.70 -21.44 -32.27
N GLY C 18 19.29 -20.79 -31.19
CA GLY C 18 17.96 -20.93 -30.67
C GLY C 18 17.84 -21.90 -29.51
N TYR C 19 18.87 -22.73 -29.27
CA TYR C 19 18.84 -23.66 -28.15
C TYR C 19 19.22 -22.98 -26.84
N SER C 20 19.82 -21.81 -26.92
CA SER C 20 20.02 -20.97 -25.75
C SER C 20 20.13 -19.54 -26.26
N GLY C 21 19.80 -18.58 -25.38
CA GLY C 21 19.86 -17.18 -25.76
C GLY C 21 18.85 -16.73 -26.79
N GLY C 22 17.85 -17.54 -27.12
CA GLY C 22 16.83 -17.08 -28.05
C GLY C 22 16.08 -15.87 -27.51
N ALA C 23 15.55 -15.07 -28.43
CA ALA C 23 14.92 -13.81 -28.01
C ALA C 23 13.68 -14.03 -27.15
N LEU C 24 13.06 -15.21 -27.22
CA LEU C 24 11.80 -15.41 -26.52
C LEU C 24 11.99 -15.94 -25.09
N LEU C 25 13.23 -16.08 -24.63
CA LEU C 25 13.54 -16.39 -23.24
C LEU C 25 12.80 -17.65 -22.78
N LEU C 26 12.99 -18.73 -23.53
CA LEU C 26 12.39 -20.01 -23.18
C LEU C 26 13.41 -21.04 -22.69
N ASP C 27 14.66 -20.64 -22.42
CA ASP C 27 15.60 -21.58 -21.85
C ASP C 27 15.10 -22.05 -20.48
N PRO C 28 15.45 -23.27 -20.07
CA PRO C 28 16.30 -24.25 -20.76
C PRO C 28 15.54 -25.02 -21.84
N ILE C 29 16.24 -25.40 -22.92
CA ILE C 29 15.69 -26.16 -24.03
C ILE C 29 16.38 -27.51 -24.04
N ASP C 30 15.60 -28.57 -24.28
CA ASP C 30 16.19 -29.89 -24.47
C ASP C 30 17.04 -29.90 -25.73
N PRO C 31 18.29 -30.37 -25.68
CA PRO C 31 19.15 -30.32 -26.87
C PRO C 31 18.72 -31.28 -27.98
N ASN C 32 17.92 -32.30 -27.67
CA ASN C 32 17.36 -33.17 -28.71
C ASN C 32 16.07 -32.63 -29.29
N ALA C 33 15.53 -31.55 -28.74
CA ALA C 33 14.26 -31.02 -29.23
C ALA C 33 14.41 -30.48 -30.64
N THR C 34 13.34 -30.60 -31.42
CA THR C 34 13.28 -29.98 -32.75
C THR C 34 12.64 -28.61 -32.57
N ILE C 35 13.38 -27.55 -32.89
CA ILE C 35 12.97 -26.18 -32.60
C ILE C 35 13.02 -25.36 -33.88
N THR C 36 12.56 -24.12 -33.78
CA THR C 36 12.59 -23.20 -34.91
C THR C 36 12.61 -21.77 -34.41
N ALA C 37 13.28 -20.92 -35.19
CA ALA C 37 13.06 -19.49 -35.19
C ALA C 37 11.94 -19.17 -36.19
N LEU C 38 11.20 -18.11 -35.91
CA LEU C 38 9.98 -17.81 -36.65
C LEU C 38 10.01 -16.38 -37.16
N ASN C 39 9.72 -16.21 -38.46
CA ASN C 39 9.78 -14.90 -39.10
C ASN C 39 8.85 -13.91 -38.41
N PRO C 40 9.12 -12.60 -38.52
CA PRO C 40 8.33 -11.60 -37.78
C PRO C 40 6.84 -11.62 -38.09
N LYS C 41 6.44 -11.90 -39.33
CA LYS C 41 5.05 -11.67 -39.71
C LYS C 41 4.10 -12.64 -38.99
N GLN C 42 4.45 -13.94 -38.91
CA GLN C 42 3.61 -14.87 -38.16
C GLN C 42 3.95 -14.92 -36.67
N LEU C 43 5.19 -14.62 -36.28
CA LEU C 43 5.50 -14.58 -34.86
C LEU C 43 4.74 -13.48 -34.16
N ASN C 44 4.51 -12.34 -34.84
CA ASN C 44 3.81 -11.22 -34.25
C ASN C 44 2.39 -11.14 -34.81
N TYR C 45 1.74 -12.29 -34.83
CA TYR C 45 0.39 -12.45 -35.36
C TYR C 45 -0.56 -11.39 -34.80
N GLY C 46 -1.34 -10.78 -35.70
CA GLY C 46 -2.27 -9.72 -35.37
C GLY C 46 -1.62 -8.47 -34.79
N GLY C 47 -0.29 -8.38 -34.89
CA GLY C 47 0.45 -7.29 -34.28
C GLY C 47 0.87 -7.51 -32.85
N ILE C 48 0.47 -8.63 -32.24
CA ILE C 48 0.81 -8.95 -30.85
C ILE C 48 2.24 -9.49 -30.82
N GLN C 49 3.16 -8.72 -30.24
CA GLN C 49 4.56 -9.14 -30.21
C GLN C 49 4.72 -10.53 -29.57
N ALA C 50 5.43 -11.42 -30.25
CA ALA C 50 5.67 -12.80 -29.77
C ALA C 50 4.36 -13.57 -29.55
N ALA C 51 3.34 -13.27 -30.36
CA ALA C 51 2.07 -14.00 -30.27
C ALA C 51 2.28 -15.52 -30.31
N LEU C 52 3.05 -16.01 -31.28
CA LEU C 52 3.27 -17.45 -31.41
C LEU C 52 4.50 -17.92 -30.65
N ALA C 53 5.00 -17.15 -29.71
CA ALA C 53 6.14 -17.61 -28.93
C ALA C 53 5.75 -18.87 -28.18
N GLY C 54 6.64 -19.86 -28.20
CA GLY C 54 6.30 -21.12 -27.55
C GLY C 54 5.18 -21.90 -28.20
N ALA C 55 4.75 -21.49 -29.40
CA ALA C 55 3.87 -22.33 -30.20
C ALA C 55 4.56 -23.65 -30.54
N TYR C 56 3.74 -24.62 -30.93
CA TYR C 56 4.22 -25.81 -31.61
C TYR C 56 3.68 -25.81 -33.02
N LEU C 57 4.57 -25.94 -33.99
CA LEU C 57 4.23 -25.90 -35.40
C LEU C 57 4.49 -27.28 -36.00
N GLN C 58 3.51 -27.81 -36.72
CA GLN C 58 3.73 -29.00 -37.52
C GLN C 58 4.23 -28.55 -38.89
N VAL C 59 5.41 -29.03 -39.28
CA VAL C 59 6.06 -28.60 -40.51
C VAL C 59 6.18 -29.79 -41.46
N GLN C 60 5.52 -29.69 -42.61
CA GLN C 60 5.69 -30.64 -43.71
C GLN C 60 6.70 -30.08 -44.70
N GLY C 61 7.72 -30.88 -45.05
CA GLY C 61 8.71 -30.50 -46.03
C GLY C 61 8.64 -31.39 -47.26
N PRO C 62 9.68 -31.39 -48.09
CA PRO C 62 9.67 -32.27 -49.28
C PRO C 62 9.70 -33.73 -48.93
N ARG C 63 10.29 -34.08 -47.78
CA ARG C 63 10.70 -35.44 -47.47
C ARG C 63 9.96 -36.06 -46.28
N GLY C 64 9.33 -35.27 -45.43
CA GLY C 64 8.64 -35.80 -44.28
C GLY C 64 7.98 -34.70 -43.47
N MET C 65 7.56 -35.02 -42.25
CA MET C 65 6.88 -34.06 -41.40
C MET C 65 7.48 -34.07 -40.00
N VAL C 66 7.56 -32.90 -39.37
CA VAL C 66 8.09 -32.78 -38.02
C VAL C 66 7.32 -31.67 -37.31
N THR C 67 7.30 -31.75 -35.98
CA THR C 67 6.77 -30.72 -35.09
C THR C 67 7.93 -29.97 -34.45
N VAL C 68 7.81 -28.63 -34.37
CA VAL C 68 8.89 -27.81 -33.84
C VAL C 68 8.34 -26.81 -32.81
N TYR C 69 9.22 -26.43 -31.88
CA TYR C 69 8.93 -25.51 -30.78
C TYR C 69 9.52 -24.14 -31.10
N VAL C 70 8.71 -23.09 -31.03
CA VAL C 70 9.17 -21.78 -31.46
C VAL C 70 9.93 -21.13 -30.30
N THR C 71 11.26 -21.01 -30.44
CA THR C 71 12.10 -20.44 -29.39
C THR C 71 12.75 -19.13 -29.79
N ASP C 72 12.66 -18.72 -31.05
CA ASP C 72 13.44 -17.56 -31.44
C ASP C 72 12.69 -16.77 -32.50
N LEU C 73 13.08 -15.50 -32.63
CA LEU C 73 12.69 -14.68 -33.76
C LEU C 73 13.67 -14.94 -34.90
N TYR C 74 13.14 -15.08 -36.11
CA TYR C 74 13.88 -15.20 -37.37
C TYR C 74 13.88 -13.82 -38.03
N PRO C 75 14.83 -12.94 -37.71
CA PRO C 75 14.71 -11.53 -38.12
C PRO C 75 14.50 -11.31 -39.61
N GLU C 76 15.30 -11.95 -40.45
CA GLU C 76 15.24 -11.71 -41.88
C GLU C 76 14.32 -12.68 -42.60
N GLY C 77 13.53 -13.47 -41.87
CA GLY C 77 12.65 -14.42 -42.52
C GLY C 77 11.57 -13.72 -43.32
N ALA C 78 11.23 -14.32 -44.45
CA ALA C 78 10.15 -13.84 -45.30
C ALA C 78 8.81 -14.33 -44.76
N ASP C 79 7.73 -13.88 -45.40
CA ASP C 79 6.40 -14.40 -45.11
C ASP C 79 6.45 -15.93 -45.04
N CYS C 80 5.94 -16.49 -43.94
CA CYS C 80 5.81 -17.94 -43.71
C CYS C 80 7.14 -18.66 -43.58
N GLY C 81 8.22 -17.99 -43.19
CA GLY C 81 9.53 -18.59 -43.16
C GLY C 81 9.93 -19.09 -41.79
N LEU C 82 10.70 -20.16 -41.77
CA LEU C 82 11.19 -20.75 -40.53
C LEU C 82 12.69 -20.97 -40.64
N ASP C 83 13.39 -20.79 -39.53
CA ASP C 83 14.80 -21.10 -39.42
C ASP C 83 14.90 -22.34 -38.52
N LEU C 84 14.99 -23.51 -39.12
CA LEU C 84 14.84 -24.76 -38.40
C LEU C 84 16.16 -25.21 -37.76
N SER C 85 16.04 -25.90 -36.63
CA SER C 85 17.20 -26.56 -36.09
C SER C 85 17.59 -27.72 -37.03
N PRO C 86 18.84 -28.17 -36.97
CA PRO C 86 19.29 -29.19 -37.94
C PRO C 86 18.55 -30.51 -37.86
N ASN C 87 18.20 -30.98 -36.67
CA ASN C 87 17.45 -32.24 -36.60
C ASN C 87 16.06 -32.10 -37.22
N ALA C 88 15.41 -30.95 -37.01
CA ALA C 88 14.11 -30.75 -37.63
C ALA C 88 14.24 -30.67 -39.14
N PHE C 89 15.24 -29.93 -39.63
CA PHE C 89 15.44 -29.76 -41.06
C PHE C 89 15.72 -31.10 -41.73
N ALA C 90 16.62 -31.88 -41.16
CA ALA C 90 16.98 -33.17 -41.75
C ALA C 90 15.82 -34.16 -41.71
N ALA C 91 14.85 -33.96 -40.81
CA ALA C 91 13.73 -34.88 -40.70
C ALA C 91 12.72 -34.69 -41.82
N ILE C 92 12.72 -33.53 -42.47
CA ILE C 92 11.73 -33.20 -43.48
C ILE C 92 12.34 -32.86 -44.83
N GLY C 93 13.66 -32.82 -44.93
CA GLY C 93 14.30 -32.42 -46.16
C GLY C 93 15.75 -32.82 -46.12
N ASP C 94 16.45 -32.51 -47.21
CA ASP C 94 17.87 -32.79 -47.34
C ASP C 94 18.64 -31.50 -47.08
N THR C 95 19.68 -31.58 -46.25
CA THR C 95 20.40 -30.36 -45.86
C THR C 95 21.17 -29.75 -47.04
N SER C 96 21.67 -30.59 -47.95
CA SER C 96 22.37 -30.09 -49.12
C SER C 96 21.53 -29.14 -49.95
N ALA C 97 20.20 -29.23 -49.85
CA ALA C 97 19.37 -28.29 -50.59
C ALA C 97 19.46 -26.87 -50.05
N GLY C 98 19.86 -26.73 -48.78
CA GLY C 98 20.06 -25.43 -48.16
C GLY C 98 18.78 -24.69 -47.85
N ARG C 99 17.81 -24.82 -48.74
CA ARG C 99 16.52 -24.16 -48.63
C ARG C 99 15.47 -25.13 -49.14
N ILE C 100 14.40 -25.33 -48.37
CA ILE C 100 13.39 -26.32 -48.74
C ILE C 100 12.02 -25.66 -48.70
N PRO C 101 11.09 -26.07 -49.56
CA PRO C 101 9.71 -25.60 -49.42
C PRO C 101 9.04 -26.24 -48.24
N ILE C 102 8.29 -25.44 -47.47
CA ILE C 102 7.61 -25.96 -46.28
C ILE C 102 6.18 -25.42 -46.23
N ARG C 103 5.28 -26.26 -45.69
CA ARG C 103 3.94 -25.86 -45.29
C ARG C 103 3.76 -26.23 -43.82
N TRP C 104 3.06 -25.39 -43.05
CA TRP C 104 3.00 -25.61 -41.61
C TRP C 104 1.78 -24.91 -41.02
N GLN C 105 1.43 -25.32 -39.80
CA GLN C 105 0.31 -24.71 -39.08
C GLN C 105 0.52 -24.82 -37.57
N VAL C 106 -0.11 -23.96 -36.81
CA VAL C 106 -0.07 -24.06 -35.33
C VAL C 106 -0.80 -25.37 -34.96
N VAL C 107 -0.16 -26.20 -34.14
CA VAL C 107 -0.80 -27.45 -33.66
C VAL C 107 -0.71 -27.46 -32.14
N ALA C 108 -1.38 -28.42 -31.50
CA ALA C 108 -1.37 -28.51 -30.02
C ALA C 108 -0.03 -29.02 -29.52
N ALA C 109 0.43 -28.45 -28.42
CA ALA C 109 1.72 -28.83 -27.83
C ALA C 109 1.63 -30.12 -27.04
N PRO C 110 2.66 -30.99 -27.09
CA PRO C 110 2.68 -32.20 -26.29
C PRO C 110 2.82 -31.82 -24.82
N VAL C 111 1.78 -31.22 -24.25
CA VAL C 111 1.93 -30.66 -22.88
C VAL C 111 1.49 -31.64 -21.80
N THR C 112 2.36 -31.85 -20.83
CA THR C 112 1.95 -32.64 -19.66
C THR C 112 1.73 -31.60 -18.56
N GLY C 113 0.52 -31.51 -18.06
CA GLY C 113 0.31 -30.63 -16.90
C GLY C 113 -0.24 -29.26 -17.21
N ASN C 114 -0.15 -28.38 -16.21
CA ASN C 114 -0.72 -27.02 -16.32
C ASN C 114 0.33 -26.02 -16.81
N VAL C 115 -0.10 -24.78 -17.03
CA VAL C 115 0.83 -23.77 -17.53
C VAL C 115 1.82 -23.44 -16.44
N VAL C 116 2.86 -22.70 -16.78
CA VAL C 116 3.94 -22.36 -15.86
C VAL C 116 4.24 -20.88 -16.04
N TYR C 117 4.38 -20.16 -14.92
CA TYR C 117 4.63 -18.72 -14.94
C TYR C 117 6.09 -18.45 -14.62
N ARG C 118 6.70 -17.57 -15.40
CA ARG C 118 8.08 -17.13 -15.20
C ARG C 118 8.02 -15.63 -14.99
N ILE C 119 8.47 -15.19 -13.82
CA ILE C 119 8.46 -13.79 -13.42
C ILE C 119 9.87 -13.25 -13.66
N LYS C 120 9.97 -12.21 -14.48
CA LYS C 120 11.25 -11.70 -14.91
C LYS C 120 11.93 -10.95 -13.76
N GLU C 121 13.27 -11.02 -13.72
CA GLU C 121 14.04 -10.26 -12.75
C GLU C 121 13.61 -8.79 -12.78
N GLY C 122 13.58 -8.15 -11.61
CA GLY C 122 13.17 -6.76 -11.51
C GLY C 122 11.67 -6.52 -11.42
N SER C 123 10.85 -7.58 -11.49
CA SER C 123 9.41 -7.43 -11.38
C SER C 123 8.99 -6.99 -9.98
N SER C 124 7.86 -6.31 -9.90
CA SER C 124 7.40 -5.83 -8.60
C SER C 124 5.96 -5.36 -8.75
N GLN C 125 5.43 -4.83 -7.65
CA GLN C 125 4.09 -4.25 -7.64
C GLN C 125 4.00 -3.01 -8.53
N TYR C 126 5.13 -2.41 -8.92
CA TYR C 126 5.17 -1.22 -9.76
C TYR C 126 5.39 -1.52 -11.24
N TRP C 127 6.26 -2.46 -11.57
CA TRP C 127 6.51 -2.87 -12.93
C TRP C 127 6.82 -4.36 -12.91
N ALA C 128 6.15 -5.14 -13.74
CA ALA C 128 6.33 -6.59 -13.71
C ALA C 128 6.21 -7.14 -15.12
N ALA C 129 6.98 -8.18 -15.40
CA ALA C 129 6.90 -8.89 -16.67
C ALA C 129 6.70 -10.36 -16.35
N ILE C 130 5.64 -10.94 -16.92
CA ILE C 130 5.20 -12.30 -16.58
C ILE C 130 5.12 -13.11 -17.87
N GLN C 131 5.89 -14.18 -17.94
CA GLN C 131 5.84 -15.07 -19.09
C GLN C 131 5.01 -16.30 -18.75
N VAL C 132 4.16 -16.68 -19.69
CA VAL C 132 3.47 -17.95 -19.65
C VAL C 132 4.26 -18.96 -20.45
N ARG C 133 4.44 -20.14 -19.86
CA ARG C 133 5.22 -21.26 -20.35
C ARG C 133 4.36 -22.50 -20.28
N ASN C 134 4.73 -23.53 -21.04
CA ASN C 134 4.05 -24.83 -21.02
C ASN C 134 2.56 -24.66 -21.27
N HIS C 135 2.24 -24.02 -22.40
CA HIS C 135 0.86 -23.80 -22.81
C HIS C 135 0.54 -24.63 -24.05
N ARG C 136 -0.63 -25.28 -24.04
CA ARG C 136 -1.01 -26.18 -25.12
C ARG C 136 -1.17 -25.44 -26.45
N TYR C 137 -1.49 -24.16 -26.40
CA TYR C 137 -1.72 -23.38 -27.61
C TYR C 137 -1.12 -21.99 -27.37
N PRO C 138 -0.79 -21.27 -28.44
CA PRO C 138 -0.21 -19.92 -28.28
C PRO C 138 -1.13 -19.00 -27.49
N VAL C 139 -0.52 -18.15 -26.67
CA VAL C 139 -1.24 -17.31 -25.70
C VAL C 139 -1.22 -15.88 -26.19
N VAL C 140 -2.39 -15.34 -26.49
CA VAL C 140 -2.50 -14.03 -27.14
C VAL C 140 -3.09 -12.96 -26.23
N LYS C 141 -3.64 -13.31 -25.08
CA LYS C 141 -4.16 -12.33 -24.15
C LYS C 141 -3.85 -12.75 -22.72
N PHE C 142 -3.47 -11.77 -21.89
CA PHE C 142 -3.16 -11.96 -20.48
C PHE C 142 -3.86 -10.85 -19.71
N GLU C 143 -4.71 -11.22 -18.77
CA GLU C 143 -5.40 -10.24 -17.97
C GLU C 143 -5.27 -10.59 -16.51
N TYR C 144 -5.28 -9.57 -15.66
CA TYR C 144 -5.29 -9.73 -14.22
C TYR C 144 -6.39 -8.83 -13.67
N LYS C 145 -6.79 -9.06 -12.41
CA LYS C 145 -7.93 -8.36 -11.85
C LYS C 145 -7.44 -7.26 -10.93
N LYS C 146 -7.99 -6.06 -11.10
CA LYS C 146 -7.62 -4.92 -10.29
C LYS C 146 -8.88 -4.14 -9.99
N ASN C 147 -9.12 -3.86 -8.71
CA ASN C 147 -10.33 -3.17 -8.27
C ASN C 147 -11.60 -3.79 -8.87
N GLY C 148 -11.59 -5.11 -9.08
CA GLY C 148 -12.80 -5.81 -9.47
C GLY C 148 -13.07 -5.96 -10.95
N ASP C 149 -12.20 -5.41 -11.81
CA ASP C 149 -12.37 -5.58 -13.25
C ASP C 149 -11.04 -5.95 -13.91
N TRP C 150 -11.15 -6.63 -15.05
CA TRP C 150 -10.00 -7.19 -15.73
C TRP C 150 -9.19 -6.10 -16.44
N VAL C 151 -7.86 -6.26 -16.41
CA VAL C 151 -6.93 -5.35 -17.09
C VAL C 151 -6.07 -6.17 -18.03
N SER C 152 -6.14 -5.88 -19.33
CA SER C 152 -5.34 -6.59 -20.32
C SER C 152 -3.94 -6.00 -20.44
N LEU C 153 -2.92 -6.88 -20.50
CA LEU C 153 -1.52 -6.50 -20.52
C LEU C 153 -0.90 -6.79 -21.88
N PRO C 154 -0.05 -5.89 -22.40
CA PRO C 154 0.56 -6.14 -23.72
C PRO C 154 1.72 -7.14 -23.66
N LYS C 155 1.78 -7.99 -24.67
CA LYS C 155 2.91 -8.91 -24.83
C LYS C 155 4.10 -8.19 -25.45
N THR C 156 5.31 -8.61 -25.07
CA THR C 156 6.55 -8.06 -25.59
C THR C 156 7.24 -9.02 -26.56
N ALA C 157 8.22 -8.49 -27.28
CA ALA C 157 9.09 -9.28 -28.16
C ALA C 157 9.88 -10.34 -27.39
N TYR C 158 10.09 -10.18 -26.09
CA TYR C 158 10.76 -11.20 -25.31
C TYR C 158 9.79 -12.11 -24.55
N ASN C 159 8.56 -12.24 -25.05
CA ASN C 159 7.65 -13.30 -24.65
C ASN C 159 7.28 -13.23 -23.18
N HIS C 160 7.17 -12.01 -22.63
CA HIS C 160 6.50 -11.80 -21.35
C HIS C 160 5.37 -10.80 -21.56
N PHE C 161 4.35 -10.89 -20.71
CA PHE C 161 3.34 -9.84 -20.61
C PHE C 161 3.73 -8.89 -19.49
N VAL C 162 3.59 -7.59 -19.75
CA VAL C 162 4.16 -6.55 -18.89
C VAL C 162 3.02 -5.68 -18.35
N GLY C 163 3.04 -5.44 -17.05
CA GLY C 163 2.06 -4.57 -16.43
C GLY C 163 2.67 -3.63 -15.40
N GLU C 164 2.08 -2.45 -15.29
CA GLU C 164 2.49 -1.45 -14.31
C GLU C 164 1.43 -1.35 -13.21
N GLN C 165 1.91 -1.03 -11.99
CA GLN C 165 1.04 -0.82 -10.82
C GLN C 165 0.10 -2.01 -10.58
N MET C 166 0.61 -3.22 -10.80
CA MET C 166 -0.20 -4.42 -10.54
C MET C 166 -0.41 -4.69 -9.04
N GLY C 167 0.40 -4.11 -8.16
CA GLY C 167 0.25 -4.32 -6.73
C GLY C 167 0.90 -5.61 -6.24
N ALA C 168 0.95 -5.75 -4.91
CA ALA C 168 1.63 -6.89 -4.29
C ALA C 168 0.69 -7.75 -3.45
N GLN C 169 -0.44 -8.15 -4.04
CA GLN C 169 -1.34 -9.11 -3.43
C GLN C 169 -1.59 -10.24 -4.41
N LEU C 170 -2.39 -11.22 -4.00
CA LEU C 170 -2.69 -12.36 -4.85
C LEU C 170 -3.31 -11.88 -6.14
N LEU C 171 -2.87 -12.44 -7.27
CA LEU C 171 -3.30 -12.01 -8.60
C LEU C 171 -4.28 -13.04 -9.16
N GLU C 172 -5.49 -12.59 -9.47
CA GLU C 172 -6.39 -13.42 -10.26
C GLU C 172 -6.14 -13.06 -11.72
N ILE C 173 -5.83 -14.06 -12.56
CA ILE C 173 -5.44 -13.79 -13.94
C ILE C 173 -6.26 -14.65 -14.89
N ARG C 174 -6.38 -14.16 -16.13
CA ARG C 174 -7.18 -14.78 -17.17
C ARG C 174 -6.36 -14.83 -18.46
N LEU C 175 -6.27 -16.01 -19.05
CA LEU C 175 -5.45 -16.24 -20.21
C LEU C 175 -6.31 -16.63 -21.40
N THR C 176 -5.97 -16.13 -22.57
CA THR C 176 -6.73 -16.43 -23.78
C THR C 176 -5.76 -16.96 -24.82
N ASP C 177 -6.10 -18.11 -25.40
CA ASP C 177 -5.23 -18.67 -26.42
C ASP C 177 -5.69 -18.20 -27.79
N ILE C 178 -4.95 -18.61 -28.83
CA ILE C 178 -5.18 -18.09 -30.18
C ILE C 178 -6.46 -18.61 -30.80
N ARG C 179 -7.01 -19.70 -30.28
CA ARG C 179 -8.32 -20.16 -30.73
C ARG C 179 -9.47 -19.41 -30.08
N GLY C 180 -9.19 -18.62 -29.05
CA GLY C 180 -10.24 -17.97 -28.28
C GLY C 180 -10.59 -18.66 -26.98
N GLN C 181 -9.84 -19.68 -26.58
CA GLN C 181 -10.19 -20.41 -25.37
C GLN C 181 -9.61 -19.72 -24.15
N VAL C 182 -10.43 -19.62 -23.11
CA VAL C 182 -10.14 -18.79 -21.94
C VAL C 182 -10.02 -19.71 -20.73
N VAL C 183 -8.92 -19.56 -19.99
CA VAL C 183 -8.77 -20.21 -18.70
C VAL C 183 -8.50 -19.12 -17.68
N THR C 184 -8.79 -19.45 -16.43
CA THR C 184 -8.66 -18.55 -15.29
C THR C 184 -7.74 -19.21 -14.26
N ASP C 185 -6.97 -18.40 -13.54
CA ASP C 185 -5.94 -18.97 -12.67
C ASP C 185 -5.58 -17.96 -11.58
N THR C 186 -4.69 -18.35 -10.67
CA THR C 186 -4.20 -17.42 -9.67
C THR C 186 -2.67 -17.43 -9.62
N LEU C 187 -2.10 -16.36 -9.06
CA LEU C 187 -0.66 -16.19 -8.99
C LEU C 187 -0.30 -15.40 -7.73
N GLY C 188 0.75 -15.85 -7.04
CA GLY C 188 1.13 -15.25 -5.78
C GLY C 188 1.69 -13.85 -5.96
N ALA C 189 1.61 -13.08 -4.87
CA ALA C 189 2.01 -11.68 -4.85
C ALA C 189 3.37 -11.45 -5.51
N LEU C 190 3.43 -10.42 -6.35
CA LEU C 190 4.71 -9.95 -6.85
C LEU C 190 5.53 -9.35 -5.72
N PRO C 191 6.86 -9.26 -5.88
CA PRO C 191 7.69 -8.64 -4.83
C PRO C 191 7.34 -7.17 -4.66
N SER C 192 7.60 -6.63 -3.46
CA SER C 192 7.20 -5.24 -3.21
C SER C 192 8.16 -4.24 -3.83
N GLN C 193 9.41 -4.61 -4.05
CA GLN C 193 10.36 -3.81 -4.81
C GLN C 193 10.97 -4.67 -5.92
N GLY C 194 11.40 -4.00 -6.99
CA GLY C 194 12.03 -4.69 -8.11
C GLY C 194 13.49 -5.08 -7.92
N ASP C 195 13.84 -5.68 -6.78
CA ASP C 195 15.22 -6.05 -6.47
C ASP C 195 15.43 -7.56 -6.46
N LYS C 196 14.61 -8.31 -7.18
CA LYS C 196 14.63 -9.75 -7.17
C LYS C 196 14.95 -10.26 -8.57
N GLY C 197 15.46 -11.48 -8.65
CA GLY C 197 15.74 -12.13 -9.91
C GLY C 197 14.57 -12.96 -10.38
N VAL C 198 14.86 -13.85 -11.34
CA VAL C 198 13.82 -14.69 -11.94
C VAL C 198 13.34 -15.74 -10.93
N TYR C 199 12.03 -15.98 -10.91
CA TYR C 199 11.51 -17.13 -10.18
C TYR C 199 10.31 -17.69 -10.94
N PHE C 200 9.99 -18.96 -10.67
CA PHE C 200 8.93 -19.69 -11.36
C PHE C 200 7.80 -20.09 -10.42
N ALA C 201 6.57 -20.06 -10.93
CA ALA C 201 5.39 -20.59 -10.24
C ALA C 201 4.60 -21.48 -11.19
N ASP C 202 4.13 -22.62 -10.69
CA ASP C 202 3.22 -23.47 -11.46
C ASP C 202 1.83 -22.86 -11.51
N GLY C 203 1.17 -22.98 -12.66
CA GLY C 203 -0.24 -22.68 -12.75
C GLY C 203 -1.10 -23.82 -12.25
N HIS C 204 -2.41 -23.61 -12.28
CA HIS C 204 -3.38 -24.63 -11.91
C HIS C 204 -4.32 -25.00 -13.05
N VAL C 205 -4.13 -24.45 -14.26
CA VAL C 205 -4.99 -24.76 -15.41
C VAL C 205 -4.15 -25.04 -16.64
N GLN C 206 -4.80 -25.66 -17.62
CA GLN C 206 -4.30 -25.83 -18.98
C GLN C 206 -5.42 -25.50 -19.95
N PHE C 207 -5.07 -24.98 -21.14
CA PHE C 207 -6.09 -24.80 -22.17
C PHE C 207 -6.64 -26.16 -22.60
N PRO C 208 -7.95 -26.26 -22.86
CA PRO C 208 -8.54 -27.57 -23.18
C PRO C 208 -8.00 -28.11 -24.50
N ARG C 209 -8.23 -29.41 -24.72
CA ARG C 209 -7.75 -30.07 -25.94
C ARG C 209 -8.57 -29.67 -27.17
N SER D 1 10.05 26.13 39.13
CA SER D 1 11.41 26.23 38.63
C SER D 1 11.69 25.30 37.42
N ALA D 2 10.68 24.57 36.95
CA ALA D 2 10.82 23.69 35.77
C ALA D 2 9.87 24.15 34.67
N ALA D 3 9.95 23.48 33.50
CA ALA D 3 9.07 23.85 32.40
C ALA D 3 7.62 23.48 32.70
N TRP D 4 7.40 22.33 33.36
CA TRP D 4 6.03 21.83 33.51
C TRP D 4 5.19 22.70 34.43
N ASN D 5 5.82 23.36 35.41
CA ASN D 5 5.13 24.23 36.35
C ASN D 5 5.54 25.69 36.19
N ASP D 6 5.98 26.07 35.01
CA ASP D 6 6.15 27.48 34.70
C ASP D 6 4.81 28.20 34.83
N VAL D 7 4.88 29.49 35.21
CA VAL D 7 3.68 30.26 35.50
C VAL D 7 3.22 30.95 34.22
N CYS D 8 1.94 30.76 33.89
CA CYS D 8 1.35 31.39 32.72
C CYS D 8 0.66 32.70 33.12
N SER D 9 0.98 33.79 32.43
CA SER D 9 0.24 35.03 32.57
C SER D 9 -0.70 35.13 31.38
N GLY D 10 -1.99 35.32 31.65
CA GLY D 10 -2.97 35.38 30.59
C GLY D 10 -4.23 36.09 31.00
N THR D 11 -5.30 35.86 30.25
CA THR D 11 -6.61 36.38 30.62
C THR D 11 -7.64 35.26 30.57
N ALA D 12 -8.68 35.40 31.37
CA ALA D 12 -9.75 34.42 31.47
C ALA D 12 -11.07 35.04 31.03
N THR D 13 -11.92 34.18 30.49
CA THR D 13 -13.33 34.46 30.30
C THR D 13 -14.12 33.43 31.11
N TYR D 14 -15.44 33.46 31.00
CA TYR D 14 -16.23 32.41 31.63
C TYR D 14 -17.24 31.85 30.63
N THR D 15 -17.64 30.61 30.92
CA THR D 15 -18.55 29.87 30.06
C THR D 15 -19.27 28.85 30.93
N SER D 16 -20.51 28.56 30.56
CA SER D 16 -21.25 27.52 31.26
C SER D 16 -21.08 26.15 30.61
N SER D 17 -20.34 26.07 29.51
CA SER D 17 -20.03 24.80 28.87
C SER D 17 -18.92 24.06 29.65
N GLY D 18 -18.77 22.78 29.35
CA GLY D 18 -17.70 21.98 29.93
C GLY D 18 -18.11 21.13 31.11
N TYR D 19 -19.28 21.36 31.71
CA TYR D 19 -19.73 20.45 32.76
C TYR D 19 -20.24 19.15 32.17
N SER D 20 -20.54 19.14 30.88
CA SER D 20 -21.01 17.95 30.21
C SER D 20 -20.55 18.01 28.75
N GLY D 21 -20.25 16.84 28.18
CA GLY D 21 -19.88 16.77 26.78
C GLY D 21 -18.59 17.46 26.39
N GLY D 22 -17.73 17.85 27.33
CA GLY D 22 -16.47 18.45 26.96
C GLY D 22 -15.63 17.54 26.09
N ALA D 23 -14.69 18.14 25.36
CA ALA D 23 -13.90 17.40 24.39
C ALA D 23 -13.01 16.34 25.04
N LEU D 24 -12.65 16.50 26.31
CA LEU D 24 -11.71 15.58 26.96
C LEU D 24 -12.38 14.34 27.55
N LEU D 25 -13.69 14.17 27.36
CA LEU D 25 -14.40 12.94 27.76
C LEU D 25 -14.14 12.62 29.23
N LEU D 26 -14.33 13.62 30.07
CA LEU D 26 -14.10 13.47 31.50
C LEU D 26 -15.40 13.43 32.32
N ASP D 27 -16.57 13.32 31.68
CA ASP D 27 -17.80 13.16 32.43
C ASP D 27 -17.74 11.90 33.31
N PRO D 28 -18.48 11.87 34.43
CA PRO D 28 -19.35 12.91 34.99
C PRO D 28 -18.54 13.99 35.73
N ILE D 29 -18.99 15.23 35.71
CA ILE D 29 -18.37 16.33 36.45
C ILE D 29 -19.35 16.77 37.54
N ASP D 30 -18.86 16.86 38.78
CA ASP D 30 -19.63 17.43 39.87
C ASP D 30 -20.13 18.82 39.47
N PRO D 31 -21.44 19.06 39.43
CA PRO D 31 -21.93 20.37 39.02
C PRO D 31 -21.42 21.51 39.88
N ASN D 32 -20.91 21.23 41.08
CA ASN D 32 -20.38 22.26 41.95
C ASN D 32 -18.86 22.42 41.83
N ALA D 33 -18.21 21.69 40.93
CA ALA D 33 -16.78 21.82 40.76
C ALA D 33 -16.43 23.12 40.04
N THR D 34 -15.24 23.62 40.33
CA THR D 34 -14.66 24.73 39.58
C THR D 34 -13.84 24.12 38.44
N ILE D 35 -14.22 24.43 37.19
CA ILE D 35 -13.62 23.81 36.02
C ILE D 35 -13.20 24.90 35.02
N THR D 36 -12.55 24.47 33.95
CA THR D 36 -12.02 25.38 32.97
C THR D 36 -11.86 24.65 31.64
N ALA D 37 -11.94 25.39 30.55
CA ALA D 37 -11.39 24.97 29.28
C ALA D 37 -10.02 25.61 29.11
N LEU D 38 -9.16 24.95 28.34
CA LEU D 38 -7.75 25.31 28.25
C LEU D 38 -7.39 25.62 26.80
N ASN D 39 -6.68 26.72 26.59
CA ASN D 39 -6.29 27.11 25.24
C ASN D 39 -5.37 26.05 24.64
N PRO D 40 -5.33 25.92 23.30
CA PRO D 40 -4.62 24.78 22.70
C PRO D 40 -3.12 24.78 22.95
N LYS D 41 -2.52 25.94 23.23
CA LYS D 41 -1.06 25.99 23.35
C LYS D 41 -0.58 25.28 24.62
N GLN D 42 -1.22 25.54 25.76
CA GLN D 42 -0.86 24.83 26.99
C GLN D 42 -1.55 23.49 27.12
N LEU D 43 -2.78 23.35 26.59
CA LEU D 43 -3.43 22.05 26.67
C LEU D 43 -2.61 21.00 25.92
N ASN D 44 -2.08 21.35 24.75
CA ASN D 44 -1.30 20.43 23.96
C ASN D 44 0.19 20.63 24.16
N TYR D 45 0.57 20.82 25.43
CA TYR D 45 1.95 21.01 25.87
C TYR D 45 2.90 20.08 25.13
N GLY D 46 3.97 20.67 24.59
CA GLY D 46 4.98 19.92 23.83
C GLY D 46 4.49 19.27 22.56
N GLY D 47 3.33 19.70 22.03
CA GLY D 47 2.72 19.03 20.89
C GLY D 47 1.94 17.77 21.22
N ILE D 48 1.86 17.39 22.50
CA ILE D 48 1.14 16.19 22.90
C ILE D 48 -0.32 16.54 23.04
N GLN D 49 -1.17 15.96 22.21
CA GLN D 49 -2.59 16.32 22.24
C GLN D 49 -3.17 16.00 23.63
N ALA D 50 -3.88 16.96 24.21
CA ALA D 50 -4.57 16.75 25.49
C ALA D 50 -3.60 16.45 26.64
N ALA D 51 -2.34 16.87 26.50
CA ALA D 51 -1.34 16.67 27.55
C ALA D 51 -1.83 17.11 28.93
N LEU D 52 -2.52 18.26 29.00
CA LEU D 52 -2.97 18.78 30.29
C LEU D 52 -4.44 18.46 30.55
N ALA D 53 -4.99 17.48 29.86
CA ALA D 53 -6.35 17.04 30.13
C ALA D 53 -6.45 16.45 31.53
N GLY D 54 -7.40 16.94 32.31
CA GLY D 54 -7.56 16.49 33.68
C GLY D 54 -6.61 17.09 34.67
N ALA D 55 -5.71 17.95 34.23
CA ALA D 55 -4.85 18.68 35.15
C ALA D 55 -5.69 19.48 36.14
N TYR D 56 -5.08 19.83 37.28
CA TYR D 56 -5.61 20.87 38.13
C TYR D 56 -4.70 22.08 38.05
N LEU D 57 -5.29 23.24 37.79
CA LEU D 57 -4.57 24.49 37.66
C LEU D 57 -4.94 25.40 38.83
N GLN D 58 -3.94 25.89 39.54
CA GLN D 58 -4.20 26.98 40.49
C GLN D 58 -4.19 28.29 39.71
N VAL D 59 -5.28 29.05 39.81
CA VAL D 59 -5.45 30.27 39.03
C VAL D 59 -5.53 31.44 40.01
N GLN D 60 -4.70 32.45 39.80
CA GLN D 60 -4.74 33.66 40.59
C GLN D 60 -5.32 34.77 39.73
N GLY D 61 -6.43 35.36 40.18
CA GLY D 61 -7.06 36.46 39.49
C GLY D 61 -6.89 37.77 40.24
N PRO D 62 -7.72 38.76 39.91
CA PRO D 62 -7.61 40.06 40.61
C PRO D 62 -8.04 40.03 42.06
N ARG D 63 -8.97 39.14 42.46
CA ARG D 63 -9.49 39.16 43.83
C ARG D 63 -9.27 37.87 44.62
N GLY D 64 -8.66 36.84 44.04
CA GLY D 64 -8.45 35.63 44.82
C GLY D 64 -7.76 34.55 44.02
N MET D 65 -7.76 33.34 44.59
CA MET D 65 -7.23 32.15 43.96
C MET D 65 -8.27 31.05 43.99
N VAL D 66 -8.14 30.12 43.04
CA VAL D 66 -9.08 29.02 42.86
C VAL D 66 -8.38 27.92 42.09
N THR D 67 -8.73 26.68 42.39
CA THR D 67 -8.22 25.51 41.71
C THR D 67 -9.28 24.98 40.75
N VAL D 68 -8.90 24.78 39.49
CA VAL D 68 -9.84 24.35 38.47
C VAL D 68 -9.35 23.06 37.83
N TYR D 69 -10.31 22.28 37.35
CA TYR D 69 -10.12 20.99 36.70
C TYR D 69 -10.35 21.19 35.20
N VAL D 70 -9.39 20.76 34.39
CA VAL D 70 -9.41 21.04 32.95
C VAL D 70 -10.27 19.97 32.28
N THR D 71 -11.40 20.38 31.72
CA THR D 71 -12.37 19.42 31.14
C THR D 71 -12.60 19.62 29.64
N ASP D 72 -12.08 20.70 29.06
CA ASP D 72 -12.41 20.99 27.64
C ASP D 72 -11.30 21.81 26.96
N LEU D 73 -11.39 21.97 25.65
CA LEU D 73 -10.43 22.81 24.90
C LEU D 73 -11.07 24.18 24.65
N TYR D 74 -10.34 25.27 24.90
CA TYR D 74 -10.78 26.64 24.55
C TYR D 74 -10.27 26.81 23.15
N PRO D 75 -11.06 26.49 22.12
CA PRO D 75 -10.53 26.44 20.74
C PRO D 75 -9.82 27.71 20.26
N GLU D 76 -10.35 28.88 20.57
CA GLU D 76 -9.78 30.13 20.03
C GLU D 76 -8.93 30.80 21.11
N GLY D 77 -8.91 30.23 22.31
CA GLY D 77 -8.18 30.85 23.39
C GLY D 77 -6.76 31.24 23.03
N ALA D 78 -6.36 32.45 23.40
CA ALA D 78 -5.00 32.92 23.18
C ALA D 78 -4.03 32.31 24.20
N ASP D 79 -2.75 32.61 24.01
CA ASP D 79 -1.69 32.13 24.86
C ASP D 79 -2.06 32.26 26.33
N CYS D 80 -1.88 31.18 27.08
CA CYS D 80 -2.14 31.13 28.53
C CYS D 80 -3.60 31.40 28.91
N GLY D 81 -4.51 31.50 27.93
CA GLY D 81 -5.90 31.85 28.23
C GLY D 81 -6.71 30.66 28.75
N LEU D 82 -7.70 31.00 29.60
CA LEU D 82 -8.59 30.03 30.23
C LEU D 82 -10.03 30.47 29.99
N ASP D 83 -10.91 29.50 29.74
CA ASP D 83 -12.36 29.73 29.71
C ASP D 83 -12.94 29.09 30.98
N LEU D 84 -13.04 29.88 32.04
CA LEU D 84 -13.40 29.35 33.35
C LEU D 84 -14.91 29.09 33.45
N SER D 85 -15.28 28.32 34.45
CA SER D 85 -16.69 28.18 34.81
C SER D 85 -17.10 29.30 35.76
N PRO D 86 -18.39 29.65 35.79
CA PRO D 86 -18.80 30.87 36.51
C PRO D 86 -18.42 30.90 37.98
N ASN D 87 -18.46 29.78 38.70
CA ASN D 87 -18.05 29.83 40.11
C ASN D 87 -16.55 30.07 40.24
N ALA D 88 -15.75 29.48 39.35
CA ALA D 88 -14.31 29.73 39.42
C ALA D 88 -14.00 31.20 39.12
N PHE D 89 -14.81 31.81 38.25
CA PHE D 89 -14.59 33.19 37.86
C PHE D 89 -14.92 34.14 39.01
N ALA D 90 -16.10 33.96 39.61
CA ALA D 90 -16.51 34.81 40.72
C ALA D 90 -15.61 34.60 41.94
N ALA D 91 -14.99 33.44 42.07
CA ALA D 91 -14.05 33.23 43.15
C ALA D 91 -12.83 34.13 43.06
N ILE D 92 -12.48 34.63 41.87
CA ILE D 92 -11.20 35.32 41.66
C ILE D 92 -11.35 36.65 40.94
N GLY D 93 -12.55 37.00 40.50
CA GLY D 93 -12.74 38.21 39.74
C GLY D 93 -14.20 38.63 39.81
N ASP D 94 -14.50 39.74 39.17
CA ASP D 94 -15.87 40.23 39.09
C ASP D 94 -16.41 39.95 37.68
N THR D 95 -17.53 39.22 37.61
CA THR D 95 -18.07 38.83 36.32
C THR D 95 -18.33 40.04 35.42
N SER D 96 -18.69 41.18 36.01
CA SER D 96 -18.97 42.38 35.23
C SER D 96 -17.75 42.94 34.50
N ALA D 97 -16.55 42.42 34.78
CA ALA D 97 -15.39 42.84 34.02
C ALA D 97 -15.27 42.08 32.70
N GLY D 98 -16.03 40.99 32.53
CA GLY D 98 -16.02 40.23 31.30
C GLY D 98 -14.80 39.33 31.14
N ARG D 99 -13.63 39.93 31.25
CA ARG D 99 -12.36 39.30 30.95
C ARG D 99 -11.38 39.79 32.01
N ILE D 100 -10.69 38.88 32.68
CA ILE D 100 -9.86 39.27 33.82
C ILE D 100 -8.43 38.79 33.63
N PRO D 101 -7.43 39.50 34.16
CA PRO D 101 -6.06 39.01 34.06
C PRO D 101 -5.82 37.91 35.08
N ILE D 102 -5.13 36.86 34.64
CA ILE D 102 -4.90 35.70 35.50
C ILE D 102 -3.45 35.25 35.37
N ARG D 103 -3.00 34.53 36.40
CA ARG D 103 -1.75 33.77 36.35
C ARG D 103 -2.03 32.41 36.94
N TRP D 104 -1.56 31.36 36.29
CA TRP D 104 -1.88 30.02 36.74
C TRP D 104 -0.69 29.09 36.57
N GLN D 105 -0.71 27.98 37.30
CA GLN D 105 0.25 26.92 37.08
C GLN D 105 -0.40 25.57 37.38
N VAL D 106 0.16 24.51 36.79
CA VAL D 106 -0.25 23.15 37.14
C VAL D 106 0.07 22.88 38.61
N VAL D 107 -0.86 22.22 39.32
CA VAL D 107 -0.67 21.81 40.70
C VAL D 107 -1.13 20.36 40.88
N ALA D 108 -0.83 19.80 42.05
CA ALA D 108 -1.23 18.42 42.37
C ALA D 108 -2.75 18.33 42.48
N ALA D 109 -3.32 17.29 41.87
CA ALA D 109 -4.76 17.08 41.95
C ALA D 109 -5.16 16.54 43.32
N PRO D 110 -6.31 16.93 43.84
CA PRO D 110 -6.79 16.37 45.12
C PRO D 110 -7.38 14.97 44.99
N VAL D 111 -6.60 14.04 44.48
CA VAL D 111 -7.12 12.70 44.22
C VAL D 111 -7.04 11.86 45.48
N THR D 112 -8.02 10.96 45.65
CA THR D 112 -7.91 9.86 46.60
C THR D 112 -7.83 8.56 45.82
N GLY D 113 -6.91 7.70 46.22
CA GLY D 113 -6.81 6.42 45.56
C GLY D 113 -6.06 6.48 44.25
N ASN D 114 -6.22 5.41 43.49
CA ASN D 114 -5.36 5.16 42.35
C ASN D 114 -5.98 5.70 41.06
N VAL D 115 -5.19 5.64 39.98
CA VAL D 115 -5.68 6.07 38.68
C VAL D 115 -6.77 5.12 38.22
N VAL D 116 -7.61 5.62 37.31
CA VAL D 116 -8.72 4.87 36.75
C VAL D 116 -8.60 4.90 35.24
N TYR D 117 -8.74 3.73 34.62
CA TYR D 117 -8.70 3.58 33.18
C TYR D 117 -10.11 3.56 32.62
N ARG D 118 -10.31 4.27 31.52
CA ARG D 118 -11.54 4.28 30.75
C ARG D 118 -11.24 3.74 29.37
N ILE D 119 -11.96 2.70 28.96
CA ILE D 119 -11.77 2.11 27.64
C ILE D 119 -12.89 2.58 26.74
N LYS D 120 -12.53 3.32 25.69
CA LYS D 120 -13.49 3.80 24.71
C LYS D 120 -14.25 2.62 24.08
N GLU D 121 -15.52 2.87 23.77
CA GLU D 121 -16.31 1.95 22.97
C GLU D 121 -15.60 1.65 21.65
N GLY D 122 -15.72 0.39 21.20
CA GLY D 122 -15.08 0.00 19.96
C GLY D 122 -13.61 -0.36 20.09
N SER D 123 -13.06 -0.38 21.30
CA SER D 123 -11.69 -0.82 21.49
C SER D 123 -11.61 -2.33 21.41
N SER D 124 -10.45 -2.80 20.96
CA SER D 124 -10.23 -4.21 20.69
C SER D 124 -8.74 -4.46 20.71
N GLN D 125 -8.38 -5.74 20.55
CA GLN D 125 -7.00 -6.11 20.32
C GLN D 125 -6.41 -5.49 19.06
N TYR D 126 -7.24 -4.98 18.13
CA TYR D 126 -6.76 -4.42 16.86
C TYR D 126 -6.53 -2.92 16.96
N TRP D 127 -7.49 -2.20 17.55
CA TRP D 127 -7.45 -0.76 17.73
C TRP D 127 -8.13 -0.45 19.06
N ALA D 128 -7.49 0.36 19.89
CA ALA D 128 -8.00 0.65 21.23
C ALA D 128 -7.66 2.07 21.64
N ALA D 129 -8.58 2.68 22.39
CA ALA D 129 -8.43 4.01 22.97
C ALA D 129 -8.56 3.87 24.48
N ILE D 130 -7.49 4.16 25.22
CA ILE D 130 -7.50 4.04 26.68
C ILE D 130 -7.26 5.41 27.30
N GLN D 131 -8.18 5.84 28.14
CA GLN D 131 -8.05 7.09 28.89
C GLN D 131 -7.55 6.80 30.29
N VAL D 132 -6.69 7.68 30.81
CA VAL D 132 -6.27 7.64 32.20
C VAL D 132 -6.90 8.82 32.90
N ARG D 133 -7.52 8.53 34.05
CA ARG D 133 -8.36 9.44 34.79
C ARG D 133 -7.94 9.38 36.26
N ASN D 134 -8.25 10.44 37.02
CA ASN D 134 -7.98 10.49 38.47
C ASN D 134 -6.47 10.43 38.73
N HIS D 135 -5.69 11.14 37.92
CA HIS D 135 -4.23 11.17 38.04
C HIS D 135 -3.81 12.41 38.83
N ARG D 136 -2.79 12.24 39.67
CA ARG D 136 -2.37 13.35 40.52
C ARG D 136 -1.75 14.47 39.68
N TYR D 137 -1.06 14.10 38.61
CA TYR D 137 -0.45 15.05 37.70
C TYR D 137 -0.79 14.68 36.26
N PRO D 138 -0.75 15.65 35.34
CA PRO D 138 -1.06 15.36 33.93
C PRO D 138 -0.22 14.22 33.40
N VAL D 139 -0.83 13.36 32.58
CA VAL D 139 -0.19 12.16 32.04
C VAL D 139 0.24 12.43 30.59
N VAL D 140 1.55 12.37 30.33
CA VAL D 140 2.09 12.72 29.02
C VAL D 140 2.69 11.52 28.28
N LYS D 141 2.63 10.32 28.83
CA LYS D 141 3.20 9.18 28.10
C LYS D 141 2.59 7.89 28.61
N PHE D 142 2.13 7.06 27.67
CA PHE D 142 1.46 5.79 27.93
C PHE D 142 2.20 4.72 27.16
N GLU D 143 2.77 3.76 27.87
CA GLU D 143 3.49 2.63 27.27
C GLU D 143 2.85 1.34 27.73
N TYR D 144 2.85 0.34 26.86
CA TYR D 144 2.50 -1.03 27.24
C TYR D 144 3.57 -1.99 26.73
N LYS D 145 3.67 -3.14 27.40
CA LYS D 145 4.69 -4.14 27.09
C LYS D 145 4.22 -5.07 25.98
N LYS D 146 5.08 -5.26 24.98
CA LYS D 146 4.85 -6.21 23.90
C LYS D 146 6.17 -6.89 23.59
N ASN D 147 6.19 -8.22 23.74
CA ASN D 147 7.32 -9.08 23.35
C ASN D 147 8.64 -8.59 23.93
N GLY D 148 8.59 -8.07 25.16
CA GLY D 148 9.76 -7.70 25.89
C GLY D 148 10.08 -6.21 25.92
N ASP D 149 9.48 -5.41 25.03
CA ASP D 149 9.81 -3.98 24.93
C ASP D 149 8.61 -3.11 25.27
N TRP D 150 8.88 -1.91 25.77
CA TRP D 150 7.83 -0.93 25.91
C TRP D 150 7.49 -0.32 24.56
N VAL D 151 6.21 0.02 24.39
CA VAL D 151 5.70 0.63 23.16
C VAL D 151 4.88 1.84 23.55
N SER D 152 5.27 3.02 23.04
CA SER D 152 4.67 4.28 23.40
C SER D 152 3.46 4.58 22.52
N LEU D 153 2.42 5.15 23.10
CA LEU D 153 1.18 5.40 22.40
C LEU D 153 0.89 6.89 22.34
N PRO D 154 0.45 7.41 21.18
CA PRO D 154 0.14 8.85 21.10
C PRO D 154 -1.15 9.16 21.83
N LYS D 155 -1.16 10.29 22.53
CA LYS D 155 -2.36 10.83 23.13
C LYS D 155 -3.15 11.61 22.08
N THR D 156 -4.48 11.56 22.18
CA THR D 156 -5.35 12.25 21.23
C THR D 156 -6.04 13.44 21.88
N ALA D 157 -6.66 14.29 21.03
CA ALA D 157 -7.40 15.46 21.52
C ALA D 157 -8.64 15.07 22.32
N TYR D 158 -9.15 13.84 22.21
CA TYR D 158 -10.21 13.41 23.11
C TYR D 158 -9.67 12.67 24.35
N ASN D 159 -8.42 12.97 24.75
CA ASN D 159 -7.87 12.59 26.06
C ASN D 159 -7.85 11.08 26.26
N HIS D 160 -7.58 10.34 25.19
CA HIS D 160 -7.29 8.92 25.25
C HIS D 160 -5.93 8.66 24.58
N PHE D 161 -5.28 7.58 24.97
CA PHE D 161 -4.11 7.06 24.27
C PHE D 161 -4.54 5.91 23.37
N VAL D 162 -4.03 5.89 22.13
CA VAL D 162 -4.52 5.03 21.06
C VAL D 162 -3.41 4.07 20.64
N GLY D 163 -3.76 2.81 20.49
CA GLY D 163 -2.80 1.80 20.09
C GLY D 163 -3.39 0.81 19.12
N GLU D 164 -2.55 0.32 18.22
CA GLU D 164 -2.92 -0.64 17.21
C GLU D 164 -2.24 -1.97 17.53
N GLN D 165 -2.92 -3.07 17.14
CA GLN D 165 -2.43 -4.44 17.39
C GLN D 165 -1.94 -4.63 18.83
N MET D 166 -2.75 -4.20 19.77
CA MET D 166 -2.31 -4.34 21.16
C MET D 166 -2.47 -5.75 21.71
N GLY D 167 -3.21 -6.64 21.03
CA GLY D 167 -3.38 -7.99 21.51
C GLY D 167 -4.54 -8.10 22.48
N ALA D 168 -4.92 -9.35 22.75
CA ALA D 168 -6.09 -9.67 23.59
C ALA D 168 -5.67 -10.33 24.89
N GLN D 169 -4.45 -10.07 25.34
CA GLN D 169 -3.94 -10.64 26.57
C GLN D 169 -3.79 -9.56 27.65
N LEU D 170 -3.43 -10.01 28.85
CA LEU D 170 -3.29 -9.09 29.96
C LEU D 170 -2.16 -8.10 29.68
N LEU D 171 -2.38 -6.84 30.03
CA LEU D 171 -1.56 -5.72 29.57
C LEU D 171 -0.70 -5.19 30.72
N GLU D 172 0.60 -5.09 30.48
CA GLU D 172 1.49 -4.40 31.40
C GLU D 172 1.70 -3.00 30.85
N ILE D 173 1.33 -1.98 31.61
CA ILE D 173 1.39 -0.62 31.11
C ILE D 173 2.33 0.20 31.99
N ARG D 174 2.77 1.33 31.44
CA ARG D 174 3.67 2.23 32.14
C ARG D 174 3.31 3.67 31.82
N LEU D 175 3.12 4.48 32.86
CA LEU D 175 2.65 5.85 32.74
C LEU D 175 3.73 6.81 33.20
N THR D 176 3.90 7.91 32.45
CA THR D 176 4.78 9.01 32.86
C THR D 176 3.95 10.28 33.00
N ASP D 177 4.07 10.94 34.14
CA ASP D 177 3.38 12.21 34.33
C ASP D 177 4.29 13.34 33.84
N ILE D 178 3.78 14.57 33.91
CA ILE D 178 4.48 15.68 33.28
C ILE D 178 5.77 16.05 34.01
N ARG D 179 5.98 15.58 35.24
CA ARG D 179 7.22 15.80 35.98
C ARG D 179 8.31 14.78 35.69
N GLY D 180 8.01 13.73 34.91
CA GLY D 180 8.93 12.63 34.76
C GLY D 180 8.77 11.52 35.78
N GLN D 181 7.73 11.56 36.61
CA GLN D 181 7.49 10.46 37.54
C GLN D 181 6.84 9.28 36.84
N VAL D 182 7.34 8.08 37.13
CA VAL D 182 6.97 6.87 36.39
C VAL D 182 6.29 5.90 37.35
N VAL D 183 5.12 5.39 36.94
CA VAL D 183 4.46 4.24 37.56
C VAL D 183 4.18 3.19 36.50
N THR D 184 4.03 1.95 36.94
CA THR D 184 3.64 0.83 36.09
C THR D 184 2.48 0.09 36.75
N ASP D 185 1.71 -0.64 35.96
CA ASP D 185 0.41 -1.15 36.36
C ASP D 185 0.03 -2.29 35.43
N THR D 186 -1.09 -2.96 35.72
CA THR D 186 -1.69 -3.93 34.82
C THR D 186 -3.11 -3.53 34.47
N LEU D 187 -3.53 -3.89 33.28
CA LEU D 187 -4.87 -3.64 32.78
C LEU D 187 -5.39 -4.96 32.24
N GLY D 188 -6.65 -5.27 32.55
CA GLY D 188 -7.26 -6.47 31.99
C GLY D 188 -7.21 -6.44 30.47
N ALA D 189 -7.26 -7.62 29.87
CA ALA D 189 -7.19 -7.76 28.43
C ALA D 189 -8.30 -6.95 27.76
N LEU D 190 -7.97 -6.45 26.56
CA LEU D 190 -8.93 -5.74 25.74
C LEU D 190 -9.89 -6.74 25.09
N PRO D 191 -11.11 -6.31 24.72
CA PRO D 191 -12.03 -7.20 23.99
C PRO D 191 -11.41 -7.64 22.68
N SER D 192 -11.80 -8.82 22.23
CA SER D 192 -11.17 -9.42 21.07
C SER D 192 -11.73 -8.89 19.76
N GLN D 193 -12.93 -8.30 19.77
CA GLN D 193 -13.53 -7.62 18.65
C GLN D 193 -14.04 -6.27 19.13
N GLY D 194 -14.11 -5.29 18.23
CA GLY D 194 -14.48 -3.96 18.68
C GLY D 194 -15.97 -3.69 18.83
N ASP D 195 -16.69 -4.54 19.56
CA ASP D 195 -18.14 -4.46 19.60
C ASP D 195 -18.69 -4.15 21.00
N LYS D 196 -17.88 -3.54 21.87
CA LYS D 196 -18.28 -3.24 23.23
C LYS D 196 -18.30 -1.74 23.43
N GLY D 197 -19.07 -1.30 24.43
CA GLY D 197 -19.13 0.10 24.80
C GLY D 197 -18.08 0.48 25.82
N VAL D 198 -18.23 1.70 26.37
CA VAL D 198 -17.37 2.19 27.46
C VAL D 198 -17.40 1.26 28.65
N TYR D 199 -16.26 1.13 29.33
CA TYR D 199 -16.19 0.55 30.68
C TYR D 199 -14.96 1.07 31.40
N PHE D 200 -14.96 0.95 32.72
CA PHE D 200 -13.92 1.52 33.56
C PHE D 200 -13.26 0.45 34.38
N ALA D 201 -11.93 0.49 34.42
CA ALA D 201 -11.13 -0.45 35.19
C ALA D 201 -10.34 0.32 36.22
N ASP D 202 -10.33 -0.16 37.48
CA ASP D 202 -9.52 0.45 38.53
C ASP D 202 -8.04 0.18 38.32
N GLY D 203 -7.22 1.25 38.41
CA GLY D 203 -5.78 1.07 38.45
C GLY D 203 -5.27 0.76 39.86
N HIS D 204 -3.97 0.48 39.95
CA HIS D 204 -3.38 0.05 41.23
C HIS D 204 -2.26 0.96 41.70
N VAL D 205 -2.02 2.08 41.02
CA VAL D 205 -0.92 2.96 41.36
C VAL D 205 -1.38 4.40 41.21
N GLN D 206 -0.59 5.31 41.78
CA GLN D 206 -0.78 6.75 41.73
C GLN D 206 0.60 7.41 41.73
N PHE D 207 0.73 8.50 40.98
CA PHE D 207 2.00 9.20 40.96
C PHE D 207 2.27 9.80 42.34
N PRO D 208 3.53 9.85 42.76
CA PRO D 208 3.83 10.34 44.13
C PRO D 208 3.52 11.82 44.27
N ARG D 209 3.51 12.27 45.52
CA ARG D 209 3.25 13.69 45.84
C ARG D 209 4.40 14.60 45.45
N ALA E 3 -18.80 43.61 3.75
CA ALA E 3 -19.96 43.78 2.89
C ALA E 3 -20.66 42.45 2.57
N TRP E 4 -20.37 41.37 3.32
CA TRP E 4 -21.15 40.16 3.16
C TRP E 4 -22.55 40.33 3.76
N ASN E 5 -22.62 41.06 4.88
CA ASN E 5 -23.86 41.43 5.55
C ASN E 5 -24.60 42.59 4.86
N ASP E 6 -24.04 43.14 3.79
CA ASP E 6 -24.64 44.31 3.14
C ASP E 6 -26.01 43.96 2.54
N VAL E 7 -26.94 44.90 2.65
CA VAL E 7 -28.29 44.71 2.16
C VAL E 7 -28.32 45.01 0.67
N CYS E 8 -28.74 44.05 -0.13
CA CYS E 8 -28.88 44.27 -1.56
C CYS E 8 -30.22 44.93 -1.88
N SER E 9 -30.25 45.73 -2.94
CA SER E 9 -31.50 46.25 -3.49
C SER E 9 -31.60 45.90 -4.96
N GLY E 10 -32.69 45.28 -5.36
CA GLY E 10 -32.83 44.83 -6.72
C GLY E 10 -34.25 44.46 -7.04
N THR E 11 -34.41 43.60 -8.04
CA THR E 11 -35.72 43.13 -8.43
C THR E 11 -35.72 41.61 -8.52
N ALA E 12 -36.89 41.02 -8.29
CA ALA E 12 -37.06 39.57 -8.32
C ALA E 12 -38.06 39.20 -9.40
N THR E 13 -37.69 38.22 -10.22
CA THR E 13 -38.62 37.51 -11.08
C THR E 13 -38.88 36.14 -10.47
N TYR E 14 -39.64 35.30 -11.17
CA TYR E 14 -39.87 33.95 -10.69
C TYR E 14 -39.77 32.97 -11.84
N THR E 15 -39.60 31.70 -11.48
CA THR E 15 -39.37 30.58 -12.38
C THR E 15 -39.53 29.31 -11.57
N SER E 16 -39.94 28.24 -12.25
CA SER E 16 -40.12 26.95 -11.63
C SER E 16 -38.89 26.04 -11.78
N SER E 17 -37.76 26.59 -12.22
CA SER E 17 -36.51 25.82 -12.23
C SER E 17 -35.82 25.90 -10.86
N GLY E 18 -34.77 25.09 -10.69
CA GLY E 18 -33.94 25.11 -9.50
C GLY E 18 -34.16 23.94 -8.56
N TYR E 19 -35.40 23.45 -8.47
CA TYR E 19 -35.68 22.27 -7.64
C TYR E 19 -34.95 21.03 -8.11
N SER E 20 -34.53 21.00 -9.37
CA SER E 20 -33.73 19.89 -9.84
C SER E 20 -32.89 20.37 -11.02
N GLY E 21 -31.71 19.77 -11.17
CA GLY E 21 -30.83 20.10 -12.26
C GLY E 21 -30.21 21.48 -12.23
N GLY E 22 -30.35 22.22 -11.13
CA GLY E 22 -29.72 23.52 -11.02
C GLY E 22 -28.21 23.41 -11.12
N ALA E 23 -27.55 24.55 -11.37
CA ALA E 23 -26.11 24.55 -11.65
C ALA E 23 -25.27 24.28 -10.40
N LEU E 24 -25.83 24.51 -9.22
CA LEU E 24 -25.05 24.38 -8.00
C LEU E 24 -25.06 22.96 -7.46
N LEU E 25 -25.69 22.03 -8.18
CA LEU E 25 -25.66 20.61 -7.86
C LEU E 25 -26.05 20.36 -6.41
N LEU E 26 -27.11 21.03 -5.96
CA LEU E 26 -27.57 20.86 -4.59
C LEU E 26 -28.73 19.86 -4.47
N ASP E 27 -29.09 19.18 -5.56
CA ASP E 27 -30.13 18.16 -5.52
C ASP E 27 -29.78 17.09 -4.49
N PRO E 28 -30.79 16.46 -3.86
CA PRO E 28 -32.23 16.66 -4.06
C PRO E 28 -32.77 17.86 -3.25
N ILE E 29 -33.61 18.72 -3.83
CA ILE E 29 -34.19 19.83 -3.07
C ILE E 29 -35.54 19.39 -2.54
N ASP E 30 -35.75 19.60 -1.25
CA ASP E 30 -37.03 19.44 -0.59
C ASP E 30 -38.11 20.18 -1.39
N PRO E 31 -39.14 19.47 -1.89
CA PRO E 31 -40.18 20.18 -2.66
C PRO E 31 -40.83 21.32 -1.91
N ASN E 32 -40.77 21.31 -0.57
CA ASN E 32 -41.33 22.38 0.24
C ASN E 32 -40.45 23.63 0.28
N ALA E 33 -39.17 23.51 -0.07
CA ALA E 33 -38.21 24.60 0.10
C ALA E 33 -38.57 25.82 -0.73
N THR E 34 -38.32 27.00 -0.15
CA THR E 34 -38.30 28.25 -0.91
C THR E 34 -36.88 28.46 -1.43
N ILE E 35 -36.71 28.52 -2.75
CA ILE E 35 -35.39 28.56 -3.37
C ILE E 35 -35.30 29.78 -4.28
N THR E 36 -34.11 30.01 -4.81
CA THR E 36 -33.85 31.12 -5.71
C THR E 36 -32.63 30.80 -6.57
N ALA E 37 -32.57 31.46 -7.72
CA ALA E 37 -31.33 31.59 -8.48
C ALA E 37 -30.73 32.97 -8.20
N LEU E 38 -29.40 33.04 -8.15
CA LEU E 38 -28.70 34.25 -7.79
C LEU E 38 -27.92 34.78 -8.98
N ASN E 39 -27.92 36.11 -9.16
CA ASN E 39 -27.22 36.74 -10.27
C ASN E 39 -25.71 36.51 -10.15
N PRO E 40 -24.97 36.67 -11.25
CA PRO E 40 -23.52 36.39 -11.19
C PRO E 40 -22.74 37.29 -10.25
N LYS E 41 -23.13 38.55 -10.06
CA LYS E 41 -22.28 39.43 -9.25
C LYS E 41 -22.25 39.02 -7.77
N GLN E 42 -23.41 38.69 -7.18
CA GLN E 42 -23.39 38.21 -5.80
C GLN E 42 -23.05 36.73 -5.71
N LEU E 43 -23.49 35.90 -6.65
CA LEU E 43 -23.21 34.46 -6.56
C LEU E 43 -21.71 34.19 -6.59
N ASN E 44 -21.01 34.81 -7.54
CA ASN E 44 -19.57 34.70 -7.67
C ASN E 44 -18.86 35.85 -6.97
N TYR E 45 -19.34 36.19 -5.77
CA TYR E 45 -18.71 37.17 -4.88
C TYR E 45 -17.20 37.08 -4.87
N GLY E 46 -16.55 38.20 -5.13
CA GLY E 46 -15.09 38.29 -5.02
C GLY E 46 -14.33 37.47 -6.04
N GLY E 47 -14.90 37.25 -7.22
CA GLY E 47 -14.29 36.40 -8.20
C GLY E 47 -14.41 34.92 -7.93
N ILE E 48 -14.79 34.52 -6.71
CA ILE E 48 -14.84 33.12 -6.32
C ILE E 48 -16.16 32.52 -6.78
N GLN E 49 -16.09 31.57 -7.71
CA GLN E 49 -17.28 30.98 -8.32
C GLN E 49 -18.14 30.26 -7.27
N ALA E 50 -19.45 30.49 -7.33
CA ALA E 50 -20.41 29.87 -6.40
C ALA E 50 -20.12 30.23 -4.95
N ALA E 51 -19.60 31.45 -4.72
CA ALA E 51 -19.29 31.88 -3.36
C ALA E 51 -20.51 31.77 -2.45
N LEU E 52 -21.67 32.25 -2.92
CA LEU E 52 -22.91 32.24 -2.15
C LEU E 52 -23.76 31.00 -2.40
N ALA E 53 -23.21 29.97 -3.05
CA ALA E 53 -24.00 28.76 -3.29
C ALA E 53 -24.45 28.15 -1.98
N GLY E 54 -25.73 27.83 -1.89
CA GLY E 54 -26.24 27.23 -0.67
C GLY E 54 -26.44 28.21 0.46
N ALA E 55 -26.35 29.50 0.17
CA ALA E 55 -26.68 30.53 1.14
C ALA E 55 -28.18 30.58 1.39
N TYR E 56 -28.54 31.24 2.48
CA TYR E 56 -29.92 31.60 2.76
C TYR E 56 -30.00 33.11 2.72
N LEU E 57 -30.85 33.62 1.82
CA LEU E 57 -31.11 35.06 1.69
C LEU E 57 -32.46 35.37 2.30
N GLN E 58 -32.49 36.40 3.14
CA GLN E 58 -33.74 36.93 3.68
C GLN E 58 -34.22 38.04 2.75
N VAL E 59 -35.27 37.74 1.97
CA VAL E 59 -35.74 38.64 0.93
C VAL E 59 -37.01 39.34 1.41
N GLN E 60 -36.97 40.65 1.48
CA GLN E 60 -38.15 41.44 1.84
C GLN E 60 -38.75 41.99 0.55
N GLY E 61 -40.05 41.79 0.39
CA GLY E 61 -40.77 42.30 -0.75
C GLY E 61 -41.97 43.10 -0.31
N PRO E 62 -42.79 43.55 -1.27
CA PRO E 62 -43.96 44.39 -0.91
C PRO E 62 -44.87 43.78 0.15
N ARG E 63 -45.33 42.54 -0.05
CA ARG E 63 -46.33 41.96 0.83
C ARG E 63 -45.75 41.15 1.99
N GLY E 64 -44.44 40.90 2.01
CA GLY E 64 -43.89 40.13 3.10
C GLY E 64 -42.41 39.86 2.96
N MET E 65 -41.97 38.84 3.70
CA MET E 65 -40.55 38.54 3.86
C MET E 65 -40.40 37.03 3.95
N VAL E 66 -39.49 36.49 3.14
CA VAL E 66 -39.27 35.05 3.07
C VAL E 66 -37.76 34.82 3.00
N THR E 67 -37.36 33.59 3.34
CA THR E 67 -35.97 33.16 3.30
C THR E 67 -35.79 32.04 2.26
N VAL E 68 -34.86 32.23 1.33
CA VAL E 68 -34.69 31.33 0.19
C VAL E 68 -33.28 30.72 0.20
N TYR E 69 -33.12 29.70 -0.62
CA TYR E 69 -31.96 28.81 -0.62
C TYR E 69 -31.33 28.82 -2.02
N VAL E 70 -30.18 29.45 -2.17
CA VAL E 70 -29.56 29.63 -3.49
C VAL E 70 -29.16 28.27 -4.05
N THR E 71 -29.83 27.82 -5.12
CA THR E 71 -29.51 26.56 -5.78
C THR E 71 -29.10 26.71 -7.25
N ASP E 72 -29.06 27.92 -7.79
CA ASP E 72 -28.85 28.01 -9.23
C ASP E 72 -28.27 29.39 -9.56
N LEU E 73 -27.65 29.47 -10.73
CA LEU E 73 -27.23 30.75 -11.28
C LEU E 73 -28.39 31.36 -12.06
N TYR E 74 -28.59 32.66 -11.89
CA TYR E 74 -29.57 33.47 -12.62
C TYR E 74 -28.84 34.20 -13.75
N PRO E 75 -28.66 33.57 -14.92
CA PRO E 75 -27.62 34.03 -15.87
C PRO E 75 -27.70 35.50 -16.27
N GLU E 76 -28.83 35.93 -16.83
CA GLU E 76 -28.97 37.30 -17.28
C GLU E 76 -29.41 38.24 -16.16
N GLY E 77 -29.42 37.77 -14.91
CA GLY E 77 -29.88 38.60 -13.82
C GLY E 77 -28.95 39.80 -13.60
N ALA E 78 -29.57 40.96 -13.34
CA ALA E 78 -28.84 42.17 -13.05
C ALA E 78 -28.35 42.15 -11.60
N ASP E 79 -27.61 43.20 -11.23
CA ASP E 79 -27.10 43.36 -9.87
C ASP E 79 -28.23 43.18 -8.86
N CYS E 80 -27.94 42.43 -7.80
CA CYS E 80 -28.90 42.18 -6.71
C CYS E 80 -30.18 41.50 -7.19
N GLY E 81 -30.19 40.93 -8.40
CA GLY E 81 -31.40 40.29 -8.91
C GLY E 81 -31.55 38.84 -8.44
N LEU E 82 -32.79 38.47 -8.14
CA LEU E 82 -33.15 37.10 -7.76
C LEU E 82 -34.21 36.55 -8.70
N ASP E 83 -34.09 35.27 -9.03
CA ASP E 83 -35.11 34.53 -9.79
C ASP E 83 -35.71 33.50 -8.82
N LEU E 84 -36.82 33.87 -8.17
CA LEU E 84 -37.37 33.12 -7.05
C LEU E 84 -38.22 31.94 -7.53
N SER E 85 -38.47 30.99 -6.60
CA SER E 85 -39.45 29.96 -6.88
C SER E 85 -40.86 30.53 -6.67
N PRO E 86 -41.87 29.96 -7.33
CA PRO E 86 -43.24 30.48 -7.20
C PRO E 86 -43.73 30.60 -5.75
N ASN E 87 -43.46 29.63 -4.88
CA ASN E 87 -43.95 29.75 -3.50
C ASN E 87 -43.28 30.90 -2.77
N ALA E 88 -42.02 31.21 -3.07
CA ALA E 88 -41.36 32.31 -2.37
C ALA E 88 -41.81 33.66 -2.91
N PHE E 89 -42.01 33.73 -4.23
CA PHE E 89 -42.49 34.96 -4.86
C PHE E 89 -43.88 35.34 -4.35
N ALA E 90 -44.77 34.35 -4.20
CA ALA E 90 -46.14 34.62 -3.76
C ALA E 90 -46.20 35.09 -2.31
N ALA E 91 -45.26 34.66 -1.47
CA ALA E 91 -45.29 35.09 -0.08
C ALA E 91 -44.94 36.56 0.09
N ILE E 92 -44.12 37.13 -0.80
CA ILE E 92 -43.62 38.49 -0.62
C ILE E 92 -44.20 39.49 -1.62
N GLY E 93 -44.76 39.04 -2.75
CA GLY E 93 -45.32 39.95 -3.73
C GLY E 93 -46.57 39.37 -4.37
N ASP E 94 -47.21 40.18 -5.20
CA ASP E 94 -48.33 39.70 -5.99
C ASP E 94 -47.79 39.01 -7.24
N THR E 95 -48.20 37.75 -7.45
CA THR E 95 -47.72 36.97 -8.58
C THR E 95 -48.16 37.57 -9.91
N SER E 96 -49.19 38.43 -9.91
CA SER E 96 -49.59 39.12 -11.12
C SER E 96 -48.47 39.98 -11.69
N ALA E 97 -47.60 40.51 -10.82
CA ALA E 97 -46.61 41.50 -11.24
C ALA E 97 -45.59 40.91 -12.21
N GLY E 98 -45.07 39.74 -11.90
CA GLY E 98 -43.99 39.16 -12.68
C GLY E 98 -42.62 39.68 -12.32
N ARG E 99 -42.56 40.91 -11.79
CA ARG E 99 -41.32 41.55 -11.34
C ARG E 99 -41.68 42.44 -10.15
N ILE E 100 -40.86 42.39 -9.09
CA ILE E 100 -41.14 43.14 -7.86
C ILE E 100 -39.83 43.63 -7.27
N PRO E 101 -39.86 44.79 -6.58
CA PRO E 101 -38.67 45.26 -5.85
C PRO E 101 -38.41 44.42 -4.59
N ILE E 102 -37.12 44.21 -4.29
CA ILE E 102 -36.69 43.39 -3.16
C ILE E 102 -35.48 44.00 -2.47
N ARG E 103 -35.39 43.78 -1.16
CA ARG E 103 -34.25 44.15 -0.33
C ARG E 103 -33.86 42.93 0.49
N TRP E 104 -32.67 42.38 0.24
CA TRP E 104 -32.29 41.13 0.88
C TRP E 104 -30.88 41.19 1.45
N GLN E 105 -30.58 40.22 2.32
CA GLN E 105 -29.24 40.08 2.86
C GLN E 105 -29.03 38.63 3.27
N VAL E 106 -27.78 38.18 3.17
CA VAL E 106 -27.40 36.84 3.62
C VAL E 106 -27.71 36.69 5.11
N VAL E 107 -28.38 35.59 5.46
CA VAL E 107 -28.66 35.24 6.85
C VAL E 107 -28.13 33.83 7.11
N ALA E 108 -28.21 33.42 8.37
CA ALA E 108 -27.74 32.12 8.79
C ALA E 108 -28.77 31.05 8.41
N ALA E 109 -28.31 30.01 7.73
CA ALA E 109 -29.17 28.87 7.41
C ALA E 109 -29.60 28.15 8.69
N PRO E 110 -30.87 27.75 8.80
CA PRO E 110 -31.32 27.06 10.02
C PRO E 110 -30.92 25.58 10.02
N VAL E 111 -29.63 25.32 10.04
CA VAL E 111 -29.14 23.95 9.91
C VAL E 111 -29.24 23.23 11.25
N THR E 112 -29.43 21.92 11.18
CA THR E 112 -29.22 21.02 12.31
C THR E 112 -28.10 20.05 11.97
N GLY E 113 -27.26 19.77 12.94
CA GLY E 113 -26.19 18.82 12.72
C GLY E 113 -25.00 19.49 12.04
N ASN E 114 -24.08 18.65 11.59
CA ASN E 114 -22.84 19.14 11.02
C ASN E 114 -22.94 19.27 9.51
N VAL E 115 -21.91 19.87 8.93
CA VAL E 115 -21.81 19.99 7.48
C VAL E 115 -21.77 18.58 6.89
N VAL E 116 -22.02 18.49 5.58
CA VAL E 116 -22.00 17.24 4.85
C VAL E 116 -21.09 17.41 3.65
N TYR E 117 -20.31 16.37 3.35
CA TYR E 117 -19.44 16.34 2.19
C TYR E 117 -20.07 15.49 1.11
N ARG E 118 -20.18 16.05 -0.09
CA ARG E 118 -20.67 15.36 -1.27
C ARG E 118 -19.48 15.21 -2.20
N ILE E 119 -19.11 13.96 -2.51
CA ILE E 119 -17.96 13.69 -3.34
C ILE E 119 -18.46 13.46 -4.76
N LYS E 120 -18.01 14.27 -5.71
CA LYS E 120 -18.53 14.19 -7.07
C LYS E 120 -18.05 12.91 -7.74
N GLU E 121 -18.90 12.36 -8.60
CA GLU E 121 -18.53 11.21 -9.40
C GLU E 121 -17.24 11.48 -10.16
N GLY E 122 -16.47 10.42 -10.39
CA GLY E 122 -15.18 10.54 -11.02
C GLY E 122 -14.07 11.02 -10.11
N SER E 123 -14.32 11.19 -8.82
CA SER E 123 -13.31 11.72 -7.91
C SER E 123 -12.32 10.65 -7.50
N SER E 124 -11.05 11.05 -7.32
CA SER E 124 -9.99 10.08 -7.06
C SER E 124 -8.84 10.77 -6.36
N GLN E 125 -7.82 9.97 -6.03
CA GLN E 125 -6.55 10.50 -5.58
C GLN E 125 -5.90 11.43 -6.60
N TYR E 126 -6.26 11.31 -7.88
CA TYR E 126 -5.70 12.12 -8.95
C TYR E 126 -6.45 13.42 -9.20
N TRP E 127 -7.77 13.35 -9.20
CA TRP E 127 -8.63 14.51 -9.44
C TRP E 127 -9.88 14.31 -8.61
N ALA E 128 -10.24 15.29 -7.80
CA ALA E 128 -11.44 15.15 -6.99
C ALA E 128 -12.15 16.49 -6.89
N ALA E 129 -13.47 16.43 -6.81
CA ALA E 129 -14.32 17.58 -6.55
C ALA E 129 -15.16 17.30 -5.31
N ILE E 130 -15.08 18.18 -4.32
CA ILE E 130 -15.75 18.01 -3.04
C ILE E 130 -16.63 19.22 -2.81
N GLN E 131 -17.93 18.98 -2.60
CA GLN E 131 -18.89 20.01 -2.26
C GLN E 131 -19.24 19.92 -0.78
N VAL E 132 -19.44 21.08 -0.17
CA VAL E 132 -19.87 21.20 1.22
C VAL E 132 -21.31 21.70 1.20
N ARG E 133 -22.23 20.91 1.76
CA ARG E 133 -23.61 21.33 1.96
C ARG E 133 -23.94 21.28 3.45
N ASN E 134 -25.14 21.75 3.79
CA ASN E 134 -25.61 21.86 5.18
C ASN E 134 -24.69 22.77 6.01
N HIS E 135 -24.22 23.87 5.41
CA HIS E 135 -23.38 24.83 6.10
C HIS E 135 -24.20 26.01 6.61
N ARG E 136 -23.91 26.44 7.85
CA ARG E 136 -24.68 27.53 8.45
C ARG E 136 -24.55 28.81 7.63
N TYR E 137 -23.36 29.09 7.11
CA TYR E 137 -23.06 30.24 6.27
C TYR E 137 -22.37 29.74 5.02
N PRO E 138 -22.31 30.55 3.96
CA PRO E 138 -21.68 30.10 2.71
C PRO E 138 -20.18 29.85 2.90
N VAL E 139 -19.66 28.88 2.15
CA VAL E 139 -18.28 28.45 2.29
C VAL E 139 -17.46 29.05 1.15
N VAL E 140 -16.40 29.79 1.49
CA VAL E 140 -15.62 30.52 0.50
C VAL E 140 -14.18 30.03 0.39
N LYS E 141 -13.70 29.22 1.33
CA LYS E 141 -12.37 28.64 1.21
C LYS E 141 -12.42 27.20 1.72
N PHE E 142 -11.79 26.31 0.95
CA PHE E 142 -11.66 24.88 1.28
C PHE E 142 -10.18 24.52 1.20
N GLU E 143 -9.61 24.08 2.31
CA GLU E 143 -8.21 23.68 2.34
C GLU E 143 -8.08 22.26 2.86
N TYR E 144 -7.05 21.56 2.39
CA TYR E 144 -6.69 20.27 2.96
C TYR E 144 -5.21 20.33 3.30
N LYS E 145 -4.79 19.45 4.21
CA LYS E 145 -3.45 19.46 4.74
C LYS E 145 -2.57 18.48 3.97
N LYS E 146 -1.48 19.00 3.39
CA LYS E 146 -0.48 18.20 2.72
C LYS E 146 0.85 18.45 3.43
N ASN E 147 1.43 17.37 3.98
CA ASN E 147 2.71 17.35 4.70
C ASN E 147 2.95 18.60 5.55
N GLY E 148 1.91 19.18 6.14
CA GLY E 148 2.06 20.24 7.14
C GLY E 148 1.42 21.56 6.75
N ASP E 149 1.28 21.83 5.45
CA ASP E 149 0.70 23.07 4.97
C ASP E 149 -0.74 22.85 4.51
N TRP E 150 -1.51 23.95 4.54
CA TRP E 150 -2.88 23.94 4.06
C TRP E 150 -2.91 24.32 2.58
N VAL E 151 -3.39 23.40 1.73
CA VAL E 151 -3.46 23.60 0.28
C VAL E 151 -4.87 24.06 -0.07
N SER E 152 -4.99 25.28 -0.59
CA SER E 152 -6.28 25.89 -0.85
C SER E 152 -6.81 25.49 -2.22
N LEU E 153 -8.12 25.15 -2.29
CA LEU E 153 -8.66 24.62 -3.54
C LEU E 153 -9.67 25.59 -4.16
N PRO E 154 -9.62 25.76 -5.48
CA PRO E 154 -10.59 26.63 -6.15
C PRO E 154 -12.01 26.06 -6.10
N LYS E 155 -12.97 26.93 -5.79
CA LYS E 155 -14.38 26.57 -5.89
C LYS E 155 -14.85 26.80 -7.32
N THR E 156 -15.62 25.86 -7.84
CA THR E 156 -16.11 25.92 -9.23
C THR E 156 -17.53 26.46 -9.30
N ALA E 157 -17.97 26.73 -10.55
CA ALA E 157 -19.32 27.22 -10.77
C ALA E 157 -20.38 26.18 -10.43
N TYR E 158 -20.01 24.90 -10.35
CA TYR E 158 -20.90 23.84 -9.92
C TYR E 158 -20.70 23.49 -8.45
N ASN E 159 -20.25 24.45 -7.65
CA ASN E 159 -20.33 24.36 -6.19
C ASN E 159 -19.61 23.15 -5.62
N HIS E 160 -18.49 22.76 -6.24
CA HIS E 160 -17.54 21.84 -5.61
C HIS E 160 -16.18 22.50 -5.64
N PHE E 161 -15.36 22.16 -4.66
CA PHE E 161 -13.96 22.54 -4.67
C PHE E 161 -13.17 21.45 -5.38
N VAL E 162 -12.27 21.83 -6.30
CA VAL E 162 -11.53 20.86 -7.11
C VAL E 162 -10.07 20.84 -6.68
N GLY E 163 -9.55 19.66 -6.43
CA GLY E 163 -8.15 19.47 -6.12
C GLY E 163 -7.55 18.30 -6.88
N GLU E 164 -6.32 18.47 -7.30
CA GLU E 164 -5.62 17.45 -8.06
C GLU E 164 -4.52 16.84 -7.23
N GLN E 165 -4.27 15.54 -7.44
CA GLN E 165 -3.22 14.80 -6.75
C GLN E 165 -3.38 14.84 -5.25
N MET E 166 -4.63 14.87 -4.77
CA MET E 166 -4.84 14.96 -3.32
C MET E 166 -4.44 13.68 -2.59
N GLY E 167 -4.27 12.56 -3.30
CA GLY E 167 -3.80 11.34 -2.67
C GLY E 167 -4.91 10.46 -2.15
N ALA E 168 -4.51 9.33 -1.56
CA ALA E 168 -5.45 8.30 -1.14
C ALA E 168 -5.42 8.06 0.38
N GLN E 169 -4.96 9.04 1.15
CA GLN E 169 -4.95 8.93 2.61
C GLN E 169 -6.10 9.71 3.24
N LEU E 170 -6.34 9.45 4.51
CA LEU E 170 -7.21 10.30 5.33
C LEU E 170 -6.85 11.77 5.17
N LEU E 171 -7.85 12.61 4.95
CA LEU E 171 -7.65 14.00 4.62
C LEU E 171 -8.02 14.88 5.81
N GLU E 172 -7.18 15.87 6.10
CA GLU E 172 -7.48 16.87 7.12
C GLU E 172 -7.83 18.17 6.40
N ILE E 173 -9.08 18.62 6.56
CA ILE E 173 -9.56 19.79 5.83
C ILE E 173 -9.85 20.96 6.77
N ARG E 174 -9.82 22.17 6.19
CA ARG E 174 -10.11 23.41 6.88
C ARG E 174 -11.09 24.22 6.05
N LEU E 175 -12.17 24.68 6.67
CA LEU E 175 -13.23 25.41 5.98
C LEU E 175 -13.32 26.84 6.51
N THR E 176 -13.63 27.77 5.62
CA THR E 176 -13.77 29.16 6.00
C THR E 176 -15.06 29.69 5.40
N ASP E 177 -15.95 30.24 6.22
CA ASP E 177 -17.18 30.74 5.66
C ASP E 177 -17.06 32.23 5.34
N ILE E 178 -18.14 32.81 4.79
CA ILE E 178 -18.09 34.19 4.31
C ILE E 178 -17.93 35.20 5.44
N ARG E 179 -18.04 34.77 6.71
CA ARG E 179 -17.71 35.63 7.83
C ARG E 179 -16.24 35.60 8.18
N GLY E 180 -15.47 34.68 7.60
CA GLY E 180 -14.13 34.42 8.04
C GLY E 180 -14.04 33.47 9.22
N GLN E 181 -15.12 32.78 9.55
CA GLN E 181 -15.07 31.74 10.58
C GLN E 181 -14.48 30.46 10.00
N VAL E 182 -13.60 29.85 10.78
CA VAL E 182 -12.80 28.71 10.36
C VAL E 182 -13.15 27.51 11.23
N VAL E 183 -13.29 26.34 10.61
CA VAL E 183 -13.44 25.07 11.31
C VAL E 183 -12.57 24.03 10.61
N THR E 184 -12.21 23.00 11.38
CA THR E 184 -11.31 21.95 10.96
C THR E 184 -12.01 20.60 11.11
N ASP E 185 -11.76 19.69 10.16
CA ASP E 185 -12.55 18.48 10.04
C ASP E 185 -11.68 17.43 9.37
N THR E 186 -12.12 16.18 9.46
CA THR E 186 -11.49 15.09 8.73
C THR E 186 -12.49 14.56 7.70
N LEU E 187 -11.95 13.93 6.66
CA LEU E 187 -12.75 13.34 5.60
C LEU E 187 -12.06 12.06 5.15
N GLY E 188 -12.84 10.98 5.00
CA GLY E 188 -12.26 9.71 4.59
C GLY E 188 -11.53 9.82 3.26
N ALA E 189 -10.59 8.89 3.04
CA ALA E 189 -9.79 8.89 1.83
C ALA E 189 -10.66 8.80 0.57
N LEU E 190 -10.18 9.44 -0.50
CA LEU E 190 -10.83 9.42 -1.81
C LEU E 190 -10.53 8.11 -2.54
N PRO E 191 -11.35 7.72 -3.54
CA PRO E 191 -11.08 6.48 -4.26
C PRO E 191 -9.71 6.49 -4.92
N SER E 192 -9.10 5.31 -4.99
CA SER E 192 -7.81 5.23 -5.64
C SER E 192 -7.94 5.31 -7.17
N GLN E 193 -9.14 5.12 -7.72
CA GLN E 193 -9.38 5.39 -9.12
C GLN E 193 -10.76 6.02 -9.29
N GLY E 194 -10.86 6.89 -10.28
CA GLY E 194 -12.02 7.75 -10.41
C GLY E 194 -13.20 7.24 -11.22
N ASP E 195 -13.70 6.04 -10.91
CA ASP E 195 -14.81 5.46 -11.66
C ASP E 195 -16.03 5.23 -10.76
N LYS E 196 -16.22 6.06 -9.75
CA LYS E 196 -17.31 5.87 -8.80
C LYS E 196 -18.35 6.97 -9.01
N GLY E 197 -19.52 6.76 -8.45
CA GLY E 197 -20.56 7.75 -8.50
C GLY E 197 -20.49 8.67 -7.30
N VAL E 198 -21.51 9.52 -7.18
CA VAL E 198 -21.60 10.39 -6.01
C VAL E 198 -21.70 9.51 -4.77
N TYR E 199 -21.15 10.02 -3.65
CA TYR E 199 -21.43 9.50 -2.32
C TYR E 199 -21.28 10.64 -1.31
N PHE E 200 -21.85 10.43 -0.13
CA PHE E 200 -21.94 11.44 0.91
C PHE E 200 -21.26 10.93 2.17
N ALA E 201 -20.71 11.87 2.96
CA ALA E 201 -20.09 11.58 4.25
C ALA E 201 -20.43 12.71 5.19
N ASP E 202 -20.70 12.38 6.44
CA ASP E 202 -20.94 13.41 7.43
C ASP E 202 -19.63 14.05 7.87
N GLY E 203 -19.64 15.38 7.98
CA GLY E 203 -18.61 16.09 8.71
C GLY E 203 -18.80 15.95 10.21
N HIS E 204 -17.92 16.59 10.95
CA HIS E 204 -17.99 16.52 12.40
C HIS E 204 -18.07 17.90 13.02
N VAL E 205 -18.19 18.96 12.23
CA VAL E 205 -18.24 20.33 12.76
C VAL E 205 -19.27 21.15 11.98
N GLN E 206 -19.60 22.30 12.53
CA GLN E 206 -20.53 23.27 11.97
C GLN E 206 -20.00 24.67 12.30
N PHE E 207 -20.16 25.60 11.38
CA PHE E 207 -19.77 26.97 11.68
C PHE E 207 -20.62 27.51 12.83
N PRO E 208 -20.03 28.28 13.74
CA PRO E 208 -20.77 28.71 14.93
C PRO E 208 -21.86 29.73 14.60
N ARG E 209 -22.77 29.89 15.57
CA ARG E 209 -23.79 30.93 15.53
C ARG E 209 -23.11 32.29 15.72
N ALA F 3 21.28 -30.18 -19.78
CA ALA F 3 22.07 -29.00 -20.08
C ALA F 3 22.51 -28.30 -18.79
N TRP F 4 22.00 -28.79 -17.66
CA TRP F 4 22.45 -28.33 -16.35
C TRP F 4 23.51 -29.24 -15.74
N ASN F 5 23.40 -30.55 -15.98
CA ASN F 5 24.40 -31.52 -15.55
C ASN F 5 25.38 -31.85 -16.66
N ASP F 6 25.44 -31.05 -17.73
CA ASP F 6 26.45 -31.21 -18.75
C ASP F 6 27.84 -30.97 -18.18
N VAL F 7 28.85 -31.36 -18.95
CA VAL F 7 30.25 -31.10 -18.61
C VAL F 7 30.60 -29.69 -19.05
N CYS F 8 31.03 -28.87 -18.11
CA CYS F 8 31.47 -27.52 -18.39
C CYS F 8 32.98 -27.54 -18.60
N SER F 9 33.46 -26.96 -19.71
CA SER F 9 34.89 -26.84 -19.97
C SER F 9 35.29 -25.37 -19.86
N GLY F 10 36.23 -25.09 -18.96
CA GLY F 10 36.70 -23.73 -18.76
C GLY F 10 38.09 -23.76 -18.15
N THR F 11 38.42 -22.72 -17.38
CA THR F 11 39.67 -22.67 -16.64
C THR F 11 39.39 -22.30 -15.18
N ALA F 12 40.33 -22.68 -14.31
CA ALA F 12 40.29 -22.37 -12.89
C ALA F 12 41.47 -21.49 -12.51
N THR F 13 41.21 -20.51 -11.65
CA THR F 13 42.23 -19.80 -10.89
C THR F 13 42.15 -20.29 -9.45
N TYR F 14 42.81 -19.59 -8.53
CA TYR F 14 42.72 -19.93 -7.12
C TYR F 14 42.75 -18.67 -6.26
N THR F 15 42.13 -18.76 -5.09
CA THR F 15 42.00 -17.64 -4.17
C THR F 15 41.85 -18.19 -2.76
N SER F 16 42.25 -17.38 -1.79
CA SER F 16 42.12 -17.75 -0.39
C SER F 16 40.81 -17.27 0.22
N SER F 17 39.93 -16.64 -0.56
CA SER F 17 38.67 -16.16 -0.02
C SER F 17 37.63 -17.28 -0.09
N GLY F 18 36.44 -17.03 0.45
CA GLY F 18 35.32 -17.93 0.33
C GLY F 18 35.03 -18.78 1.55
N TYR F 19 36.03 -19.03 2.42
CA TYR F 19 35.80 -19.76 3.67
C TYR F 19 35.07 -18.90 4.68
N SER F 20 35.06 -17.59 4.49
CA SER F 20 34.43 -16.67 5.41
C SER F 20 33.98 -15.46 4.60
N GLY F 21 32.75 -15.01 4.87
CA GLY F 21 32.24 -13.84 4.19
C GLY F 21 31.96 -14.04 2.72
N GLY F 22 31.78 -15.28 2.27
CA GLY F 22 31.33 -15.51 0.92
C GLY F 22 29.91 -15.03 0.72
N ALA F 23 29.56 -14.72 -0.54
CA ALA F 23 28.30 -14.04 -0.80
C ALA F 23 27.09 -14.95 -0.69
N LEU F 24 27.29 -16.27 -0.73
CA LEU F 24 26.19 -17.20 -0.58
C LEU F 24 25.87 -17.51 0.88
N LEU F 25 26.53 -16.85 1.83
CA LEU F 25 26.15 -16.90 3.24
C LEU F 25 26.08 -18.34 3.73
N LEU F 26 27.15 -19.10 3.48
CA LEU F 26 27.19 -20.51 3.82
C LEU F 26 28.08 -20.81 5.03
N ASP F 27 28.60 -19.76 5.68
CA ASP F 27 29.39 -19.91 6.90
C ASP F 27 28.58 -20.59 8.00
N PRO F 28 29.25 -21.35 8.89
CA PRO F 28 30.71 -21.57 8.96
C PRO F 28 31.17 -22.63 7.98
N ILE F 29 32.30 -22.39 7.28
CA ILE F 29 32.85 -23.36 6.34
C ILE F 29 33.96 -24.15 7.02
N ASP F 30 33.86 -25.47 6.94
CA ASP F 30 34.88 -26.39 7.41
C ASP F 30 36.25 -26.00 6.83
N PRO F 31 37.25 -25.73 7.66
CA PRO F 31 38.57 -25.37 7.12
C PRO F 31 39.20 -26.45 6.27
N ASN F 32 38.81 -27.71 6.45
CA ASN F 32 39.28 -28.80 5.60
C ASN F 32 38.59 -28.84 4.23
N ALA F 33 37.50 -28.09 4.05
CA ALA F 33 36.68 -28.24 2.86
C ALA F 33 37.37 -27.67 1.62
N THR F 34 37.18 -28.33 0.48
CA THR F 34 37.60 -27.81 -0.82
C THR F 34 36.44 -27.05 -1.43
N ILE F 35 36.63 -25.75 -1.70
CA ILE F 35 35.53 -24.89 -2.11
C ILE F 35 35.86 -24.20 -3.43
N THR F 36 34.92 -23.41 -3.92
CA THR F 36 35.05 -22.72 -5.19
C THR F 36 34.11 -21.53 -5.22
N ALA F 37 34.56 -20.47 -5.90
CA ALA F 37 33.66 -19.44 -6.42
C ALA F 37 33.21 -19.85 -7.82
N LEU F 38 31.98 -19.52 -8.17
CA LEU F 38 31.38 -19.95 -9.43
C LEU F 38 31.02 -18.73 -10.27
N ASN F 39 31.36 -18.76 -11.56
CA ASN F 39 31.08 -17.63 -12.44
C ASN F 39 29.58 -17.36 -12.51
N PRO F 40 29.18 -16.12 -12.83
CA PRO F 40 27.74 -15.79 -12.82
C PRO F 40 26.91 -16.65 -13.75
N LYS F 41 27.45 -17.10 -14.87
CA LYS F 41 26.63 -17.82 -15.86
C LYS F 41 26.10 -19.13 -15.30
N GLN F 42 26.96 -19.97 -14.71
CA GLN F 42 26.47 -21.23 -14.19
C GLN F 42 25.83 -21.10 -12.80
N LEU F 43 26.33 -20.18 -11.96
CA LEU F 43 25.73 -20.00 -10.64
C LEU F 43 24.28 -19.57 -10.75
N ASN F 44 24.00 -18.65 -11.67
CA ASN F 44 22.67 -18.07 -11.85
C ASN F 44 21.90 -18.75 -12.97
N TYR F 45 21.97 -20.08 -13.01
CA TYR F 45 21.36 -20.88 -14.08
C TYR F 45 19.89 -20.55 -14.22
N GLY F 46 19.45 -20.37 -15.47
CA GLY F 46 18.08 -20.01 -15.75
C GLY F 46 17.67 -18.63 -15.28
N GLY F 47 18.63 -17.75 -15.00
CA GLY F 47 18.33 -16.47 -14.36
C GLY F 47 17.92 -16.57 -12.90
N ILE F 48 18.01 -17.74 -12.28
CA ILE F 48 17.72 -17.87 -10.86
C ILE F 48 18.99 -17.55 -10.09
N GLN F 49 18.96 -16.46 -9.33
CA GLN F 49 20.12 -16.03 -8.55
C GLN F 49 20.54 -17.11 -7.55
N ALA F 50 21.85 -17.38 -7.50
CA ALA F 50 22.39 -18.36 -6.56
C ALA F 50 21.79 -19.74 -6.77
N ALA F 51 21.35 -20.05 -7.99
CA ALA F 51 20.73 -21.35 -8.26
C ALA F 51 21.63 -22.51 -7.86
N LEU F 52 22.93 -22.40 -8.11
CA LEU F 52 23.88 -23.48 -7.85
C LEU F 52 24.62 -23.30 -6.54
N ALA F 53 24.13 -22.43 -5.66
CA ALA F 53 24.79 -22.23 -4.39
C ALA F 53 24.73 -23.52 -3.58
N GLY F 54 25.86 -23.90 -2.99
CA GLY F 54 25.89 -25.13 -2.21
C GLY F 54 25.86 -26.39 -3.02
N ALA F 55 26.04 -26.30 -4.34
CA ALA F 55 26.24 -27.44 -5.19
C ALA F 55 27.62 -28.05 -4.96
N TYR F 56 27.75 -29.32 -5.31
CA TYR F 56 29.05 -29.95 -5.36
C TYR F 56 29.40 -30.19 -6.83
N LEU F 57 30.55 -29.64 -7.23
CA LEU F 57 31.10 -29.76 -8.58
C LEU F 57 32.29 -30.69 -8.52
N GLN F 58 32.21 -31.79 -9.24
CA GLN F 58 33.37 -32.64 -9.48
C GLN F 58 34.22 -32.01 -10.58
N VAL F 59 35.49 -31.72 -10.29
CA VAL F 59 36.33 -30.91 -11.17
C VAL F 59 37.55 -31.73 -11.56
N GLN F 60 37.70 -31.97 -12.86
CA GLN F 60 38.85 -32.68 -13.39
C GLN F 60 39.85 -31.67 -13.96
N GLY F 61 41.11 -31.80 -13.55
CA GLY F 61 42.18 -30.95 -14.03
C GLY F 61 43.37 -31.75 -14.53
N PRO F 62 44.49 -31.08 -14.80
CA PRO F 62 45.66 -31.82 -15.34
C PRO F 62 46.18 -32.93 -14.45
N ARG F 63 46.22 -32.72 -13.13
CA ARG F 63 46.91 -33.65 -12.22
C ARG F 63 45.98 -34.64 -11.53
N GLY F 64 44.70 -34.35 -11.46
CA GLY F 64 43.78 -35.23 -10.77
C GLY F 64 42.39 -34.66 -10.74
N MET F 65 41.59 -35.16 -9.78
CA MET F 65 40.18 -34.80 -9.67
C MET F 65 39.87 -34.43 -8.23
N VAL F 66 38.91 -33.52 -8.06
CA VAL F 66 38.48 -33.10 -6.73
C VAL F 66 37.05 -32.60 -6.82
N THR F 67 36.33 -32.71 -5.71
CA THR F 67 34.97 -32.24 -5.58
C THR F 67 34.96 -30.99 -4.71
N VAL F 68 34.22 -29.97 -5.13
CA VAL F 68 34.26 -28.68 -4.44
C VAL F 68 32.85 -28.20 -4.13
N TYR F 69 32.78 -27.35 -3.11
CA TYR F 69 31.54 -26.84 -2.54
C TYR F 69 31.39 -25.37 -2.94
N VAL F 70 30.29 -25.04 -3.62
CA VAL F 70 30.13 -23.69 -4.16
C VAL F 70 29.68 -22.77 -3.03
N THR F 71 30.56 -21.87 -2.59
CA THR F 71 30.27 -20.92 -1.51
C THR F 71 30.26 -19.46 -1.94
N ASP F 72 30.55 -19.13 -3.20
CA ASP F 72 30.79 -17.73 -3.49
C ASP F 72 30.57 -17.42 -4.97
N LEU F 73 30.32 -16.14 -5.24
CA LEU F 73 30.20 -15.67 -6.61
C LEU F 73 31.58 -15.25 -7.11
N TYR F 74 31.92 -15.68 -8.34
CA TYR F 74 33.19 -15.39 -9.00
C TYR F 74 32.91 -14.30 -10.04
N PRO F 75 32.85 -13.04 -9.62
CA PRO F 75 32.11 -12.06 -10.42
C PRO F 75 32.74 -11.81 -11.77
N GLU F 76 34.07 -11.78 -11.85
CA GLU F 76 34.74 -11.58 -13.12
C GLU F 76 34.91 -12.88 -13.89
N GLY F 77 34.38 -13.99 -13.39
CA GLY F 77 34.66 -15.27 -14.00
C GLY F 77 34.03 -15.41 -15.36
N ALA F 78 34.79 -15.99 -16.29
CA ALA F 78 34.32 -16.29 -17.64
C ALA F 78 33.48 -17.56 -17.64
N ASP F 79 32.93 -17.91 -18.80
CA ASP F 79 32.03 -19.05 -18.91
C ASP F 79 32.72 -20.32 -18.43
N CYS F 80 32.02 -21.10 -17.60
CA CYS F 80 32.57 -22.30 -16.97
C CYS F 80 33.75 -22.00 -16.04
N GLY F 81 33.96 -20.74 -15.68
CA GLY F 81 35.10 -20.37 -14.85
C GLY F 81 34.88 -20.76 -13.39
N LEU F 82 35.95 -21.24 -12.76
CA LEU F 82 35.97 -21.58 -11.34
C LEU F 82 37.14 -20.87 -10.67
N ASP F 83 36.90 -20.37 -9.49
CA ASP F 83 37.95 -19.79 -8.64
C ASP F 83 38.10 -20.74 -7.45
N LEU F 84 39.12 -21.61 -7.49
CA LEU F 84 39.24 -22.68 -6.51
C LEU F 84 39.92 -22.19 -5.23
N SER F 85 39.77 -22.97 -4.17
CA SER F 85 40.60 -22.77 -2.99
C SER F 85 41.95 -23.44 -3.20
N PRO F 86 43.00 -22.99 -2.49
CA PRO F 86 44.33 -23.55 -2.71
C PRO F 86 44.40 -25.06 -2.64
N ASN F 87 43.74 -25.69 -1.65
CA ASN F 87 43.86 -27.14 -1.52
C ASN F 87 43.21 -27.88 -2.70
N ALA F 88 42.14 -27.32 -3.28
CA ALA F 88 41.50 -27.94 -4.44
C ALA F 88 42.33 -27.74 -5.70
N PHE F 89 42.82 -26.52 -5.92
CA PHE F 89 43.71 -26.27 -7.06
C PHE F 89 44.94 -27.17 -7.02
N ALA F 90 45.59 -27.25 -5.84
CA ALA F 90 46.80 -28.05 -5.70
C ALA F 90 46.55 -29.54 -5.95
N ALA F 91 45.33 -30.03 -5.66
CA ALA F 91 45.03 -31.44 -5.85
C ALA F 91 44.91 -31.83 -7.32
N ILE F 92 44.59 -30.88 -8.20
CA ILE F 92 44.33 -31.18 -9.60
C ILE F 92 45.25 -30.45 -10.55
N GLY F 93 45.99 -29.43 -10.09
CA GLY F 93 46.92 -28.75 -10.94
C GLY F 93 48.29 -28.59 -10.32
N ASP F 94 49.25 -28.28 -11.19
CA ASP F 94 50.45 -27.56 -10.77
C ASP F 94 50.00 -26.20 -10.24
N THR F 95 50.47 -25.83 -9.05
CA THR F 95 50.00 -24.60 -8.43
C THR F 95 50.71 -23.37 -8.99
N SER F 96 51.98 -23.50 -9.40
CA SER F 96 52.68 -22.37 -9.99
C SER F 96 52.02 -21.91 -11.28
N ALA F 97 51.19 -22.76 -11.90
CA ALA F 97 50.60 -22.44 -13.19
C ALA F 97 49.70 -21.22 -13.15
N GLY F 98 49.02 -20.99 -12.02
CA GLY F 98 48.15 -19.83 -11.89
C GLY F 98 46.79 -20.00 -12.53
N ARG F 99 46.73 -20.73 -13.63
CA ARG F 99 45.49 -20.94 -14.38
C ARG F 99 45.58 -22.30 -15.06
N ILE F 100 44.53 -23.11 -14.97
CA ILE F 100 44.58 -24.49 -15.50
C ILE F 100 43.28 -24.81 -16.22
N PRO F 101 43.35 -25.72 -17.20
CA PRO F 101 42.12 -26.19 -17.88
C PRO F 101 41.38 -27.20 -17.02
N ILE F 102 40.05 -27.04 -16.94
CA ILE F 102 39.21 -27.88 -16.10
C ILE F 102 37.97 -28.33 -16.87
N ARG F 103 37.45 -29.49 -16.47
CA ARG F 103 36.17 -30.00 -16.92
C ARG F 103 35.39 -30.44 -15.70
N TRP F 104 34.14 -29.99 -15.56
CA TRP F 104 33.45 -30.26 -14.30
C TRP F 104 31.95 -30.43 -14.52
N GLN F 105 31.32 -31.06 -13.52
CA GLN F 105 29.87 -31.25 -13.54
C GLN F 105 29.31 -31.29 -12.13
N VAL F 106 28.06 -30.84 -12.00
CA VAL F 106 27.34 -30.99 -10.75
C VAL F 106 27.25 -32.46 -10.43
N VAL F 107 27.39 -32.80 -9.15
CA VAL F 107 27.24 -34.17 -8.67
C VAL F 107 26.45 -34.10 -7.38
N ALA F 108 25.95 -35.27 -6.95
CA ALA F 108 25.28 -35.33 -5.66
C ALA F 108 26.25 -34.94 -4.54
N ALA F 109 25.76 -34.14 -3.59
CA ALA F 109 26.58 -33.81 -2.43
C ALA F 109 26.63 -35.01 -1.47
N PRO F 110 27.79 -35.30 -0.92
CA PRO F 110 27.90 -36.42 0.02
C PRO F 110 27.25 -36.15 1.37
N VAL F 111 25.99 -35.70 1.36
CA VAL F 111 25.38 -35.24 2.61
C VAL F 111 25.07 -36.42 3.52
N THR F 112 24.89 -36.11 4.81
CA THR F 112 24.25 -37.01 5.77
C THR F 112 23.10 -36.26 6.42
N GLY F 113 22.01 -36.96 6.66
CA GLY F 113 20.86 -36.36 7.31
C GLY F 113 19.98 -35.54 6.38
N ASN F 114 19.12 -34.77 7.01
CA ASN F 114 18.14 -33.99 6.28
C ASN F 114 18.69 -32.61 5.91
N VAL F 115 17.93 -31.88 5.08
CA VAL F 115 18.28 -30.48 4.81
C VAL F 115 18.15 -29.68 6.10
N VAL F 116 18.79 -28.53 6.10
CA VAL F 116 18.80 -27.61 7.24
C VAL F 116 18.28 -26.26 6.76
N TYR F 117 17.47 -25.60 7.58
CA TYR F 117 16.94 -24.29 7.26
C TYR F 117 17.64 -23.23 8.10
N ARG F 118 18.03 -22.13 7.47
CA ARG F 118 18.70 -21.01 8.13
C ARG F 118 17.86 -19.76 7.88
N ILE F 119 17.45 -19.12 8.95
CA ILE F 119 16.52 -17.99 8.87
C ILE F 119 17.35 -16.74 9.09
N LYS F 120 17.31 -15.83 8.11
CA LYS F 120 18.21 -14.68 8.13
C LYS F 120 17.82 -13.74 9.25
N GLU F 121 18.80 -13.01 9.76
CA GLU F 121 18.51 -11.96 10.74
C GLU F 121 17.49 -10.97 10.16
N GLY F 122 16.64 -10.45 11.04
CA GLY F 122 15.58 -9.54 10.63
C GLY F 122 14.37 -10.20 10.01
N SER F 123 14.34 -11.53 9.92
CA SER F 123 13.18 -12.21 9.34
C SER F 123 11.98 -12.15 10.28
N SER F 124 10.80 -12.10 9.68
CA SER F 124 9.57 -12.00 10.45
C SER F 124 8.39 -12.47 9.61
N GLN F 125 7.21 -12.33 10.19
CA GLN F 125 5.96 -12.57 9.47
C GLN F 125 5.73 -11.57 8.34
N TYR F 126 6.44 -10.44 8.34
CA TYR F 126 6.23 -9.41 7.35
C TYR F 126 7.22 -9.51 6.20
N TRP F 127 8.48 -9.83 6.50
CA TRP F 127 9.55 -9.99 5.52
C TRP F 127 10.49 -11.05 6.07
N ALA F 128 10.82 -12.06 5.27
CA ALA F 128 11.63 -13.16 5.77
C ALA F 128 12.50 -13.74 4.66
N ALA F 129 13.71 -14.14 5.03
CA ALA F 129 14.66 -14.72 4.10
C ALA F 129 15.11 -16.06 4.65
N ILE F 130 14.93 -17.13 3.86
CA ILE F 130 15.09 -18.49 4.36
C ILE F 130 16.03 -19.25 3.43
N GLN F 131 17.17 -19.66 3.95
CA GLN F 131 18.14 -20.42 3.18
C GLN F 131 17.99 -21.91 3.50
N VAL F 132 18.15 -22.73 2.46
CA VAL F 132 18.21 -24.18 2.60
C VAL F 132 19.67 -24.61 2.45
N ARG F 133 20.21 -25.26 3.49
CA ARG F 133 21.55 -25.84 3.53
C ARG F 133 21.50 -27.35 3.43
N ASN F 134 22.65 -28.00 3.33
CA ASN F 134 22.75 -29.49 3.36
C ASN F 134 21.80 -30.15 2.38
N HIS F 135 21.88 -29.76 1.11
CA HIS F 135 21.02 -30.36 0.07
C HIS F 135 21.87 -31.21 -0.87
N ARG F 136 21.36 -32.39 -1.20
CA ARG F 136 22.08 -33.33 -2.10
C ARG F 136 22.32 -32.67 -3.44
N TYR F 137 21.31 -32.02 -3.97
CA TYR F 137 21.42 -31.34 -5.28
C TYR F 137 20.96 -29.91 -5.09
N PRO F 138 21.37 -29.00 -6.00
CA PRO F 138 20.96 -27.60 -5.91
C PRO F 138 19.45 -27.32 -5.81
N VAL F 139 19.05 -26.45 -4.87
CA VAL F 139 17.63 -26.11 -4.70
C VAL F 139 17.30 -24.89 -5.58
N VAL F 140 16.30 -25.03 -6.45
CA VAL F 140 15.96 -24.00 -7.43
C VAL F 140 14.53 -23.52 -7.29
N LYS F 141 13.81 -23.92 -6.24
CA LYS F 141 12.45 -23.44 -6.05
C LYS F 141 11.97 -23.75 -4.65
N PHE F 142 11.39 -22.75 -4.00
CA PHE F 142 10.96 -22.82 -2.61
C PHE F 142 9.54 -22.30 -2.54
N GLU F 143 8.63 -23.10 -1.98
CA GLU F 143 7.23 -22.73 -1.85
C GLU F 143 6.77 -22.91 -0.42
N TYR F 144 5.78 -22.11 -0.02
CA TYR F 144 5.11 -22.31 1.26
C TYR F 144 3.60 -22.17 1.06
N LYS F 145 2.84 -22.88 1.89
CA LYS F 145 1.39 -22.93 1.74
C LYS F 145 0.77 -21.77 2.48
N LYS F 146 -0.05 -20.99 1.78
CA LYS F 146 -0.74 -19.85 2.37
C LYS F 146 -2.20 -19.91 1.96
N ASN F 147 -3.09 -19.83 2.95
CA ASN F 147 -4.54 -19.96 2.74
C ASN F 147 -4.88 -21.09 1.75
N GLY F 148 -4.18 -22.23 1.86
CA GLY F 148 -4.51 -23.43 1.11
C GLY F 148 -3.78 -23.60 -0.21
N ASP F 149 -2.89 -22.69 -0.58
CA ASP F 149 -2.24 -22.79 -1.88
C ASP F 149 -0.76 -22.48 -1.77
N TRP F 150 0.00 -22.96 -2.75
CA TRP F 150 1.44 -22.80 -2.75
C TRP F 150 1.83 -21.44 -3.31
N VAL F 151 2.81 -20.81 -2.67
CA VAL F 151 3.36 -19.54 -3.15
C VAL F 151 4.86 -19.71 -3.31
N SER F 152 5.36 -19.34 -4.48
CA SER F 152 6.77 -19.47 -4.82
C SER F 152 7.52 -18.18 -4.47
N LEU F 153 8.69 -18.35 -3.87
CA LEU F 153 9.54 -17.29 -3.40
C LEU F 153 10.80 -17.20 -4.26
N PRO F 154 11.18 -15.99 -4.66
CA PRO F 154 12.38 -15.82 -5.47
C PRO F 154 13.65 -16.08 -4.66
N LYS F 155 14.62 -16.75 -5.28
CA LYS F 155 15.94 -16.91 -4.68
C LYS F 155 16.78 -15.65 -4.91
N THR F 156 17.58 -15.26 -3.92
CA THR F 156 18.40 -14.06 -3.98
C THR F 156 19.88 -14.39 -4.18
N ALA F 157 20.64 -13.37 -4.59
CA ALA F 157 22.08 -13.54 -4.79
C ALA F 157 22.81 -13.98 -3.53
N TYR F 158 22.21 -13.81 -2.36
CA TYR F 158 22.81 -14.31 -1.13
C TYR F 158 22.19 -15.63 -0.68
N ASN F 159 21.65 -16.41 -1.63
CA ASN F 159 21.30 -17.81 -1.38
C ASN F 159 20.23 -17.96 -0.30
N HIS F 160 19.22 -17.11 -0.34
CA HIS F 160 18.02 -17.29 0.47
C HIS F 160 16.80 -17.08 -0.41
N PHE F 161 15.70 -17.69 -0.03
CA PHE F 161 14.43 -17.41 -0.65
C PHE F 161 13.70 -16.36 0.18
N VAL F 162 13.14 -15.35 -0.48
CA VAL F 162 12.57 -14.21 0.23
C VAL F 162 11.07 -14.16 0.01
N GLY F 163 10.33 -14.06 1.10
CA GLY F 163 8.88 -14.00 1.04
C GLY F 163 8.34 -12.91 1.94
N GLU F 164 7.30 -12.26 1.48
CA GLU F 164 6.66 -11.20 2.25
C GLU F 164 5.30 -11.71 2.73
N GLN F 165 4.92 -11.23 3.92
CA GLN F 165 3.60 -11.50 4.51
C GLN F 165 3.41 -13.00 4.67
N MET F 166 4.47 -13.70 5.06
CA MET F 166 4.33 -15.15 5.21
C MET F 166 3.56 -15.53 6.47
N GLY F 167 3.37 -14.61 7.41
CA GLY F 167 2.61 -14.88 8.61
C GLY F 167 3.45 -15.43 9.75
N ALA F 168 2.78 -15.61 10.89
CA ALA F 168 3.45 -16.03 12.11
C ALA F 168 2.95 -17.37 12.60
N GLN F 169 2.72 -18.30 11.66
CA GLN F 169 2.22 -19.61 12.00
C GLN F 169 3.11 -20.66 11.39
N LEU F 170 2.93 -21.91 11.82
CA LEU F 170 3.66 -23.03 11.23
C LEU F 170 3.51 -22.99 9.73
N LEU F 171 4.60 -23.26 9.03
CA LEU F 171 4.65 -23.21 7.57
C LEU F 171 4.76 -24.62 7.01
N GLU F 172 3.90 -24.95 6.05
CA GLU F 172 4.13 -26.07 5.15
C GLU F 172 4.96 -25.55 4.00
N ILE F 173 6.07 -26.23 3.68
CA ILE F 173 6.91 -25.77 2.58
C ILE F 173 7.16 -26.91 1.61
N ARG F 174 7.50 -26.52 0.39
CA ARG F 174 7.82 -27.46 -0.68
C ARG F 174 9.11 -27.01 -1.34
N LEU F 175 9.99 -27.97 -1.61
CA LEU F 175 11.30 -27.68 -2.17
C LEU F 175 11.46 -28.45 -3.47
N THR F 176 12.05 -27.80 -4.49
CA THR F 176 12.35 -28.46 -5.74
C THR F 176 13.85 -28.33 -6.03
N ASP F 177 14.50 -29.48 -6.25
CA ASP F 177 15.92 -29.44 -6.59
C ASP F 177 16.05 -29.29 -8.10
N ILE F 178 17.29 -29.15 -8.59
CA ILE F 178 17.46 -28.82 -10.01
C ILE F 178 17.12 -30.00 -10.91
N ARG F 179 17.03 -31.22 -10.39
CA ARG F 179 16.63 -32.36 -11.20
C ARG F 179 15.11 -32.43 -11.38
N GLY F 180 14.36 -31.56 -10.72
CA GLY F 180 12.92 -31.64 -10.73
C GLY F 180 12.32 -32.44 -9.60
N GLN F 181 13.14 -32.93 -8.67
CA GLN F 181 12.63 -33.65 -7.49
C GLN F 181 12.03 -32.69 -6.48
N VAL F 182 10.96 -33.14 -5.84
CA VAL F 182 10.14 -32.33 -4.95
C VAL F 182 10.09 -33.02 -3.60
N VAL F 183 10.29 -32.26 -2.53
CA VAL F 183 10.11 -32.73 -1.16
C VAL F 183 9.27 -31.72 -0.41
N THR F 184 8.55 -32.21 0.58
CA THR F 184 7.63 -31.42 1.38
C THR F 184 8.07 -31.47 2.84
N ASP F 185 7.90 -30.37 3.57
CA ASP F 185 8.44 -30.27 4.93
C ASP F 185 7.63 -29.27 5.72
N THR F 186 7.96 -29.15 7.00
CA THR F 186 7.38 -28.17 7.89
C THR F 186 8.50 -27.30 8.47
N LEU F 187 8.12 -26.15 9.02
CA LEU F 187 9.11 -25.18 9.47
C LEU F 187 8.45 -24.23 10.45
N GLY F 188 8.99 -24.15 11.67
CA GLY F 188 8.40 -23.38 12.75
C GLY F 188 8.04 -21.94 12.45
N ALA F 189 7.04 -21.41 13.15
CA ALA F 189 6.58 -20.05 12.88
C ALA F 189 7.76 -19.07 12.89
N LEU F 190 7.70 -18.09 11.99
CA LEU F 190 8.67 -17.03 11.91
C LEU F 190 8.44 -16.03 13.05
N PRO F 191 9.42 -15.22 13.38
CA PRO F 191 9.23 -14.21 14.43
C PRO F 191 8.12 -13.24 14.08
N SER F 192 7.36 -12.82 15.09
CA SER F 192 6.32 -11.84 14.79
C SER F 192 6.86 -10.43 14.61
N GLN F 193 8.14 -10.20 14.90
CA GLN F 193 8.76 -8.95 14.50
C GLN F 193 10.21 -9.23 14.14
N GLY F 194 10.73 -8.45 13.19
CA GLY F 194 12.04 -8.74 12.62
C GLY F 194 13.20 -8.13 13.37
N ASP F 195 13.35 -8.47 14.66
CA ASP F 195 14.39 -7.92 15.50
C ASP F 195 15.29 -9.02 16.08
N LYS F 196 15.37 -10.15 15.38
CA LYS F 196 16.11 -11.31 15.86
C LYS F 196 17.32 -11.57 14.96
N GLY F 197 18.27 -12.34 15.48
CA GLY F 197 19.43 -12.74 14.72
C GLY F 197 19.15 -13.98 13.91
N VAL F 198 20.24 -14.55 13.37
CA VAL F 198 20.13 -15.79 12.60
C VAL F 198 19.75 -16.92 13.55
N TYR F 199 18.98 -17.88 13.05
CA TYR F 199 18.83 -19.15 13.76
C TYR F 199 18.62 -20.27 12.75
N PHE F 200 18.83 -21.49 13.21
CA PHE F 200 18.79 -22.70 12.39
C PHE F 200 17.72 -23.63 12.92
N ALA F 201 17.13 -24.41 12.01
CA ALA F 201 16.17 -25.43 12.34
C ALA F 201 16.43 -26.60 11.42
N ASP F 202 16.36 -27.81 11.95
CA ASP F 202 16.51 -28.99 11.11
C ASP F 202 15.27 -29.22 10.26
N GLY F 203 15.48 -29.54 8.99
CA GLY F 203 14.43 -30.11 8.18
C GLY F 203 14.21 -31.58 8.52
N HIS F 204 13.18 -32.17 7.90
CA HIS F 204 12.87 -33.58 8.14
C HIS F 204 12.88 -34.40 6.86
N VAL F 205 13.49 -33.85 5.81
CA VAL F 205 13.47 -34.51 4.47
C VAL F 205 14.79 -34.28 3.75
N GLN F 206 15.10 -35.14 2.81
CA GLN F 206 16.31 -34.97 1.97
C GLN F 206 15.97 -35.33 0.53
N PHE F 207 16.46 -34.54 -0.41
CA PHE F 207 16.24 -34.83 -1.84
C PHE F 207 16.78 -36.24 -2.11
N PRO F 208 16.05 -37.04 -2.89
CA PRO F 208 16.44 -38.41 -3.18
C PRO F 208 17.75 -38.57 -3.96
N ARG F 209 18.36 -39.74 -3.82
CA ARG F 209 19.62 -40.03 -4.56
C ARG F 209 19.27 -40.49 -5.98
N ALA G 3 -35.54 -20.61 -12.20
CA ALA G 3 -35.20 -20.80 -10.80
C ALA G 3 -34.20 -21.93 -10.62
N TRP G 4 -34.39 -22.71 -9.55
CA TRP G 4 -33.50 -23.82 -9.21
C TRP G 4 -34.19 -25.17 -9.25
N ASN G 5 -35.50 -25.23 -9.05
CA ASN G 5 -36.21 -26.49 -9.03
C ASN G 5 -36.87 -26.81 -10.37
N ASP G 6 -37.04 -25.82 -11.24
CA ASP G 6 -37.65 -26.06 -12.54
C ASP G 6 -36.84 -27.08 -13.34
N VAL G 7 -37.50 -27.68 -14.34
CA VAL G 7 -36.82 -28.58 -15.24
C VAL G 7 -35.74 -27.84 -16.02
N CYS G 8 -34.68 -28.55 -16.41
CA CYS G 8 -33.68 -28.05 -17.33
C CYS G 8 -33.80 -28.83 -18.65
N SER G 9 -33.61 -28.16 -19.77
CA SER G 9 -33.60 -28.82 -21.08
C SER G 9 -32.24 -28.60 -21.73
N GLY G 10 -31.61 -29.68 -22.15
CA GLY G 10 -30.27 -29.59 -22.69
C GLY G 10 -29.87 -30.88 -23.34
N THR G 11 -28.55 -31.08 -23.45
CA THR G 11 -28.02 -32.31 -23.99
C THR G 11 -26.94 -32.87 -23.07
N ALA G 12 -26.75 -34.19 -23.13
CA ALA G 12 -25.77 -34.90 -22.31
C ALA G 12 -24.74 -35.60 -23.18
N THR G 13 -23.47 -35.42 -22.85
CA THR G 13 -22.38 -36.22 -23.40
C THR G 13 -22.03 -37.27 -22.34
N TYR G 14 -20.90 -37.94 -22.50
CA TYR G 14 -20.50 -38.91 -21.50
C TYR G 14 -18.99 -39.03 -21.47
N THR G 15 -18.48 -39.38 -20.29
CA THR G 15 -17.06 -39.52 -20.03
C THR G 15 -16.86 -40.48 -18.88
N SER G 16 -15.64 -41.02 -18.77
CA SER G 16 -15.29 -41.92 -17.68
C SER G 16 -14.61 -41.20 -16.52
N SER G 17 -14.49 -39.88 -16.60
CA SER G 17 -13.96 -39.12 -15.48
C SER G 17 -15.03 -38.92 -14.41
N GLY G 18 -14.61 -38.38 -13.28
CA GLY G 18 -15.51 -38.04 -12.20
C GLY G 18 -15.57 -39.06 -11.09
N TYR G 19 -15.23 -40.32 -11.35
CA TYR G 19 -15.21 -41.32 -10.29
C TYR G 19 -14.04 -41.11 -9.34
N SER G 20 -12.98 -40.48 -9.83
CA SER G 20 -11.80 -40.21 -9.03
C SER G 20 -11.25 -38.85 -9.46
N GLY G 21 -10.89 -38.02 -8.48
CA GLY G 21 -10.27 -36.74 -8.77
C GLY G 21 -11.16 -35.67 -9.36
N GLY G 22 -12.48 -35.78 -9.20
CA GLY G 22 -13.35 -34.70 -9.63
C GLY G 22 -13.11 -33.43 -8.84
N ALA G 23 -13.44 -32.29 -9.45
CA ALA G 23 -13.14 -31.01 -8.82
C ALA G 23 -13.90 -30.82 -7.52
N LEU G 24 -14.98 -31.56 -7.29
CA LEU G 24 -15.77 -31.34 -6.09
C LEU G 24 -15.27 -32.17 -4.90
N LEU G 25 -14.18 -32.91 -5.05
CA LEU G 25 -13.52 -33.62 -3.96
C LEU G 25 -14.51 -34.47 -3.15
N LEU G 26 -15.30 -35.28 -3.87
CA LEU G 26 -16.28 -36.17 -3.26
C LEU G 26 -15.83 -37.64 -3.23
N ASP G 27 -14.55 -37.91 -3.53
CA ASP G 27 -13.98 -39.24 -3.33
C ASP G 27 -14.13 -39.67 -1.87
N PRO G 28 -14.26 -40.98 -1.61
CA PRO G 28 -14.37 -42.10 -2.58
C PRO G 28 -15.78 -42.21 -3.17
N ILE G 29 -15.90 -42.31 -4.51
CA ILE G 29 -17.17 -42.55 -5.19
C ILE G 29 -17.36 -44.05 -5.32
N ASP G 30 -18.57 -44.51 -5.02
CA ASP G 30 -18.99 -45.88 -5.25
C ASP G 30 -18.91 -46.21 -6.75
N PRO G 31 -18.13 -47.21 -7.16
CA PRO G 31 -18.05 -47.51 -8.60
C PRO G 31 -19.40 -47.86 -9.19
N ASN G 32 -20.37 -48.28 -8.37
CA ASN G 32 -21.72 -48.53 -8.86
C ASN G 32 -22.51 -47.27 -9.12
N ALA G 33 -22.00 -46.10 -8.73
CA ALA G 33 -22.79 -44.87 -8.80
C ALA G 33 -22.99 -44.42 -10.23
N THR G 34 -24.14 -43.80 -10.47
CA THR G 34 -24.36 -43.01 -11.68
C THR G 34 -24.04 -41.55 -11.36
N ILE G 35 -23.02 -40.99 -12.00
CA ILE G 35 -22.54 -39.66 -11.67
C ILE G 35 -22.64 -38.78 -12.91
N THR G 36 -22.36 -37.48 -12.71
CA THR G 36 -22.34 -36.52 -13.79
C THR G 36 -21.40 -35.39 -13.41
N ALA G 37 -20.82 -34.76 -14.43
CA ALA G 37 -20.29 -33.41 -14.28
C ALA G 37 -21.37 -32.42 -14.71
N LEU G 38 -21.40 -31.26 -14.06
CA LEU G 38 -22.44 -30.26 -14.25
C LEU G 38 -21.86 -29.00 -14.91
N ASN G 39 -22.62 -28.40 -15.81
CA ASN G 39 -22.13 -27.22 -16.50
C ASN G 39 -21.96 -26.06 -15.52
N PRO G 40 -21.03 -25.13 -15.79
CA PRO G 40 -20.80 -23.99 -14.85
C PRO G 40 -22.05 -23.20 -14.50
N LYS G 41 -22.97 -22.99 -15.43
CA LYS G 41 -24.11 -22.12 -15.14
C LYS G 41 -25.00 -22.70 -14.05
N GLN G 42 -25.31 -24.01 -14.09
CA GLN G 42 -26.17 -24.56 -13.04
C GLN G 42 -25.40 -24.96 -11.79
N LEU G 43 -24.17 -25.44 -11.93
CA LEU G 43 -23.39 -25.86 -10.76
C LEU G 43 -23.14 -24.68 -9.82
N ASN G 44 -22.82 -23.52 -10.38
CA ASN G 44 -22.51 -22.32 -9.59
C ASN G 44 -23.73 -21.40 -9.46
N TYR G 45 -24.89 -22.01 -9.23
CA TYR G 45 -26.16 -21.33 -9.04
C TYR G 45 -26.03 -20.11 -8.12
N GLY G 46 -26.61 -18.99 -8.55
CA GLY G 46 -26.61 -17.78 -7.75
C GLY G 46 -25.24 -17.16 -7.49
N GLY G 47 -24.23 -17.52 -8.29
CA GLY G 47 -22.87 -17.09 -8.06
C GLY G 47 -22.10 -17.89 -7.03
N ILE G 48 -22.76 -18.82 -6.34
CA ILE G 48 -22.16 -19.58 -5.24
C ILE G 48 -21.42 -20.77 -5.85
N GLN G 49 -20.10 -20.76 -5.72
CA GLN G 49 -19.27 -21.78 -6.34
C GLN G 49 -19.63 -23.16 -5.80
N ALA G 50 -19.85 -24.13 -6.70
CA ALA G 50 -20.24 -25.48 -6.30
C ALA G 50 -21.53 -25.49 -5.48
N ALA G 51 -22.50 -24.66 -5.86
CA ALA G 51 -23.79 -24.64 -5.17
C ALA G 51 -24.49 -26.00 -5.26
N LEU G 52 -24.49 -26.62 -6.44
CA LEU G 52 -25.11 -27.92 -6.64
C LEU G 52 -24.14 -29.08 -6.45
N ALA G 53 -23.00 -28.84 -5.82
CA ALA G 53 -22.07 -29.94 -5.60
C ALA G 53 -22.75 -31.02 -4.75
N GLY G 54 -22.69 -32.26 -5.21
CA GLY G 54 -23.27 -33.33 -4.44
C GLY G 54 -24.78 -33.42 -4.50
N ALA G 55 -25.43 -32.64 -5.38
CA ALA G 55 -26.85 -32.79 -5.61
C ALA G 55 -27.14 -34.08 -6.36
N TYR G 56 -28.42 -34.45 -6.36
CA TYR G 56 -28.92 -35.53 -7.20
C TYR G 56 -29.85 -34.95 -8.26
N LEU G 57 -29.56 -35.28 -9.51
CA LEU G 57 -30.33 -34.81 -10.66
C LEU G 57 -31.11 -35.98 -11.22
N GLN G 58 -32.43 -35.80 -11.35
CA GLN G 58 -33.26 -36.76 -12.05
C GLN G 58 -33.25 -36.40 -13.52
N VAL G 59 -32.61 -37.23 -14.33
CA VAL G 59 -32.37 -36.94 -15.74
C VAL G 59 -33.26 -37.85 -16.58
N GLN G 60 -34.10 -37.26 -17.40
CA GLN G 60 -34.89 -38.01 -18.37
C GLN G 60 -34.22 -37.91 -19.74
N GLY G 61 -34.11 -39.04 -20.42
CA GLY G 61 -33.57 -39.09 -21.76
C GLY G 61 -34.50 -39.81 -22.72
N PRO G 62 -34.03 -40.05 -23.95
CA PRO G 62 -34.89 -40.73 -24.95
C PRO G 62 -35.38 -42.10 -24.51
N ARG G 63 -34.57 -42.86 -23.78
CA ARG G 63 -34.86 -44.26 -23.51
C ARG G 63 -35.27 -44.56 -22.07
N GLY G 64 -35.00 -43.67 -21.14
CA GLY G 64 -35.33 -43.94 -19.76
C GLY G 64 -35.05 -42.76 -18.87
N MET G 65 -35.21 -42.99 -17.57
CA MET G 65 -34.95 -42.01 -16.54
C MET G 65 -33.90 -42.54 -15.59
N VAL G 66 -32.93 -41.72 -15.24
CA VAL G 66 -31.87 -42.10 -14.30
C VAL G 66 -31.63 -40.93 -13.37
N THR G 67 -31.16 -41.24 -12.16
CA THR G 67 -30.77 -40.23 -11.19
C THR G 67 -29.25 -40.29 -11.02
N VAL G 68 -28.61 -39.12 -11.00
CA VAL G 68 -27.15 -39.01 -10.96
C VAL G 68 -26.67 -38.02 -9.90
N TYR G 69 -25.42 -38.23 -9.49
CA TYR G 69 -24.75 -37.55 -8.38
C TYR G 69 -23.73 -36.58 -8.97
N VAL G 70 -23.86 -35.29 -8.65
CA VAL G 70 -22.96 -34.28 -9.21
C VAL G 70 -21.62 -34.37 -8.50
N THR G 71 -20.58 -34.86 -9.20
CA THR G 71 -19.25 -34.91 -8.61
C THR G 71 -18.22 -34.00 -9.29
N ASP G 72 -18.55 -33.42 -10.44
CA ASP G 72 -17.50 -32.64 -11.14
C ASP G 72 -18.10 -31.45 -11.89
N LEU G 73 -17.23 -30.62 -12.42
CA LEU G 73 -17.69 -29.49 -13.24
C LEU G 73 -17.48 -29.84 -14.70
N TYR G 74 -18.49 -29.66 -15.54
CA TYR G 74 -18.36 -29.84 -17.01
C TYR G 74 -17.94 -28.51 -17.52
N PRO G 75 -16.63 -28.24 -17.68
CA PRO G 75 -16.18 -26.87 -18.00
C PRO G 75 -16.74 -26.32 -19.31
N GLU G 76 -16.57 -27.04 -20.42
CA GLU G 76 -17.04 -26.57 -21.75
C GLU G 76 -18.55 -26.76 -21.81
N GLY G 77 -19.11 -27.30 -20.75
CA GLY G 77 -20.56 -27.54 -20.71
C GLY G 77 -21.38 -26.33 -21.09
N ALA G 78 -22.50 -26.58 -21.74
CA ALA G 78 -23.40 -25.51 -22.16
C ALA G 78 -24.58 -25.45 -21.21
N ASP G 79 -25.44 -24.45 -21.38
CA ASP G 79 -26.53 -24.30 -20.43
C ASP G 79 -27.35 -25.59 -20.33
N CYS G 80 -27.53 -26.08 -19.10
CA CYS G 80 -28.24 -27.33 -18.81
C CYS G 80 -27.50 -28.57 -19.34
N GLY G 81 -26.22 -28.42 -19.69
CA GLY G 81 -25.43 -29.55 -20.12
C GLY G 81 -25.03 -30.42 -18.95
N LEU G 82 -25.01 -31.74 -19.19
CA LEU G 82 -24.45 -32.74 -18.27
C LEU G 82 -23.43 -33.57 -19.02
N ASP G 83 -22.34 -33.92 -18.34
CA ASP G 83 -21.35 -34.85 -18.85
C ASP G 83 -21.49 -36.13 -18.01
N LEU G 84 -22.28 -37.09 -18.50
CA LEU G 84 -22.71 -38.23 -17.70
C LEU G 84 -21.66 -39.33 -17.64
N SER G 85 -21.75 -40.16 -16.60
CA SER G 85 -20.98 -41.39 -16.60
C SER G 85 -21.60 -42.37 -17.57
N PRO G 86 -20.82 -43.31 -18.09
CA PRO G 86 -21.37 -44.24 -19.10
C PRO G 86 -22.60 -44.99 -18.63
N ASN G 87 -22.56 -45.62 -17.45
CA ASN G 87 -23.70 -46.40 -16.97
C ASN G 87 -24.99 -45.58 -16.97
N ALA G 88 -24.89 -44.29 -16.61
CA ALA G 88 -26.06 -43.41 -16.59
C ALA G 88 -26.45 -42.95 -17.99
N PHE G 89 -25.46 -42.71 -18.86
CA PHE G 89 -25.77 -42.36 -20.25
C PHE G 89 -26.52 -43.51 -20.93
N ALA G 90 -26.04 -44.74 -20.74
CA ALA G 90 -26.61 -45.91 -21.42
C ALA G 90 -28.00 -46.30 -20.90
N ALA G 91 -28.37 -45.88 -19.69
CA ALA G 91 -29.71 -46.18 -19.20
C ALA G 91 -30.76 -45.31 -19.86
N ILE G 92 -30.40 -44.09 -20.25
CA ILE G 92 -31.37 -43.13 -20.77
C ILE G 92 -31.25 -42.90 -22.26
N GLY G 93 -30.21 -43.40 -22.91
CA GLY G 93 -30.13 -43.29 -24.35
C GLY G 93 -29.18 -44.29 -24.96
N ASP G 94 -29.01 -44.19 -26.27
CA ASP G 94 -28.08 -45.03 -27.00
C ASP G 94 -26.70 -44.39 -26.92
N THR G 95 -25.76 -45.08 -26.26
CA THR G 95 -24.39 -44.59 -26.19
C THR G 95 -23.77 -44.43 -27.57
N SER G 96 -24.28 -45.17 -28.57
CA SER G 96 -23.81 -45.04 -29.94
C SER G 96 -23.89 -43.61 -30.45
N ALA G 97 -24.76 -42.78 -29.87
CA ALA G 97 -25.06 -41.47 -30.43
C ALA G 97 -24.12 -40.37 -29.93
N GLY G 98 -23.47 -40.54 -28.78
CA GLY G 98 -22.51 -39.58 -28.28
C GLY G 98 -23.10 -38.31 -27.69
N ARG G 99 -24.33 -37.97 -28.02
CA ARG G 99 -24.99 -36.76 -27.53
C ARG G 99 -26.49 -36.99 -27.62
N ILE G 100 -27.23 -36.59 -26.59
CA ILE G 100 -28.66 -36.92 -26.51
C ILE G 100 -29.42 -35.76 -25.89
N PRO G 101 -30.69 -35.59 -26.26
CA PRO G 101 -31.53 -34.59 -25.58
C PRO G 101 -31.95 -35.08 -24.19
N ILE G 102 -31.95 -34.16 -23.22
CA ILE G 102 -32.26 -34.50 -21.83
C ILE G 102 -33.08 -33.39 -21.18
N ARG G 103 -33.91 -33.80 -20.22
CA ARG G 103 -34.52 -32.92 -19.24
C ARG G 103 -34.12 -33.40 -17.84
N TRP G 104 -33.94 -32.47 -16.92
CA TRP G 104 -33.51 -32.88 -15.59
C TRP G 104 -33.85 -31.82 -14.56
N GLN G 105 -34.02 -32.26 -13.32
CA GLN G 105 -34.20 -31.35 -12.21
C GLN G 105 -33.59 -31.96 -10.96
N VAL G 106 -33.32 -31.09 -9.98
CA VAL G 106 -32.84 -31.51 -8.67
C VAL G 106 -33.93 -32.29 -7.96
N VAL G 107 -33.52 -33.33 -7.22
CA VAL G 107 -34.43 -34.11 -6.39
C VAL G 107 -33.74 -34.34 -5.04
N ALA G 108 -34.53 -34.81 -4.08
CA ALA G 108 -33.94 -35.23 -2.80
C ALA G 108 -32.95 -36.36 -3.02
N ALA G 109 -31.86 -36.34 -2.28
CA ALA G 109 -30.90 -37.41 -2.35
C ALA G 109 -31.44 -38.65 -1.63
N PRO G 110 -31.06 -39.84 -2.07
CA PRO G 110 -31.52 -41.04 -1.37
C PRO G 110 -30.67 -41.35 -0.15
N VAL G 111 -30.33 -40.33 0.64
CA VAL G 111 -29.41 -40.50 1.77
C VAL G 111 -30.08 -41.31 2.87
N THR G 112 -29.26 -41.99 3.66
CA THR G 112 -29.63 -42.44 4.99
C THR G 112 -28.63 -41.85 5.98
N GLY G 113 -29.12 -41.53 7.16
CA GLY G 113 -28.27 -40.99 8.19
C GLY G 113 -28.10 -39.48 8.07
N ASN G 114 -27.21 -38.98 8.92
CA ASN G 114 -26.97 -37.55 9.00
C ASN G 114 -25.98 -37.09 7.92
N VAL G 115 -25.81 -35.77 7.83
CA VAL G 115 -24.73 -35.23 7.03
C VAL G 115 -23.39 -35.62 7.64
N VAL G 116 -22.36 -35.58 6.81
CA VAL G 116 -20.99 -35.91 7.20
C VAL G 116 -20.10 -34.71 6.91
N TYR G 117 -19.17 -34.40 7.81
CA TYR G 117 -18.21 -33.33 7.58
C TYR G 117 -16.85 -33.90 7.18
N ARG G 118 -16.24 -33.27 6.19
CA ARG G 118 -14.90 -33.63 5.75
C ARG G 118 -14.04 -32.39 5.91
N ILE G 119 -12.95 -32.53 6.65
CA ILE G 119 -12.07 -31.40 6.96
C ILE G 119 -10.84 -31.50 6.08
N LYS G 120 -10.58 -30.45 5.30
CA LYS G 120 -9.53 -30.51 4.30
C LYS G 120 -8.18 -30.55 5.00
N GLU G 121 -7.21 -31.21 4.35
CA GLU G 121 -5.84 -31.17 4.83
C GLU G 121 -5.40 -29.73 4.98
N GLY G 122 -4.62 -29.47 6.02
CA GLY G 122 -4.15 -28.12 6.30
C GLY G 122 -5.14 -27.23 7.00
N SER G 123 -6.30 -27.74 7.38
CA SER G 123 -7.28 -26.95 8.12
C SER G 123 -6.85 -26.77 9.57
N SER G 124 -7.27 -25.66 10.17
CA SER G 124 -6.77 -25.29 11.48
C SER G 124 -7.58 -24.12 12.00
N GLN G 125 -7.25 -23.69 13.21
CA GLN G 125 -7.90 -22.54 13.82
C GLN G 125 -7.66 -21.25 13.05
N TYR G 126 -6.61 -21.19 12.24
CA TYR G 126 -6.28 -19.97 11.49
C TYR G 126 -6.90 -19.95 10.09
N TRP G 127 -7.02 -21.11 9.44
CA TRP G 127 -7.59 -21.23 8.10
C TRP G 127 -8.12 -22.64 7.95
N ALA G 128 -9.41 -22.79 7.64
CA ALA G 128 -10.01 -24.11 7.56
C ALA G 128 -10.96 -24.21 6.38
N ALA G 129 -11.02 -25.41 5.80
CA ALA G 129 -11.91 -25.72 4.68
C ALA G 129 -12.74 -26.94 5.06
N ILE G 130 -14.06 -26.79 5.08
CA ILE G 130 -14.98 -27.79 5.60
C ILE G 130 -16.02 -28.13 4.54
N GLN G 131 -16.13 -29.42 4.21
CA GLN G 131 -17.07 -29.91 3.22
C GLN G 131 -18.19 -30.67 3.92
N VAL G 132 -19.42 -30.39 3.51
CA VAL G 132 -20.60 -31.14 3.89
C VAL G 132 -20.89 -32.14 2.78
N ARG G 133 -20.95 -33.43 3.12
CA ARG G 133 -21.40 -34.45 2.17
C ARG G 133 -22.55 -35.24 2.80
N ASN G 134 -23.13 -36.13 2.01
CA ASN G 134 -24.30 -36.91 2.39
C ASN G 134 -25.45 -36.01 2.86
N HIS G 135 -25.74 -34.99 2.06
CA HIS G 135 -26.82 -34.06 2.36
C HIS G 135 -28.02 -34.31 1.45
N ARG G 136 -29.22 -34.24 2.03
CA ARG G 136 -30.43 -34.57 1.27
C ARG G 136 -30.63 -33.64 0.07
N TYR G 137 -30.35 -32.35 0.24
CA TYR G 137 -30.40 -31.34 -0.80
C TYR G 137 -29.08 -30.58 -0.83
N PRO G 138 -28.81 -29.81 -1.90
CA PRO G 138 -27.55 -29.05 -1.95
C PRO G 138 -27.42 -28.03 -0.82
N VAL G 139 -26.19 -27.81 -0.37
CA VAL G 139 -25.92 -26.85 0.70
C VAL G 139 -25.39 -25.56 0.10
N VAL G 140 -26.05 -24.44 0.40
CA VAL G 140 -25.70 -23.15 -0.18
C VAL G 140 -25.23 -22.16 0.87
N LYS G 141 -25.19 -22.53 2.15
CA LYS G 141 -24.83 -21.57 3.18
C LYS G 141 -24.37 -22.33 4.42
N PHE G 142 -23.15 -22.05 4.86
CA PHE G 142 -22.53 -22.67 6.02
C PHE G 142 -22.16 -21.55 6.99
N GLU G 143 -22.65 -21.63 8.22
CA GLU G 143 -22.33 -20.65 9.24
C GLU G 143 -21.74 -21.32 10.48
N TYR G 144 -21.00 -20.54 11.27
CA TYR G 144 -20.51 -21.02 12.55
C TYR G 144 -20.58 -19.89 13.58
N LYS G 145 -20.80 -20.26 14.85
CA LYS G 145 -20.92 -19.28 15.92
C LYS G 145 -19.55 -18.88 16.43
N LYS G 146 -19.25 -17.59 16.35
CA LYS G 146 -18.07 -16.99 16.96
C LYS G 146 -18.55 -15.90 17.90
N ASN G 147 -18.08 -15.95 19.16
CA ASN G 147 -18.46 -14.96 20.19
C ASN G 147 -19.97 -14.78 20.29
N GLY G 148 -20.76 -15.76 19.87
CA GLY G 148 -22.20 -15.65 19.99
C GLY G 148 -22.92 -15.12 18.77
N ASP G 149 -22.29 -15.14 17.60
CA ASP G 149 -22.96 -14.71 16.38
C ASP G 149 -22.50 -15.54 15.20
N TRP G 150 -23.39 -15.66 14.22
CA TRP G 150 -23.17 -16.55 13.08
C TRP G 150 -22.35 -15.86 12.00
N VAL G 151 -21.21 -16.46 11.66
CA VAL G 151 -20.39 -16.00 10.56
C VAL G 151 -20.67 -16.90 9.37
N SER G 152 -20.95 -16.31 8.22
CA SER G 152 -21.14 -17.05 6.99
C SER G 152 -19.80 -17.26 6.27
N LEU G 153 -19.58 -18.49 5.81
CA LEU G 153 -18.36 -18.84 5.10
C LEU G 153 -18.63 -19.00 3.62
N PRO G 154 -17.76 -18.49 2.75
CA PRO G 154 -17.96 -18.69 1.32
C PRO G 154 -17.73 -20.14 0.95
N LYS G 155 -18.46 -20.60 -0.06
CA LYS G 155 -18.24 -21.92 -0.63
C LYS G 155 -17.28 -21.78 -1.80
N THR G 156 -16.40 -22.76 -1.96
CA THR G 156 -15.36 -22.72 -2.99
C THR G 156 -15.67 -23.69 -4.12
N ALA G 157 -14.94 -23.50 -5.22
CA ALA G 157 -15.11 -24.32 -6.39
C ALA G 157 -14.74 -25.78 -6.13
N TYR G 158 -14.03 -26.05 -5.04
CA TYR G 158 -13.74 -27.43 -4.67
C TYR G 158 -14.65 -27.92 -3.54
N ASN G 159 -15.86 -27.34 -3.43
CA ASN G 159 -16.94 -27.92 -2.63
C ASN G 159 -16.56 -28.02 -1.15
N HIS G 160 -15.89 -26.98 -0.65
CA HIS G 160 -15.73 -26.80 0.79
C HIS G 160 -16.08 -25.36 1.14
N PHE G 161 -16.40 -25.14 2.40
CA PHE G 161 -16.63 -23.80 2.93
C PHE G 161 -15.39 -23.38 3.70
N VAL G 162 -14.87 -22.19 3.40
CA VAL G 162 -13.56 -21.78 3.89
C VAL G 162 -13.73 -20.60 4.83
N GLY G 163 -13.14 -20.70 6.01
CA GLY G 163 -13.20 -19.63 6.98
C GLY G 163 -11.86 -19.44 7.64
N GLU G 164 -11.59 -18.19 8.03
CA GLU G 164 -10.34 -17.86 8.70
C GLU G 164 -10.61 -17.50 10.16
N GLN G 165 -9.57 -17.69 10.98
CA GLN G 165 -9.62 -17.38 12.42
C GLN G 165 -10.83 -18.01 13.12
N MET G 166 -11.16 -19.25 12.74
CA MET G 166 -12.33 -19.90 13.34
C MET G 166 -12.09 -20.30 14.80
N GLY G 167 -10.85 -20.55 15.19
CA GLY G 167 -10.52 -20.89 16.56
C GLY G 167 -10.40 -22.39 16.78
N ALA G 168 -9.89 -22.76 17.96
CA ALA G 168 -9.67 -24.15 18.34
C ALA G 168 -10.61 -24.58 19.46
N GLN G 169 -11.84 -24.09 19.39
CA GLN G 169 -12.92 -24.46 20.30
C GLN G 169 -13.91 -25.37 19.58
N LEU G 170 -14.84 -25.94 20.34
CA LEU G 170 -15.96 -26.65 19.74
C LEU G 170 -16.81 -25.70 18.90
N LEU G 171 -17.16 -26.11 17.69
CA LEU G 171 -17.88 -25.25 16.75
C LEU G 171 -19.37 -25.57 16.78
N GLU G 172 -20.19 -24.54 16.95
CA GLU G 172 -21.60 -24.63 16.61
C GLU G 172 -21.76 -24.14 15.19
N ILE G 173 -22.42 -24.94 14.35
CA ILE G 173 -22.55 -24.59 12.95
C ILE G 173 -24.02 -24.63 12.53
N ARG G 174 -24.26 -24.10 11.34
CA ARG G 174 -25.62 -23.96 10.84
C ARG G 174 -25.57 -24.05 9.33
N LEU G 175 -26.36 -24.96 8.77
CA LEU G 175 -26.36 -25.22 7.34
C LEU G 175 -27.71 -24.81 6.75
N THR G 176 -27.68 -24.24 5.55
CA THR G 176 -28.92 -23.93 4.85
C THR G 176 -28.88 -24.61 3.50
N ASP G 177 -29.94 -25.36 3.18
CA ASP G 177 -29.97 -26.04 1.91
C ASP G 177 -30.60 -25.12 0.86
N ILE G 178 -30.73 -25.61 -0.37
CA ILE G 178 -31.21 -24.74 -1.45
C ILE G 178 -32.72 -24.51 -1.36
N ARG G 179 -33.45 -25.31 -0.60
CA ARG G 179 -34.86 -25.02 -0.39
C ARG G 179 -35.08 -23.97 0.67
N GLY G 180 -34.01 -23.54 1.34
CA GLY G 180 -34.13 -22.60 2.44
C GLY G 180 -34.28 -23.24 3.80
N GLN G 181 -34.08 -24.56 3.90
CA GLN G 181 -34.19 -25.27 5.18
C GLN G 181 -32.88 -25.19 5.97
N VAL G 182 -33.03 -25.02 7.28
CA VAL G 182 -31.92 -24.75 8.17
C VAL G 182 -31.85 -25.88 9.19
N VAL G 183 -30.63 -26.40 9.41
CA VAL G 183 -30.33 -27.30 10.50
C VAL G 183 -29.15 -26.72 11.28
N THR G 184 -29.02 -27.17 12.52
CA THR G 184 -28.02 -26.72 13.47
C THR G 184 -27.28 -27.93 14.01
N ASP G 185 -25.94 -27.83 14.09
CA ASP G 185 -25.13 -29.01 14.41
C ASP G 185 -23.89 -28.59 15.20
N THR G 186 -23.16 -29.57 15.71
CA THR G 186 -21.89 -29.33 16.37
C THR G 186 -20.78 -30.04 15.62
N LEU G 187 -19.55 -29.57 15.81
CA LEU G 187 -18.39 -30.16 15.14
C LEU G 187 -17.18 -29.96 16.04
N GLY G 188 -16.38 -31.02 16.20
CA GLY G 188 -15.23 -30.96 17.09
C GLY G 188 -14.24 -29.90 16.66
N ALA G 189 -13.36 -29.54 17.60
CA ALA G 189 -12.44 -28.42 17.38
C ALA G 189 -11.49 -28.71 16.22
N LEU G 190 -11.14 -27.64 15.50
CA LEU G 190 -10.19 -27.74 14.40
C LEU G 190 -8.78 -27.90 14.94
N PRO G 191 -7.87 -28.46 14.15
CA PRO G 191 -6.48 -28.62 14.63
C PRO G 191 -5.86 -27.28 15.01
N SER G 192 -4.88 -27.36 15.91
CA SER G 192 -4.19 -26.15 16.34
C SER G 192 -3.28 -25.61 15.26
N GLN G 193 -2.81 -26.46 14.38
CA GLN G 193 -1.98 -26.03 13.28
C GLN G 193 -2.38 -26.83 12.06
N GLY G 194 -2.09 -26.26 10.88
CA GLY G 194 -2.50 -26.85 9.62
C GLY G 194 -1.51 -27.83 9.03
N ASP G 195 -1.15 -28.84 9.81
CA ASP G 195 -0.22 -29.87 9.37
C ASP G 195 -0.85 -31.26 9.45
N LYS G 196 -2.17 -31.32 9.38
CA LYS G 196 -2.92 -32.57 9.45
C LYS G 196 -3.55 -32.87 8.09
N GLY G 197 -3.87 -34.15 7.88
CA GLY G 197 -4.47 -34.57 6.64
C GLY G 197 -5.98 -34.41 6.69
N VAL G 198 -6.64 -35.02 5.70
CA VAL G 198 -8.09 -35.10 5.70
C VAL G 198 -8.53 -35.99 6.85
N TYR G 199 -9.63 -35.61 7.51
CA TYR G 199 -10.33 -36.50 8.43
C TYR G 199 -11.82 -36.23 8.31
N PHE G 200 -12.63 -37.14 8.86
CA PHE G 200 -14.08 -37.13 8.72
C PHE G 200 -14.75 -37.13 10.09
N ALA G 201 -15.90 -36.46 10.18
CA ALA G 201 -16.72 -36.55 11.38
C ALA G 201 -18.19 -36.60 10.98
N ASP G 202 -18.97 -37.39 11.71
CA ASP G 202 -20.39 -37.48 11.44
C ASP G 202 -21.11 -36.27 12.01
N GLY G 203 -22.12 -35.80 11.28
CA GLY G 203 -23.05 -34.84 11.83
C GLY G 203 -24.13 -35.51 12.65
N HIS G 204 -25.00 -34.69 13.20
CA HIS G 204 -26.11 -35.17 14.02
C HIS G 204 -27.44 -34.73 13.47
N VAL G 205 -27.50 -34.29 12.21
CA VAL G 205 -28.74 -33.78 11.62
C VAL G 205 -28.77 -34.06 10.12
N GLN G 206 -29.99 -34.10 9.58
CA GLN G 206 -30.22 -34.21 8.15
C GLN G 206 -31.30 -33.22 7.76
N PHE G 207 -31.13 -32.62 6.59
CA PHE G 207 -32.14 -31.66 6.08
C PHE G 207 -33.46 -32.40 5.94
N PRO G 208 -34.57 -31.80 6.38
CA PRO G 208 -35.89 -32.42 6.30
C PRO G 208 -36.29 -32.91 4.91
N ARG G 209 -37.11 -33.95 4.89
CA ARG G 209 -37.59 -34.50 3.60
C ARG G 209 -38.69 -33.59 3.03
N ALA H 3 37.09 18.75 11.57
CA ALA H 3 36.58 20.11 11.74
C ALA H 3 35.35 20.17 12.64
N TRP H 4 34.94 19.04 13.25
CA TRP H 4 33.81 19.12 14.18
C TRP H 4 34.26 19.72 15.51
N ASN H 5 35.48 19.40 15.94
CA ASN H 5 36.05 19.98 17.15
C ASN H 5 36.83 21.27 16.88
N ASP H 6 36.51 21.97 15.81
CA ASP H 6 37.27 23.15 15.39
C ASP H 6 36.76 24.40 16.12
N VAL H 7 37.70 25.22 16.57
CA VAL H 7 37.34 26.41 17.33
C VAL H 7 36.84 27.48 16.37
N CYS H 8 35.58 27.89 16.56
CA CYS H 8 34.95 28.93 15.77
C CYS H 8 35.20 30.29 16.43
N SER H 9 35.59 31.28 15.63
CA SER H 9 35.78 32.64 16.13
C SER H 9 34.77 33.56 15.45
N GLY H 10 33.91 34.19 16.25
CA GLY H 10 32.90 35.08 15.72
C GLY H 10 32.47 36.11 16.75
N THR H 11 31.23 36.60 16.63
CA THR H 11 30.67 37.52 17.61
C THR H 11 29.31 36.99 18.07
N ALA H 12 28.86 37.44 19.25
CA ALA H 12 27.59 37.01 19.80
C ALA H 12 26.69 38.21 20.07
N THR H 13 25.39 38.04 19.85
CA THR H 13 24.38 38.99 20.30
C THR H 13 23.45 38.25 21.26
N TYR H 14 22.37 38.90 21.70
CA TYR H 14 21.43 38.21 22.58
C TYR H 14 19.99 38.51 22.22
N THR H 15 19.14 37.53 22.52
CA THR H 15 17.70 37.57 22.26
C THR H 15 17.00 36.72 23.32
N SER H 16 15.71 37.00 23.55
CA SER H 16 14.91 36.21 24.48
C SER H 16 13.99 35.20 23.79
N SER H 17 14.05 35.09 22.48
CA SER H 17 13.42 33.96 21.83
C SER H 17 14.28 32.70 22.03
N GLY H 18 13.73 31.56 21.62
CA GLY H 18 14.49 30.33 21.71
C GLY H 18 13.91 29.33 22.70
N TYR H 19 13.44 29.82 23.86
CA TYR H 19 12.89 28.94 24.90
C TYR H 19 11.59 28.32 24.48
N SER H 20 10.91 28.91 23.51
CA SER H 20 9.66 28.35 23.00
C SER H 20 9.52 28.75 21.55
N GLY H 21 9.05 27.80 20.73
CA GLY H 21 8.79 28.04 19.32
C GLY H 21 10.03 28.14 18.45
N GLY H 22 11.20 27.74 18.95
CA GLY H 22 12.38 27.69 18.12
C GLY H 22 12.18 26.77 16.94
N ALA H 23 12.97 27.01 15.88
CA ALA H 23 12.81 26.27 14.63
C ALA H 23 13.21 24.80 14.76
N LEU H 24 14.06 24.47 15.72
CA LEU H 24 14.52 23.10 15.86
C LEU H 24 13.54 22.21 16.61
N LEU H 25 12.43 22.76 17.10
CA LEU H 25 11.35 21.98 17.71
C LEU H 25 11.86 21.15 18.88
N LEU H 26 12.59 21.81 19.79
CA LEU H 26 13.19 21.14 20.93
C LEU H 26 12.43 21.40 22.23
N ASP H 27 11.27 22.05 22.13
CA ASP H 27 10.43 22.29 23.29
C ASP H 27 10.00 20.98 23.93
N PRO H 28 9.76 20.96 25.25
CA PRO H 28 9.85 22.11 26.18
C PRO H 28 11.30 22.33 26.65
N ILE H 29 11.71 23.60 26.76
CA ILE H 29 13.03 24.00 27.19
C ILE H 29 12.99 24.36 28.67
N ASP H 30 13.94 23.82 29.42
CA ASP H 30 14.14 24.16 30.81
C ASP H 30 14.40 25.67 30.95
N PRO H 31 13.49 26.43 31.58
CA PRO H 31 13.71 27.88 31.70
C PRO H 31 15.06 28.23 32.31
N ASN H 32 15.70 27.28 33.00
CA ASN H 32 17.04 27.50 33.52
C ASN H 32 18.12 27.32 32.46
N ALA H 33 17.82 26.69 31.33
CA ALA H 33 18.86 26.40 30.34
C ALA H 33 19.47 27.68 29.78
N THR H 34 20.76 27.60 29.44
CA THR H 34 21.41 28.59 28.60
C THR H 34 21.35 28.10 27.16
N ILE H 35 20.76 28.89 26.28
CA ILE H 35 20.48 28.46 24.91
C ILE H 35 21.06 29.46 23.93
N THR H 36 21.12 29.04 22.67
CA THR H 36 21.63 29.87 21.60
C THR H 36 20.86 29.57 20.32
N ALA H 37 20.74 30.58 19.46
CA ALA H 37 20.45 30.35 18.06
C ALA H 37 21.75 30.35 17.28
N LEU H 38 21.82 29.51 16.24
CA LEU H 38 23.06 29.23 15.55
C LEU H 38 22.96 29.72 14.12
N ASN H 39 24.00 30.40 13.64
CA ASN H 39 23.99 30.90 12.27
C ASN H 39 23.88 29.72 11.30
N PRO H 40 23.35 29.95 10.09
CA PRO H 40 23.13 28.82 9.16
C PRO H 40 24.40 28.11 8.74
N LYS H 41 25.53 28.82 8.66
CA LYS H 41 26.77 28.18 8.21
C LYS H 41 27.15 27.01 9.12
N GLN H 42 27.22 27.24 10.43
CA GLN H 42 27.62 26.13 11.29
C GLN H 42 26.46 25.20 11.62
N LEU H 43 25.20 25.70 11.66
CA LEU H 43 24.06 24.83 11.95
C LEU H 43 23.83 23.81 10.85
N ASN H 44 23.89 24.26 9.60
CA ASN H 44 23.60 23.41 8.45
C ASN H 44 24.87 22.82 7.86
N TYR H 45 25.71 22.31 8.77
CA TYR H 45 27.03 21.81 8.45
C TYR H 45 26.99 20.78 7.32
N GLY H 46 27.78 21.05 6.28
CA GLY H 46 27.86 20.16 5.13
C GLY H 46 26.60 20.06 4.30
N GLY H 47 25.76 21.10 4.27
CA GLY H 47 24.48 21.03 3.61
C GLY H 47 23.40 20.27 4.36
N ILE H 48 23.72 19.62 5.48
CA ILE H 48 22.79 18.81 6.25
C ILE H 48 22.01 19.71 7.20
N GLN H 49 20.74 19.97 6.87
CA GLN H 49 19.91 20.87 7.67
C GLN H 49 19.84 20.39 9.13
N ALA H 50 19.99 21.34 10.08
CA ALA H 50 19.88 21.09 11.52
C ALA H 50 20.94 20.11 12.03
N ALA H 51 22.06 19.98 11.32
CA ALA H 51 23.14 19.11 11.74
C ALA H 51 23.53 19.33 13.19
N LEU H 52 23.76 20.58 13.57
CA LEU H 52 24.19 20.91 14.93
C LEU H 52 23.02 21.20 15.86
N ALA H 53 21.78 20.85 15.48
CA ALA H 53 20.65 21.06 16.38
C ALA H 53 20.85 20.27 17.65
N GLY H 54 20.55 20.88 18.78
CA GLY H 54 20.71 20.17 20.03
C GLY H 54 22.15 19.91 20.43
N ALA H 55 23.11 20.56 19.76
CA ALA H 55 24.49 20.51 20.23
C ALA H 55 24.66 21.34 21.49
N TYR H 56 25.75 21.10 22.19
CA TYR H 56 26.20 21.96 23.28
C TYR H 56 27.48 22.65 22.82
N LEU H 57 27.43 23.97 22.76
CA LEU H 57 28.59 24.79 22.39
C LEU H 57 29.19 25.42 23.65
N GLN H 58 30.49 25.17 23.87
CA GLN H 58 31.24 25.85 24.92
C GLN H 58 31.76 27.18 24.37
N VAL H 59 31.21 28.28 24.87
CA VAL H 59 31.42 29.61 24.32
C VAL H 59 32.25 30.41 25.31
N GLN H 60 33.39 30.93 24.86
CA GLN H 60 34.21 31.78 25.70
C GLN H 60 34.02 33.23 25.28
N GLY H 61 33.85 34.12 26.26
CA GLY H 61 33.66 35.53 26.01
C GLY H 61 34.69 36.34 26.75
N PRO H 62 34.52 37.66 26.79
CA PRO H 62 35.50 38.50 27.49
C PRO H 62 35.49 38.30 29.00
N ARG H 63 34.30 38.13 29.60
CA ARG H 63 34.15 38.03 31.05
C ARG H 63 34.19 36.58 31.56
N GLY H 64 33.78 35.61 30.77
CA GLY H 64 33.74 34.24 31.24
C GLY H 64 33.39 33.26 30.16
N MET H 65 33.02 32.05 30.58
CA MET H 65 32.76 30.95 29.67
C MET H 65 31.46 30.26 30.07
N VAL H 66 30.65 29.90 29.08
CA VAL H 66 29.35 29.28 29.33
C VAL H 66 29.09 28.25 28.23
N THR H 67 28.31 27.23 28.56
CA THR H 67 27.84 26.24 27.60
C THR H 67 26.39 26.52 27.23
N VAL H 68 26.07 26.44 25.93
CA VAL H 68 24.73 26.73 25.44
C VAL H 68 24.20 25.53 24.65
N TYR H 69 22.86 25.44 24.62
CA TYR H 69 22.09 24.40 23.95
C TYR H 69 21.48 25.01 22.69
N VAL H 70 21.78 24.45 21.52
CA VAL H 70 21.35 25.03 20.25
C VAL H 70 19.87 24.69 20.02
N THR H 71 19.00 25.70 20.12
CA THR H 71 17.56 25.48 19.95
C THR H 71 16.96 26.20 18.76
N ASP H 72 17.72 27.02 18.05
CA ASP H 72 17.09 27.82 16.98
C ASP H 72 18.10 28.19 15.89
N LEU H 73 17.58 28.70 14.78
CA LEU H 73 18.47 29.18 13.69
C LEU H 73 18.64 30.70 13.82
N TYR H 74 19.87 31.20 13.75
CA TYR H 74 20.13 32.66 13.69
C TYR H 74 20.13 32.96 12.20
N PRO H 75 19.01 33.37 11.59
CA PRO H 75 18.92 33.49 10.13
C PRO H 75 19.92 34.44 9.45
N GLU H 76 20.06 35.65 9.95
CA GLU H 76 20.98 36.65 9.36
C GLU H 76 22.35 36.46 10.01
N GLY H 77 22.46 35.44 10.84
CA GLY H 77 23.73 35.18 11.53
C GLY H 77 24.89 35.15 10.57
N ALA H 78 26.04 35.60 11.05
CA ALA H 78 27.26 35.56 10.23
C ALA H 78 28.07 34.32 10.60
N ASP H 79 29.13 34.08 9.85
CA ASP H 79 29.99 32.94 10.16
C ASP H 79 30.39 32.96 11.63
N CYS H 80 30.25 31.82 12.28
CA CYS H 80 30.51 31.63 13.71
C CYS H 80 29.60 32.47 14.61
N GLY H 81 28.61 33.17 14.06
CA GLY H 81 27.75 34.00 14.89
C GLY H 81 26.82 33.18 15.77
N LEU H 82 26.57 33.69 16.98
CA LEU H 82 25.61 33.12 17.90
C LEU H 82 24.65 34.21 18.36
N ASP H 83 23.41 33.81 18.61
CA ASP H 83 22.39 34.70 19.17
C ASP H 83 21.99 34.10 20.51
N LEU H 84 22.63 34.57 21.58
CA LEU H 84 22.57 33.94 22.89
C LEU H 84 21.29 34.29 23.64
N SER H 85 20.98 33.49 24.65
CA SER H 85 19.95 33.87 25.59
C SER H 85 20.54 34.86 26.60
N PRO H 86 19.71 35.74 27.16
CA PRO H 86 20.23 36.76 28.09
C PRO H 86 21.05 36.21 29.25
N ASN H 87 20.71 35.02 29.78
CA ASN H 87 21.48 34.52 30.90
C ASN H 87 22.88 34.04 30.50
N ALA H 88 23.04 33.54 29.27
CA ALA H 88 24.37 33.09 28.84
C ALA H 88 25.22 34.25 28.35
N PHE H 89 24.59 35.26 27.73
CA PHE H 89 25.33 36.46 27.33
C PHE H 89 25.84 37.21 28.56
N ALA H 90 25.00 37.35 29.58
CA ALA H 90 25.41 38.01 30.82
C ALA H 90 26.52 37.23 31.52
N ALA H 91 26.53 35.90 31.38
CA ALA H 91 27.60 35.13 32.01
C ALA H 91 28.96 35.50 31.45
N ILE H 92 29.05 35.89 30.17
CA ILE H 92 30.32 35.98 29.48
C ILE H 92 30.60 37.35 28.91
N GLY H 93 29.68 38.31 29.05
CA GLY H 93 29.93 39.64 28.57
C GLY H 93 29.28 40.70 29.43
N ASP H 94 29.65 41.95 29.18
CA ASP H 94 28.86 43.07 29.66
C ASP H 94 27.60 43.15 28.82
N THR H 95 26.43 43.06 29.46
CA THR H 95 25.19 43.04 28.69
C THR H 95 24.94 44.39 28.01
N SER H 96 25.43 45.48 28.61
CA SER H 96 25.30 46.81 28.03
C SER H 96 25.96 46.92 26.66
N ALA H 97 26.75 45.92 26.25
CA ALA H 97 27.56 46.02 25.03
C ALA H 97 26.88 45.48 23.78
N GLY H 98 25.77 44.75 23.89
CA GLY H 98 25.02 44.33 22.72
C GLY H 98 25.68 43.33 21.79
N ARG H 99 27.01 43.31 21.74
CA ARG H 99 27.74 42.43 20.83
C ARG H 99 29.13 42.18 21.42
N ILE H 100 29.51 40.92 21.57
CA ILE H 100 30.82 40.58 22.13
C ILE H 100 31.52 39.64 21.17
N PRO H 101 32.88 39.60 21.22
CA PRO H 101 33.62 38.59 20.46
C PRO H 101 33.71 37.28 21.25
N ILE H 102 33.65 36.16 20.52
CA ILE H 102 33.55 34.85 21.15
C ILE H 102 34.41 33.83 20.40
N ARG H 103 34.91 32.86 21.15
CA ARG H 103 35.45 31.62 20.59
C ARG H 103 34.68 30.45 21.20
N TRP H 104 34.22 29.52 20.37
CA TRP H 104 33.45 28.40 20.86
C TRP H 104 33.80 27.15 20.08
N GLN H 105 33.48 26.00 20.68
CA GLN H 105 33.51 24.75 19.94
C GLN H 105 32.42 23.83 20.47
N VAL H 106 32.11 22.79 19.68
CA VAL H 106 31.14 21.79 20.12
C VAL H 106 31.76 20.93 21.21
N VAL H 107 30.95 20.56 22.20
CA VAL H 107 31.39 19.71 23.29
C VAL H 107 30.29 18.71 23.60
N ALA H 108 30.63 17.70 24.41
CA ALA H 108 29.68 16.67 24.78
C ALA H 108 28.61 17.20 25.72
N ALA H 109 27.35 16.92 25.41
CA ALA H 109 26.25 17.32 26.27
C ALA H 109 26.23 16.46 27.53
N PRO H 110 25.94 17.05 28.68
CA PRO H 110 25.91 16.28 29.92
C PRO H 110 24.65 15.41 30.05
N VAL H 111 24.38 14.57 29.05
CA VAL H 111 23.16 13.79 29.04
C VAL H 111 23.13 12.80 30.21
N THR H 112 21.92 12.40 30.57
CA THR H 112 21.67 11.28 31.47
C THR H 112 20.81 10.26 30.75
N GLY H 113 21.16 8.99 30.89
CA GLY H 113 20.38 7.96 30.22
C GLY H 113 20.48 8.03 28.70
N ASN H 114 19.52 7.38 28.05
CA ASN H 114 19.62 7.16 26.61
C ASN H 114 18.91 8.25 25.80
N VAL H 115 19.14 8.25 24.48
CA VAL H 115 18.49 9.21 23.61
C VAL H 115 16.98 9.02 23.71
N VAL H 116 16.26 10.02 23.22
CA VAL H 116 14.80 10.01 23.21
C VAL H 116 14.35 10.29 21.79
N TYR H 117 13.33 9.56 21.32
CA TYR H 117 12.73 9.78 20.00
C TYR H 117 11.45 10.56 20.16
N ARG H 118 11.31 11.62 19.37
CA ARG H 118 10.12 12.46 19.32
C ARG H 118 9.52 12.26 17.94
N ILE H 119 8.34 11.65 17.88
CA ILE H 119 7.70 11.41 16.60
C ILE H 119 6.75 12.57 16.34
N LYS H 120 6.96 13.26 15.22
CA LYS H 120 6.18 14.45 14.89
C LYS H 120 4.72 14.08 14.62
N GLU H 121 3.82 15.02 14.91
CA GLU H 121 2.42 14.88 14.50
C GLU H 121 2.33 14.65 13.00
N GLY H 122 1.35 13.86 12.58
CA GLY H 122 1.20 13.52 11.19
C GLY H 122 1.91 12.24 10.77
N SER H 123 2.82 11.73 11.60
CA SER H 123 3.63 10.58 11.21
C SER H 123 2.80 9.31 11.07
N SER H 124 3.25 8.44 10.18
CA SER H 124 2.47 7.27 9.77
C SER H 124 3.39 6.36 8.97
N GLN H 125 2.85 5.19 8.63
CA GLN H 125 3.53 4.28 7.72
C GLN H 125 3.80 4.90 6.35
N TYR H 126 3.11 6.00 5.99
CA TYR H 126 3.29 6.62 4.69
C TYR H 126 4.30 7.77 4.70
N TRP H 127 4.33 8.54 5.79
CA TRP H 127 5.18 9.70 5.95
C TRP H 127 5.47 9.87 7.44
N ALA H 128 6.74 9.96 7.81
CA ALA H 128 7.07 10.12 9.21
C ALA H 128 8.24 11.09 9.38
N ALA H 129 8.19 11.89 10.44
CA ALA H 129 9.32 12.70 10.86
C ALA H 129 9.70 12.26 12.26
N ILE H 130 10.96 11.86 12.44
CA ILE H 130 11.45 11.33 13.71
C ILE H 130 12.61 12.21 14.16
N GLN H 131 12.52 12.73 15.37
CA GLN H 131 13.55 13.59 15.91
C GLN H 131 14.28 12.86 17.04
N VAL H 132 15.60 12.96 17.03
CA VAL H 132 16.43 12.44 18.10
C VAL H 132 16.81 13.61 19.00
N ARG H 133 16.55 13.46 20.30
CA ARG H 133 16.99 14.42 21.30
C ARG H 133 17.70 13.68 22.43
N ASN H 134 18.19 14.44 23.41
CA ASN H 134 18.97 13.91 24.52
C ASN H 134 20.19 13.12 24.05
N HIS H 135 20.90 13.66 23.07
CA HIS H 135 22.03 12.98 22.47
C HIS H 135 23.34 13.64 22.89
N ARG H 136 24.35 12.83 23.20
CA ARG H 136 25.60 13.38 23.70
C ARG H 136 26.25 14.33 22.68
N TYR H 137 26.19 13.98 21.41
CA TYR H 137 26.74 14.76 20.31
C TYR H 137 25.66 14.95 19.26
N PRO H 138 25.83 15.90 18.34
CA PRO H 138 24.82 16.09 17.29
C PRO H 138 24.69 14.86 16.41
N VAL H 139 23.45 14.51 16.10
CA VAL H 139 23.16 13.42 15.17
C VAL H 139 23.15 13.98 13.75
N VAL H 140 23.87 13.33 12.83
CA VAL H 140 23.96 13.77 11.44
C VAL H 140 23.51 12.70 10.45
N LYS H 141 23.15 11.50 10.91
CA LYS H 141 22.69 10.48 9.98
C LYS H 141 21.72 9.52 10.67
N PHE H 142 20.55 9.33 10.05
CA PHE H 142 19.49 8.47 10.55
C PHE H 142 19.16 7.44 9.48
N GLU H 143 19.41 6.16 9.77
CA GLU H 143 19.04 5.07 8.89
C GLU H 143 18.09 4.11 9.60
N TYR H 144 17.22 3.47 8.82
CA TYR H 144 16.40 2.38 9.33
C TYR H 144 16.49 1.23 8.33
N LYS H 145 16.19 0.02 8.80
CA LYS H 145 16.29 -1.17 7.96
C LYS H 145 14.92 -1.49 7.36
N LYS H 146 14.86 -1.58 6.03
CA LYS H 146 13.62 -1.78 5.28
C LYS H 146 13.82 -2.94 4.31
N ASN H 147 12.99 -3.97 4.44
CA ASN H 147 13.06 -5.16 3.59
C ASN H 147 14.50 -5.68 3.49
N GLY H 148 15.21 -5.66 4.61
CA GLY H 148 16.56 -6.19 4.66
C GLY H 148 17.68 -5.24 4.30
N ASP H 149 17.40 -3.95 4.07
CA ASP H 149 18.39 -2.98 3.62
C ASP H 149 18.30 -1.68 4.41
N TRP H 150 19.45 -1.06 4.68
CA TRP H 150 19.47 0.20 5.40
C TRP H 150 19.08 1.35 4.48
N VAL H 151 18.43 2.37 5.04
CA VAL H 151 17.95 3.51 4.27
C VAL H 151 18.24 4.80 5.03
N SER H 152 18.92 5.73 4.37
CA SER H 152 19.29 7.01 4.97
C SER H 152 18.19 8.03 4.79
N LEU H 153 17.85 8.74 5.86
CA LEU H 153 16.75 9.68 5.83
C LEU H 153 17.29 11.10 5.89
N PRO H 154 16.75 12.01 5.07
CA PRO H 154 17.20 13.40 5.12
C PRO H 154 16.79 14.07 6.44
N LYS H 155 17.70 14.87 6.97
CA LYS H 155 17.38 15.73 8.10
C LYS H 155 16.80 17.05 7.58
N THR H 156 15.84 17.60 8.31
CA THR H 156 15.16 18.82 7.88
C THR H 156 15.53 20.01 8.76
N ALA H 157 15.14 21.20 8.28
CA ALA H 157 15.39 22.43 9.04
C ALA H 157 14.69 22.42 10.40
N TYR H 158 13.66 21.59 10.58
CA TYR H 158 12.99 21.50 11.87
C TYR H 158 13.48 20.29 12.68
N ASN H 159 14.74 19.90 12.48
CA ASN H 159 15.45 18.94 13.36
C ASN H 159 14.69 17.61 13.48
N HIS H 160 14.13 17.14 12.38
CA HIS H 160 13.63 15.77 12.28
C HIS H 160 14.21 15.12 11.03
N PHE H 161 14.41 13.81 11.10
CA PHE H 161 14.67 13.02 9.90
C PHE H 161 13.35 12.48 9.35
N VAL H 162 13.18 12.57 8.03
CA VAL H 162 11.90 12.29 7.38
C VAL H 162 12.02 11.08 6.47
N GLY H 163 11.04 10.19 6.57
CA GLY H 163 10.98 9.02 5.71
C GLY H 163 9.56 8.73 5.24
N GLU H 164 9.46 8.18 4.04
CA GLU H 164 8.19 7.86 3.43
C GLU H 164 8.10 6.35 3.20
N GLN H 165 6.88 5.83 3.30
CA GLN H 165 6.60 4.41 3.08
C GLN H 165 7.40 3.53 4.05
N MET H 166 7.63 4.03 5.27
CA MET H 166 8.50 3.31 6.19
C MET H 166 7.84 2.04 6.72
N GLY H 167 6.52 2.00 6.79
CA GLY H 167 5.79 0.84 7.25
C GLY H 167 5.21 1.03 8.65
N ALA H 168 4.43 0.05 9.06
CA ALA H 168 3.76 0.09 10.36
C ALA H 168 4.21 -1.09 11.21
N GLN H 169 5.51 -1.30 11.32
CA GLN H 169 6.06 -2.38 12.11
C GLN H 169 7.31 -1.89 12.83
N LEU H 170 7.71 -2.62 13.86
CA LEU H 170 8.96 -2.35 14.55
C LEU H 170 10.09 -2.23 13.52
N LEU H 171 10.97 -1.24 13.73
CA LEU H 171 12.06 -0.97 12.79
C LEU H 171 13.38 -0.93 13.54
N GLU H 172 14.41 -1.55 12.96
CA GLU H 172 15.77 -1.34 13.43
C GLU H 172 16.28 -0.03 12.85
N ILE H 173 16.93 0.78 13.70
CA ILE H 173 17.49 2.06 13.27
C ILE H 173 18.97 2.11 13.63
N ARG H 174 19.64 3.10 13.03
CA ARG H 174 21.08 3.29 13.14
C ARG H 174 21.37 4.78 13.10
N LEU H 175 22.04 5.28 14.13
CA LEU H 175 22.36 6.70 14.27
C LEU H 175 23.86 6.92 14.16
N THR H 176 24.26 8.05 13.59
CA THR H 176 25.67 8.41 13.49
C THR H 176 25.85 9.83 14.00
N ASP H 177 26.70 10.01 15.00
CA ASP H 177 26.91 11.37 15.48
C ASP H 177 28.01 12.02 14.64
N ILE H 178 28.31 13.29 14.96
CA ILE H 178 29.16 14.05 14.05
C ILE H 178 30.61 13.60 14.11
N ARG H 179 30.97 12.78 15.09
CA ARG H 179 32.30 12.20 15.19
C ARG H 179 32.45 10.91 14.41
N GLY H 180 31.36 10.38 13.84
CA GLY H 180 31.38 9.09 13.19
C GLY H 180 30.95 7.93 14.07
N GLN H 181 30.65 8.18 15.35
CA GLN H 181 30.21 7.14 16.25
C GLN H 181 28.81 6.66 15.86
N VAL H 182 28.66 5.34 15.76
CA VAL H 182 27.45 4.72 15.28
C VAL H 182 26.84 3.95 16.44
N VAL H 183 25.52 4.09 16.61
CA VAL H 183 24.75 3.23 17.51
C VAL H 183 23.52 2.74 16.75
N THR H 184 23.00 1.60 17.20
CA THR H 184 21.81 0.99 16.63
C THR H 184 20.75 0.77 17.71
N ASP H 185 19.49 0.94 17.34
CA ASP H 185 18.38 0.91 18.27
C ASP H 185 17.16 0.30 17.58
N THR H 186 16.08 0.11 18.34
CA THR H 186 14.79 -0.25 17.79
C THR H 186 13.80 0.88 18.08
N LEU H 187 12.73 0.93 17.29
CA LEU H 187 11.70 1.94 17.44
C LEU H 187 10.35 1.33 17.11
N GLY H 188 9.35 1.61 17.95
CA GLY H 188 8.06 0.99 17.82
C GLY H 188 7.33 1.37 16.55
N ALA H 189 6.28 0.60 16.26
CA ALA H 189 5.44 0.84 15.10
C ALA H 189 4.96 2.30 15.01
N LEU H 190 5.15 2.90 13.83
CA LEU H 190 4.49 4.16 13.53
C LEU H 190 2.99 3.94 13.33
N PRO H 191 2.18 4.98 13.51
CA PRO H 191 0.73 4.84 13.27
C PRO H 191 0.46 4.39 11.85
N SER H 192 -0.65 3.68 11.67
CA SER H 192 -1.04 3.30 10.31
C SER H 192 -1.73 4.44 9.57
N GLN H 193 -2.17 5.46 10.27
CA GLN H 193 -2.85 6.62 9.73
C GLN H 193 -2.19 7.86 10.31
N GLY H 194 -1.96 8.88 9.47
CA GLY H 194 -1.23 10.05 9.90
C GLY H 194 -2.05 11.11 10.62
N ASP H 195 -2.91 10.72 11.55
CA ASP H 195 -3.80 11.65 12.24
C ASP H 195 -3.53 11.78 13.74
N LYS H 196 -2.31 11.49 14.20
CA LYS H 196 -1.96 11.55 15.63
C LYS H 196 -1.07 12.75 15.93
N GLY H 197 -0.95 13.08 17.21
CA GLY H 197 -0.10 14.16 17.64
C GLY H 197 1.34 13.73 17.86
N VAL H 198 2.13 14.64 18.44
CA VAL H 198 3.44 14.26 18.89
C VAL H 198 3.31 13.21 19.98
N TYR H 199 4.24 12.25 19.98
CA TYR H 199 4.46 11.39 21.13
C TYR H 199 5.95 11.08 21.25
N PHE H 200 6.37 10.63 22.43
CA PHE H 200 7.77 10.36 22.75
C PHE H 200 7.96 8.89 23.09
N ALA H 201 9.14 8.38 22.77
CA ALA H 201 9.53 7.00 23.05
C ALA H 201 10.98 7.00 23.47
N ASP H 202 11.32 6.29 24.53
CA ASP H 202 12.73 6.25 24.93
C ASP H 202 13.51 5.34 23.99
N GLY H 203 14.74 5.76 23.70
CA GLY H 203 15.70 4.88 23.07
C GLY H 203 16.43 4.03 24.10
N HIS H 204 17.25 3.11 23.60
CA HIS H 204 17.95 2.18 24.47
C HIS H 204 19.46 2.30 24.35
N VAL H 205 19.98 3.36 23.71
CA VAL H 205 21.42 3.57 23.54
C VAL H 205 21.75 5.05 23.62
N GLN H 206 23.00 5.34 23.98
CA GLN H 206 23.56 6.68 24.00
C GLN H 206 24.91 6.66 23.30
N PHE H 207 25.28 7.78 22.68
CA PHE H 207 26.57 7.85 22.05
C PHE H 207 27.67 7.79 23.10
N PRO H 208 28.78 7.10 22.82
CA PRO H 208 29.84 6.94 23.84
C PRO H 208 30.55 8.26 24.13
N ARG H 209 31.34 8.24 25.19
CA ARG H 209 32.08 9.42 25.63
C ARG H 209 33.40 9.58 24.87
C1 EDO I . -33.63 -3.05 -20.33
O1 EDO I . -34.96 -3.22 -19.86
C2 EDO I . -33.14 -4.32 -20.99
O2 EDO I . -33.28 -4.24 -22.41
C1 EDO J . -33.35 -12.87 8.33
O1 EDO J . -33.69 -11.73 9.11
C2 EDO J . -32.86 -12.46 6.96
O2 EDO J . -33.94 -12.05 6.14
C1 A1BNY K . -26.60 11.10 2.89
N1 A1BNY K . -29.12 11.47 -1.07
C2 A1BNY K . -27.24 11.87 1.94
C3 A1BNY K . -27.20 13.24 2.05
C4 A1BNY K . -27.83 14.07 1.14
C5 A1BNY K . -28.49 13.49 0.04
C6 A1BNY K . -28.50 12.10 -0.08
C7 A1BNY K . -27.89 11.29 0.86
N2 A1BNY K . -27.75 15.38 1.37
O1 A1BNY K . -26.55 13.78 3.12
O2 A1BNY K . -26.69 9.84 2.82
O3 A1BNY K . -25.91 11.67 3.77
O4 A1BNY K . -29.77 12.19 -2.07
O5 A1BNY K . -29.24 10.05 -0.95
O6 A1BNY K . -27.04 15.86 2.52
O7 A1BNY K . -28.47 16.28 0.50
C1 EDO L . 2.06 -28.08 -13.53
O1 EDO L . 1.30 -29.16 -14.02
C2 EDO L . 3.36 -27.97 -14.29
O2 EDO L . 3.12 -27.94 -15.67
C1 EDO M . -9.09 3.12 42.46
O1 EDO M . -7.94 2.93 43.27
C2 EDO M . -9.39 4.60 42.32
O2 EDO M . -10.78 4.77 42.23
C1 A1BNY N . 8.41 11.69 27.62
N1 A1BNY N . 6.95 16.21 27.10
C2 A1BNY N . 8.66 13.01 27.27
C3 A1BNY N . 9.93 13.40 26.90
C4 A1BNY N . 10.24 14.72 26.54
C5 A1BNY N . 9.23 15.69 26.64
C6 A1BNY N . 7.94 15.30 27.01
C7 A1BNY N . 7.66 13.97 27.35
N2 A1BNY N . 11.51 14.99 26.20
O1 A1BNY N . 10.92 12.46 26.85
O2 A1BNY N . 7.25 11.31 27.93
O3 A1BNY N . 9.39 10.89 27.74
O4 A1BNY N . 7.18 17.54 26.77
O5 A1BNY N . 5.61 15.76 27.67
O6 A1BNY N . 12.48 13.92 26.13
O7 A1BNY N . 11.88 16.34 26.08
C1 A1BNY O . 22.49 -25.75 13.99
N1 A1BNY O . 26.05 -22.80 13.50
C2 A1BNY O . 23.49 -25.21 13.20
C3 A1BNY O . 23.63 -25.61 11.89
C4 A1BNY O . 24.61 -25.08 11.06
C5 A1BNY O . 25.47 -24.11 11.57
C6 A1BNY O . 25.29 -23.69 12.88
C7 A1BNY O . 24.33 -24.24 13.70
N2 A1BNY O . 24.70 -25.55 9.79
O1 A1BNY O . 22.78 -26.57 11.47
O2 A1BNY O . 22.41 -25.40 15.20
O3 A1BNY O . 21.64 -26.50 13.45
O4 A1BNY O . 27.08 -22.13 12.84
O5 A1BNY O . 25.88 -22.73 14.89
O6 A1BNY O . 23.79 -26.54 9.33
O7 A1BNY O . 25.68 -25.06 8.99
C1 A1BNY P . -16.13 -42.10 7.71
N1 A1BNY P . -13.40 -42.47 3.93
C2 A1BNY P . -15.93 -41.86 6.36
C3 A1BNY P . -16.90 -41.27 5.57
C4 A1BNY P . -16.72 -41.06 4.21
C5 A1BNY P . -15.53 -41.45 3.61
C6 A1BNY P . -14.55 -42.06 4.42
C7 A1BNY P . -14.74 -42.27 5.77
N2 A1BNY P . -17.73 -40.47 3.55
O1 A1BNY P . -18.06 -40.88 6.17
O2 A1BNY P . -15.22 -42.66 8.39
O3 A1BNY P . -17.25 -41.83 8.21
O4 A1BNY P . -13.13 -42.30 2.64
O5 A1BNY P . -12.54 -43.14 4.80
O6 A1BNY P . -18.93 -40.09 4.26
O7 A1BNY P . -17.62 -40.31 2.13
C1 EDO Q . -24.77 -41.38 9.91
O1 EDO Q . -25.30 -40.21 10.48
C2 EDO Q . -23.83 -40.99 8.80
O2 EDO Q . -24.63 -40.65 7.69
C1 EDO R . 20.82 16.92 24.95
O1 EDO R . 20.65 16.94 23.52
C2 EDO R . 19.61 17.48 25.67
O2 EDO R . 18.41 16.96 25.11
#